data_6WKW
#
_entry.id   6WKW
#
_cell.length_a   1.00
_cell.length_b   1.00
_cell.length_c   1.00
_cell.angle_alpha   90.00
_cell.angle_beta   90.00
_cell.angle_gamma   90.00
#
_symmetry.space_group_name_H-M   'P 1'
#
loop_
_entity.id
_entity.type
_entity.pdbx_description
1 polymer 'C-terminal-binding protein 2'
2 non-polymer NICOTINAMIDE-ADENINE-DINUCLEOTIDE
#
_entity_poly.entity_id   1
_entity_poly.type   'polypeptide(L)'
_entity_poly.pdbx_seq_one_letter_code
;RPLVALLDGRDCTVEMPILKDLATVAFCDAQSTQEIHEKVLNEAVGAMMYHTITLTREDLEKFKALRVIVRIGSGYDNVD
IKAAGELGIAVCNIPSAAVEETADSTICHILNLYRRNTWLYQALREGTRVQSVEQIREVASGAARIRGETLGLIGFGRTG
QAVAVRAKAFGFSVIFYDPYLQDGIERSLGVQRVYTLQDLLYQSDCVSLHCNLNEHNHHLINDFTIKQMRQGAFLVNAAR
GGLVDEKALAQALKEGRIRGAALDVHESEPFSFAQGPLKDAPNLICTPHTAWYSEQASLEMREAAATEIRRAITGRIPES
LRNCVNKEFF
;
_entity_poly.pdbx_strand_id   D,C,B,A
#
# COMPACT_ATOMS: atom_id res chain seq x y z
N ARG A 1 45.18 -24.85 -12.20
CA ARG A 1 44.04 -24.02 -11.84
C ARG A 1 43.14 -24.75 -10.87
N PRO A 2 42.44 -24.01 -10.01
CA PRO A 2 41.66 -24.66 -8.95
C PRO A 2 40.42 -25.35 -9.51
N LEU A 3 39.94 -26.35 -8.79
CA LEU A 3 38.74 -27.08 -9.16
C LEU A 3 37.59 -26.60 -8.29
N VAL A 4 36.49 -26.24 -8.94
CA VAL A 4 35.30 -25.73 -8.26
C VAL A 4 34.18 -26.72 -8.55
N ALA A 5 33.85 -27.55 -7.57
CA ALA A 5 32.99 -28.69 -7.80
C ALA A 5 31.57 -28.37 -7.37
N LEU A 6 30.65 -28.27 -8.31
CA LEU A 6 29.25 -28.18 -7.96
C LEU A 6 28.78 -29.54 -7.46
N LEU A 7 28.24 -29.56 -6.23
CA LEU A 7 27.97 -30.80 -5.54
C LEU A 7 26.80 -31.59 -6.11
N ASP A 8 25.63 -30.98 -6.26
CA ASP A 8 24.48 -31.75 -6.73
C ASP A 8 23.90 -30.99 -7.93
N GLY A 9 24.22 -31.48 -9.12
CA GLY A 9 23.69 -30.89 -10.33
C GLY A 9 24.41 -31.46 -11.53
N ARG A 10 23.62 -31.73 -12.57
CA ARG A 10 24.17 -32.14 -13.86
C ARG A 10 24.27 -30.94 -14.79
N ASP A 11 24.12 -29.74 -14.25
CA ASP A 11 24.08 -28.52 -15.03
C ASP A 11 25.04 -27.51 -14.43
N CYS A 12 25.99 -27.07 -15.25
CA CYS A 12 26.92 -26.04 -14.84
C CYS A 12 27.06 -25.02 -15.95
N THR A 13 25.99 -24.82 -16.73
CA THR A 13 26.02 -24.01 -17.92
C THR A 13 25.61 -22.56 -17.67
N VAL A 14 25.61 -22.13 -16.42
CA VAL A 14 25.38 -20.72 -16.12
C VAL A 14 26.63 -20.18 -15.46
N GLU A 15 27.22 -20.98 -14.58
CA GLU A 15 28.45 -20.58 -13.91
C GLU A 15 29.70 -20.98 -14.66
N MET A 16 29.61 -21.79 -15.71
CA MET A 16 30.82 -22.10 -16.45
C MET A 16 31.38 -20.84 -17.10
N PRO A 17 30.64 -20.12 -17.94
CA PRO A 17 31.25 -18.96 -18.60
C PRO A 17 31.67 -17.86 -17.64
N ILE A 18 30.99 -17.70 -16.51
CA ILE A 18 31.43 -16.73 -15.51
C ILE A 18 32.63 -17.25 -14.74
N LEU A 19 32.88 -18.55 -14.76
CA LEU A 19 33.99 -19.17 -14.06
C LEU A 19 34.86 -19.93 -15.03
N LYS A 20 34.90 -19.46 -16.27
CA LYS A 20 35.66 -20.15 -17.32
C LYS A 20 37.16 -20.00 -17.10
N ASP A 21 37.64 -18.77 -16.98
CA ASP A 21 39.08 -18.54 -16.91
C ASP A 21 39.65 -18.89 -15.55
N LEU A 22 39.09 -18.33 -14.48
CA LEU A 22 39.68 -18.44 -13.16
C LEU A 22 39.85 -19.89 -12.74
N ALA A 23 38.79 -20.69 -12.77
CA ALA A 23 38.84 -22.07 -12.31
C ALA A 23 38.19 -22.98 -13.33
N THR A 24 38.25 -24.28 -13.05
CA THR A 24 37.71 -25.30 -13.93
C THR A 24 36.54 -25.99 -13.25
N VAL A 25 35.33 -25.51 -13.53
CA VAL A 25 34.15 -26.07 -12.88
C VAL A 25 33.88 -27.48 -13.40
N ALA A 26 33.51 -28.36 -12.47
CA ALA A 26 33.26 -29.76 -12.82
C ALA A 26 32.20 -30.29 -11.85
N PHE A 27 30.98 -30.44 -12.35
CA PHE A 27 29.88 -30.91 -11.52
C PHE A 27 30.16 -32.31 -10.99
N CYS A 28 29.44 -32.67 -9.94
CA CYS A 28 29.57 -33.98 -9.33
C CYS A 28 28.28 -34.78 -9.31
N ASP A 29 27.12 -34.11 -9.22
CA ASP A 29 25.82 -34.77 -9.26
C ASP A 29 25.71 -35.86 -8.20
N ALA A 30 25.72 -35.47 -6.93
CA ALA A 30 25.71 -36.41 -5.84
C ALA A 30 24.46 -36.21 -5.00
N GLN A 31 23.53 -37.16 -5.06
CA GLN A 31 22.36 -37.08 -4.20
C GLN A 31 22.73 -37.28 -2.74
N SER A 32 23.94 -37.74 -2.46
CA SER A 32 24.45 -37.86 -1.10
C SER A 32 25.96 -37.73 -1.13
N THR A 33 26.59 -37.74 0.03
CA THR A 33 28.03 -37.53 0.11
C THR A 33 28.81 -38.75 -0.36
N GLN A 34 28.20 -39.93 -0.38
CA GLN A 34 28.87 -41.14 -0.78
C GLN A 34 28.98 -41.27 -2.30
N GLU A 35 28.70 -40.19 -3.02
CA GLU A 35 28.88 -40.18 -4.47
C GLU A 35 29.94 -39.19 -4.95
N ILE A 36 30.67 -38.53 -4.04
CA ILE A 36 31.67 -37.57 -4.48
C ILE A 36 32.85 -38.32 -5.07
N HIS A 37 33.29 -37.86 -6.24
CA HIS A 37 34.47 -38.44 -6.85
C HIS A 37 35.71 -38.09 -6.05
N GLU A 38 36.69 -39.00 -6.04
CA GLU A 38 37.90 -38.79 -5.25
C GLU A 38 38.65 -37.55 -5.70
N LYS A 39 38.60 -37.23 -6.99
CA LYS A 39 39.25 -36.01 -7.46
C LYS A 39 38.56 -34.77 -6.93
N VAL A 40 37.23 -34.73 -6.99
CA VAL A 40 36.47 -33.55 -6.58
C VAL A 40 36.35 -33.53 -5.07
N LEU A 41 37.02 -34.48 -4.41
CA LEU A 41 37.05 -34.52 -2.95
C LEU A 41 38.46 -34.34 -2.43
N ASN A 42 39.47 -34.44 -3.28
CA ASN A 42 40.84 -34.31 -2.83
C ASN A 42 41.53 -33.11 -3.44
N GLU A 43 40.93 -32.52 -4.48
CA GLU A 43 41.61 -31.42 -5.17
C GLU A 43 40.69 -30.25 -5.46
N ALA A 44 39.47 -30.25 -4.94
CA ALA A 44 38.53 -29.16 -5.19
C ALA A 44 38.66 -28.17 -4.05
N VAL A 45 38.97 -26.91 -4.39
CA VAL A 45 39.12 -25.89 -3.34
C VAL A 45 37.80 -25.22 -3.01
N GLY A 46 36.89 -25.10 -3.96
CA GLY A 46 35.61 -24.47 -3.71
C GLY A 46 34.50 -25.37 -4.21
N ALA A 47 33.32 -25.20 -3.60
CA ALA A 47 32.26 -26.15 -3.86
C ALA A 47 30.89 -25.56 -3.58
N MET A 48 30.04 -25.50 -4.59
CA MET A 48 28.71 -24.97 -4.41
C MET A 48 27.67 -26.07 -4.50
N MET A 49 26.75 -26.11 -3.54
CA MET A 49 25.76 -27.15 -3.41
C MET A 49 24.38 -26.52 -3.28
N TYR A 50 23.35 -27.20 -3.78
CA TYR A 50 22.10 -26.46 -3.85
C TYR A 50 21.36 -26.46 -2.52
N HIS A 51 20.64 -27.54 -2.20
CA HIS A 51 20.13 -27.75 -0.86
C HIS A 51 19.95 -29.21 -0.50
N THR A 52 20.19 -30.13 -1.42
CA THR A 52 19.77 -31.51 -1.21
C THR A 52 20.80 -32.29 -0.40
N ILE A 53 22.03 -32.34 -0.86
CA ILE A 53 23.09 -32.93 -0.08
C ILE A 53 23.30 -32.11 1.18
N THR A 54 23.56 -32.80 2.31
CA THR A 54 23.72 -32.16 3.61
C THR A 54 25.10 -32.53 4.16
N LEU A 55 26.01 -31.56 4.20
CA LEU A 55 27.36 -31.81 4.69
C LEU A 55 27.40 -31.70 6.20
N THR A 56 27.76 -32.77 6.88
CA THR A 56 27.95 -32.74 8.33
C THR A 56 29.43 -32.66 8.65
N ARG A 57 29.78 -32.59 9.94
CA ARG A 57 31.18 -32.54 10.34
C ARG A 57 31.93 -33.81 10.00
N GLU A 58 31.30 -34.98 10.15
CA GLU A 58 31.92 -36.21 9.71
C GLU A 58 32.11 -36.23 8.20
N ASP A 59 31.40 -35.38 7.47
CA ASP A 59 31.49 -35.30 6.03
C ASP A 59 32.29 -34.10 5.54
N LEU A 60 32.15 -32.95 6.18
CA LEU A 60 32.89 -31.77 5.78
C LEU A 60 34.37 -31.87 6.14
N GLU A 61 34.78 -32.93 6.83
CA GLU A 61 36.17 -33.16 7.17
C GLU A 61 36.81 -34.20 6.25
N LYS A 62 36.11 -34.57 5.19
CA LYS A 62 36.66 -35.47 4.19
C LYS A 62 37.28 -34.73 3.02
N PHE A 63 36.68 -33.63 2.58
CA PHE A 63 37.33 -32.79 1.59
C PHE A 63 38.61 -32.21 2.19
N LYS A 64 39.71 -32.35 1.45
CA LYS A 64 41.03 -32.15 2.03
C LYS A 64 41.69 -30.91 1.46
N ALA A 65 40.99 -30.17 0.61
CA ALA A 65 41.54 -28.94 0.07
C ALA A 65 40.49 -27.85 0.04
N LEU A 66 39.25 -28.22 0.33
CA LEU A 66 38.12 -27.31 0.26
C LEU A 66 38.37 -26.03 1.06
N ARG A 67 38.00 -24.88 0.51
CA ARG A 67 38.23 -23.61 1.18
C ARG A 67 37.01 -22.70 1.17
N VAL A 68 35.92 -23.09 0.48
CA VAL A 68 34.70 -22.30 0.48
C VAL A 68 33.54 -23.16 0.01
N ILE A 69 32.37 -22.96 0.61
CA ILE A 69 31.16 -23.68 0.22
C ILE A 69 30.06 -22.68 -0.09
N VAL A 70 29.92 -22.29 -1.36
CA VAL A 70 28.88 -21.34 -1.69
C VAL A 70 27.55 -22.06 -1.75
N ARG A 71 26.63 -21.64 -0.92
CA ARG A 71 25.37 -22.34 -0.74
C ARG A 71 24.31 -21.59 -1.53
N ILE A 72 23.91 -22.15 -2.67
CA ILE A 72 23.01 -21.48 -3.59
C ILE A 72 21.62 -21.41 -2.98
N GLY A 73 21.26 -20.25 -2.47
CA GLY A 73 19.98 -20.08 -1.83
C GLY A 73 20.13 -19.39 -0.50
N SER A 74 19.03 -19.34 0.24
CA SER A 74 19.04 -18.72 1.55
C SER A 74 19.16 -19.73 2.67
N GLY A 75 19.87 -20.83 2.45
CA GLY A 75 19.81 -21.97 3.32
C GLY A 75 20.89 -22.03 4.38
N TYR A 76 21.95 -22.76 4.08
CA TYR A 76 23.12 -22.97 4.93
C TYR A 76 22.79 -23.67 6.24
N ASP A 77 21.55 -24.14 6.39
CA ASP A 77 21.26 -24.96 7.55
C ASP A 77 21.58 -26.42 7.32
N ASN A 78 21.81 -26.84 6.08
CA ASN A 78 22.23 -28.20 5.78
C ASN A 78 23.74 -28.30 5.68
N VAL A 79 24.42 -27.26 6.14
CA VAL A 79 25.88 -27.22 6.18
C VAL A 79 26.28 -26.83 7.59
N ASP A 80 27.09 -27.66 8.24
CA ASP A 80 27.42 -27.40 9.63
C ASP A 80 28.39 -26.23 9.73
N ILE A 81 27.84 -25.01 9.84
CA ILE A 81 28.69 -23.82 9.72
C ILE A 81 29.73 -23.78 10.82
N LYS A 82 29.41 -24.31 12.00
CA LYS A 82 30.40 -24.34 13.08
C LYS A 82 31.58 -25.23 12.71
N ALA A 83 31.28 -26.48 12.35
CA ALA A 83 32.34 -27.38 11.91
C ALA A 83 33.06 -26.83 10.69
N ALA A 84 32.32 -26.25 9.75
CA ALA A 84 32.94 -25.70 8.56
C ALA A 84 33.95 -24.62 8.90
N GLY A 85 33.55 -23.68 9.75
CA GLY A 85 34.47 -22.65 10.18
C GLY A 85 35.63 -23.20 10.99
N GLU A 86 35.43 -24.32 11.67
CA GLU A 86 36.54 -24.90 12.41
C GLU A 86 37.53 -25.63 11.52
N LEU A 87 37.20 -25.84 10.25
CA LEU A 87 38.14 -26.43 9.31
C LEU A 87 38.62 -25.44 8.28
N GLY A 88 38.54 -24.15 8.57
CA GLY A 88 38.97 -23.12 7.64
C GLY A 88 38.13 -23.04 6.40
N ILE A 89 36.86 -23.42 6.48
CA ILE A 89 36.00 -23.54 5.31
C ILE A 89 34.92 -22.47 5.46
N ALA A 90 35.14 -21.32 4.85
CA ALA A 90 34.15 -20.25 4.94
C ALA A 90 32.92 -20.62 4.12
N VAL A 91 31.75 -20.51 4.74
CA VAL A 91 30.49 -20.84 4.09
C VAL A 91 29.76 -19.54 3.82
N CYS A 92 29.32 -19.34 2.59
CA CYS A 92 28.51 -18.19 2.25
C CYS A 92 27.21 -18.68 1.63
N ASN A 93 26.39 -17.75 1.17
CA ASN A 93 25.15 -18.12 0.50
C ASN A 93 24.61 -16.90 -0.24
N ILE A 94 23.55 -17.12 -0.99
CA ILE A 94 22.92 -16.06 -1.79
C ILE A 94 21.57 -15.72 -1.18
N PRO A 95 21.49 -14.69 -0.34
CA PRO A 95 20.27 -14.52 0.45
C PRO A 95 19.19 -13.76 -0.27
N SER A 96 19.54 -12.90 -1.22
CA SER A 96 18.58 -12.00 -1.83
C SER A 96 18.12 -12.50 -3.20
N ALA A 97 18.39 -13.75 -3.53
CA ALA A 97 18.08 -14.25 -4.86
C ALA A 97 16.58 -14.35 -5.06
N ALA A 98 15.92 -15.15 -4.24
CA ALA A 98 14.48 -15.38 -4.38
C ALA A 98 13.80 -14.94 -3.09
N VAL A 99 13.44 -13.67 -3.01
CA VAL A 99 12.65 -13.16 -1.90
C VAL A 99 11.29 -12.74 -2.46
N GLU A 100 11.32 -11.98 -3.55
CA GLU A 100 10.09 -11.63 -4.25
C GLU A 100 9.43 -12.83 -4.90
N GLU A 101 9.99 -14.02 -4.77
CA GLU A 101 9.30 -15.21 -5.25
C GLU A 101 8.88 -16.14 -4.14
N THR A 102 9.67 -16.31 -3.09
CA THR A 102 9.16 -17.00 -1.93
C THR A 102 8.00 -16.27 -1.28
N ALA A 103 8.01 -14.95 -1.26
CA ALA A 103 6.86 -14.23 -0.72
C ALA A 103 5.64 -14.34 -1.63
N ASP A 104 5.83 -14.31 -2.95
CA ASP A 104 4.71 -14.48 -3.86
C ASP A 104 4.16 -15.89 -3.85
N SER A 105 4.98 -16.89 -3.59
CA SER A 105 4.49 -18.25 -3.51
C SER A 105 4.07 -18.64 -2.10
N THR A 106 4.34 -17.81 -1.11
CA THR A 106 3.73 -17.96 0.19
C THR A 106 2.38 -17.28 0.28
N ILE A 107 2.22 -16.11 -0.34
CA ILE A 107 0.89 -15.54 -0.45
C ILE A 107 -0.05 -16.41 -1.26
N CYS A 108 0.42 -17.03 -2.34
CA CYS A 108 -0.46 -17.93 -3.07
C CYS A 108 -0.86 -19.12 -2.24
N HIS A 109 -0.01 -19.62 -1.37
CA HIS A 109 -0.43 -20.68 -0.45
C HIS A 109 -1.50 -20.22 0.50
N ILE A 110 -1.36 -19.01 1.04
CA ILE A 110 -2.37 -18.49 1.95
C ILE A 110 -3.70 -18.26 1.25
N LEU A 111 -3.70 -17.88 -0.03
CA LEU A 111 -4.95 -17.72 -0.75
C LEU A 111 -5.52 -19.03 -1.26
N ASN A 112 -4.69 -20.03 -1.58
CA ASN A 112 -5.17 -21.35 -1.93
C ASN A 112 -5.80 -22.06 -0.76
N LEU A 113 -5.54 -21.62 0.47
CA LEU A 113 -6.21 -22.15 1.64
C LEU A 113 -7.48 -21.40 1.98
N TYR A 114 -7.51 -20.09 1.76
CA TYR A 114 -8.66 -19.29 2.13
C TYR A 114 -9.75 -19.33 1.08
N ARG A 115 -9.39 -19.38 -0.20
CA ARG A 115 -10.39 -19.46 -1.24
C ARG A 115 -10.48 -20.84 -1.88
N ARG A 116 -9.53 -21.72 -1.60
CA ARG A 116 -9.56 -23.08 -2.08
C ARG A 116 -9.60 -23.11 -3.61
N ASN A 117 -8.63 -22.44 -4.23
CA ASN A 117 -8.54 -22.48 -5.68
C ASN A 117 -7.74 -23.66 -6.19
N THR A 118 -7.11 -24.44 -5.33
CA THR A 118 -6.46 -25.66 -5.75
C THR A 118 -7.13 -26.90 -5.21
N TRP A 119 -8.11 -26.76 -4.34
CA TRP A 119 -9.00 -27.87 -4.02
C TRP A 119 -10.24 -27.87 -4.88
N LEU A 120 -10.59 -26.74 -5.47
CA LEU A 120 -11.66 -26.71 -6.45
C LEU A 120 -11.18 -27.20 -7.80
N TYR A 121 -9.99 -26.81 -8.23
CA TYR A 121 -9.45 -27.35 -9.46
C TYR A 121 -9.26 -28.85 -9.39
N GLN A 122 -8.85 -29.38 -8.24
CA GLN A 122 -8.85 -30.81 -8.05
C GLN A 122 -10.23 -31.41 -8.22
N ALA A 123 -11.22 -30.88 -7.49
CA ALA A 123 -12.57 -31.43 -7.56
C ALA A 123 -13.14 -31.33 -8.96
N LEU A 124 -12.61 -30.43 -9.79
CA LEU A 124 -12.99 -30.41 -11.19
C LEU A 124 -12.15 -31.35 -12.04
N ARG A 125 -10.95 -31.72 -11.62
CA ARG A 125 -10.19 -32.74 -12.31
C ARG A 125 -10.64 -34.14 -11.95
N GLU A 126 -11.06 -34.35 -10.71
CA GLU A 126 -11.70 -35.61 -10.35
C GLU A 126 -13.07 -35.76 -10.97
N GLY A 127 -13.65 -34.68 -11.48
CA GLY A 127 -14.95 -34.77 -12.09
C GLY A 127 -16.04 -34.51 -11.07
N THR A 128 -16.71 -33.37 -11.19
CA THR A 128 -17.80 -33.04 -10.31
C THR A 128 -18.71 -32.05 -11.02
N ARG A 129 -19.97 -32.42 -11.17
CA ARG A 129 -20.96 -31.57 -11.81
C ARG A 129 -21.42 -30.56 -10.76
N VAL A 130 -20.76 -29.41 -10.75
CA VAL A 130 -21.09 -28.35 -9.80
C VAL A 130 -22.10 -27.46 -10.50
N GLN A 131 -23.36 -27.88 -10.50
CA GLN A 131 -24.39 -27.18 -11.26
C GLN A 131 -25.23 -26.26 -10.39
N SER A 132 -25.92 -26.83 -9.41
CA SER A 132 -26.84 -26.02 -8.62
C SER A 132 -26.07 -25.25 -7.55
N VAL A 133 -26.53 -24.03 -7.29
CA VAL A 133 -25.81 -23.18 -6.36
C VAL A 133 -25.84 -23.75 -4.95
N GLU A 134 -26.63 -24.80 -4.71
CA GLU A 134 -26.48 -25.55 -3.47
C GLU A 134 -25.30 -26.50 -3.52
N GLN A 135 -24.81 -26.84 -4.71
CA GLN A 135 -23.64 -27.71 -4.80
C GLN A 135 -22.35 -26.94 -4.81
N ILE A 136 -22.38 -25.69 -5.30
CA ILE A 136 -21.23 -24.82 -5.20
C ILE A 136 -20.80 -24.65 -3.75
N ARG A 137 -21.75 -24.46 -2.84
CA ARG A 137 -21.41 -24.31 -1.44
C ARG A 137 -20.95 -25.61 -0.80
N GLU A 138 -21.33 -26.75 -1.35
CA GLU A 138 -20.86 -28.01 -0.78
C GLU A 138 -19.47 -28.38 -1.28
N VAL A 139 -19.10 -27.96 -2.50
CA VAL A 139 -17.76 -28.26 -2.98
C VAL A 139 -16.75 -27.25 -2.46
N ALA A 140 -17.18 -26.03 -2.16
CA ALA A 140 -16.30 -25.01 -1.62
C ALA A 140 -16.65 -24.65 -0.19
N SER A 141 -17.19 -25.60 0.57
CA SER A 141 -17.54 -25.32 1.95
C SER A 141 -16.29 -25.15 2.78
N GLY A 142 -16.00 -23.93 3.19
CA GLY A 142 -14.84 -23.67 4.01
C GLY A 142 -14.11 -22.43 3.56
N ALA A 143 -14.25 -22.08 2.29
CA ALA A 143 -13.67 -20.86 1.79
C ALA A 143 -14.12 -19.70 2.65
N ALA A 144 -13.17 -18.89 3.10
CA ALA A 144 -13.48 -17.90 4.10
C ALA A 144 -13.20 -16.50 3.57
N ARG A 145 -13.71 -15.51 4.28
CA ARG A 145 -13.38 -14.13 4.01
C ARG A 145 -12.05 -13.79 4.64
N ILE A 146 -11.25 -13.01 3.93
CA ILE A 146 -9.89 -12.70 4.34
C ILE A 146 -9.83 -11.42 5.15
N ARG A 147 -10.57 -10.39 4.73
CA ARG A 147 -10.49 -9.10 5.41
C ARG A 147 -10.83 -9.25 6.88
N GLY A 148 -9.82 -9.14 7.73
CA GLY A 148 -10.05 -9.28 9.15
C GLY A 148 -9.20 -10.34 9.81
N GLU A 149 -8.90 -11.41 9.09
CA GLU A 149 -8.09 -12.47 9.66
C GLU A 149 -6.75 -11.92 10.10
N THR A 150 -6.11 -12.59 11.05
CA THR A 150 -4.85 -12.12 11.62
C THR A 150 -3.75 -13.09 11.21
N LEU A 151 -2.91 -12.67 10.28
CA LEU A 151 -1.84 -13.51 9.76
C LEU A 151 -0.62 -13.36 10.67
N GLY A 152 -0.16 -14.45 11.25
CA GLY A 152 0.95 -14.42 12.18
C GLY A 152 2.21 -15.04 11.58
N LEU A 153 3.24 -14.22 11.42
CA LEU A 153 4.46 -14.62 10.75
C LEU A 153 5.51 -14.93 11.79
N ILE A 154 5.87 -16.19 11.95
CA ILE A 154 6.92 -16.56 12.89
C ILE A 154 8.26 -16.33 12.23
N GLY A 155 8.78 -15.13 12.33
CA GLY A 155 10.05 -14.79 11.71
C GLY A 155 9.84 -13.63 10.76
N PHE A 156 10.67 -12.61 10.91
CA PHE A 156 10.44 -11.36 10.22
C PHE A 156 11.74 -10.90 9.56
N GLY A 157 12.38 -11.79 8.82
CA GLY A 157 13.66 -11.43 8.22
C GLY A 157 13.42 -10.75 6.90
N ARG A 158 13.85 -11.35 5.81
CA ARG A 158 13.54 -10.83 4.48
C ARG A 158 12.27 -11.42 3.92
N THR A 159 12.16 -12.73 3.91
CA THR A 159 10.97 -13.41 3.43
C THR A 159 9.80 -13.24 4.38
N GLY A 160 10.02 -12.63 5.53
CA GLY A 160 8.93 -12.40 6.43
C GLY A 160 8.37 -11.02 6.22
N GLN A 161 9.24 -10.04 5.99
CA GLN A 161 8.80 -8.70 5.65
C GLN A 161 8.19 -8.64 4.28
N ALA A 162 8.72 -9.42 3.34
CA ALA A 162 8.19 -9.40 2.00
C ALA A 162 6.79 -9.96 1.94
N VAL A 163 6.36 -10.73 2.94
CA VAL A 163 4.98 -11.20 2.99
C VAL A 163 4.08 -10.23 3.74
N ALA A 164 4.58 -9.59 4.78
CA ALA A 164 3.79 -8.57 5.45
C ALA A 164 3.53 -7.38 4.56
N VAL A 165 4.45 -7.07 3.65
CA VAL A 165 4.25 -5.94 2.77
C VAL A 165 3.12 -6.16 1.78
N ARG A 166 2.92 -7.38 1.30
CA ARG A 166 1.91 -7.66 0.31
C ARG A 166 0.69 -8.37 0.85
N ALA A 167 0.67 -8.72 2.14
CA ALA A 167 -0.53 -9.24 2.75
C ALA A 167 -1.28 -8.18 3.54
N LYS A 168 -0.70 -7.00 3.70
CA LYS A 168 -1.39 -5.89 4.32
C LYS A 168 -2.46 -5.29 3.43
N ALA A 169 -2.47 -5.67 2.15
CA ALA A 169 -3.45 -5.13 1.22
C ALA A 169 -4.70 -5.96 1.11
N PHE A 170 -4.65 -7.25 1.45
CA PHE A 170 -5.83 -8.09 1.48
C PHE A 170 -6.66 -7.90 2.74
N GLY A 171 -6.20 -7.09 3.67
CA GLY A 171 -6.91 -6.87 4.91
C GLY A 171 -6.37 -7.71 6.05
N PHE A 172 -5.35 -8.49 5.77
CA PHE A 172 -4.72 -9.34 6.77
C PHE A 172 -4.08 -8.44 7.83
N SER A 173 -4.64 -8.45 9.03
CA SER A 173 -3.93 -7.79 10.12
C SER A 173 -2.69 -8.59 10.47
N VAL A 174 -1.50 -8.09 10.14
CA VAL A 174 -0.29 -8.86 10.31
C VAL A 174 0.23 -8.75 11.74
N ILE A 175 0.92 -9.78 12.19
CA ILE A 175 1.43 -9.91 13.54
C ILE A 175 2.63 -10.83 13.44
N PHE A 176 3.75 -10.49 14.07
CA PHE A 176 4.90 -11.37 13.93
C PHE A 176 5.54 -11.64 15.29
N TYR A 177 6.48 -12.57 15.30
CA TYR A 177 7.25 -12.95 16.47
C TYR A 177 8.68 -13.13 16.00
N ASP A 178 9.60 -12.43 16.60
CA ASP A 178 10.98 -12.61 16.22
C ASP A 178 11.89 -12.24 17.37
N PRO A 179 12.53 -13.19 18.01
CA PRO A 179 13.30 -12.86 19.20
C PRO A 179 14.65 -12.25 18.88
N TYR A 180 15.27 -12.65 17.78
CA TYR A 180 16.61 -12.20 17.46
C TYR A 180 16.64 -10.85 16.79
N LEU A 181 15.49 -10.24 16.53
CA LEU A 181 15.43 -9.02 15.75
C LEU A 181 15.48 -7.81 16.66
N GLN A 182 16.51 -6.98 16.51
CA GLN A 182 16.64 -5.79 17.32
C GLN A 182 15.42 -4.91 17.14
N ASP A 183 14.71 -4.64 18.25
CA ASP A 183 13.39 -4.07 18.17
C ASP A 183 13.40 -2.71 17.50
N GLY A 184 12.25 -2.33 16.96
CA GLY A 184 12.13 -1.08 16.28
C GLY A 184 11.89 -1.17 14.79
N ILE A 185 11.60 -2.35 14.26
CA ILE A 185 11.17 -2.42 12.86
C ILE A 185 9.73 -2.85 12.71
N GLU A 186 9.03 -3.21 13.77
CA GLU A 186 7.59 -3.29 13.70
C GLU A 186 6.97 -1.90 13.60
N ARG A 187 7.76 -0.85 13.81
CA ARG A 187 7.28 0.52 13.71
C ARG A 187 7.28 1.00 12.28
N SER A 188 8.31 0.66 11.52
CA SER A 188 8.42 1.08 10.13
C SER A 188 7.34 0.43 9.27
N LEU A 189 7.35 -0.90 9.21
CA LEU A 189 6.39 -1.60 8.37
C LEU A 189 4.96 -1.36 8.83
N GLY A 190 4.76 -1.19 10.13
CA GLY A 190 3.43 -0.99 10.63
C GLY A 190 2.70 -2.28 10.95
N VAL A 191 3.35 -3.19 11.65
CA VAL A 191 2.76 -4.46 12.03
C VAL A 191 2.97 -4.66 13.53
N GLN A 192 1.93 -5.08 14.22
CA GLN A 192 2.08 -5.36 15.64
C GLN A 192 3.00 -6.54 15.82
N ARG A 193 3.90 -6.45 16.80
CA ARG A 193 4.81 -7.55 17.06
C ARG A 193 4.51 -8.12 18.43
N VAL A 194 4.54 -9.43 18.54
CA VAL A 194 4.34 -10.10 19.81
C VAL A 194 5.65 -10.75 20.18
N TYR A 195 5.79 -11.19 21.43
CA TYR A 195 7.10 -11.56 21.95
C TYR A 195 7.24 -13.04 22.32
N THR A 196 6.18 -13.82 22.23
CA THR A 196 6.26 -15.24 22.57
C THR A 196 5.31 -16.04 21.68
N LEU A 197 5.72 -17.25 21.31
CA LEU A 197 4.83 -18.16 20.58
C LEU A 197 3.48 -18.31 21.25
N GLN A 198 3.45 -18.55 22.55
CA GLN A 198 2.19 -18.64 23.26
C GLN A 198 1.35 -17.40 23.07
N ASP A 199 1.94 -16.32 22.55
CA ASP A 199 1.23 -15.07 22.30
C ASP A 199 1.07 -14.78 20.81
N LEU A 200 1.69 -15.55 19.93
CA LEU A 200 1.43 -15.45 18.50
C LEU A 200 0.48 -16.51 17.98
N LEU A 201 0.67 -17.77 18.36
CA LEU A 201 -0.28 -18.80 17.99
C LEU A 201 -1.66 -18.54 18.56
N TYR A 202 -1.75 -17.83 19.68
CA TYR A 202 -3.03 -17.63 20.33
C TYR A 202 -3.92 -16.68 19.55
N GLN A 203 -3.33 -15.73 18.82
CA GLN A 203 -4.08 -14.76 18.03
C GLN A 203 -3.52 -14.78 16.60
N SER A 204 -3.94 -15.75 15.82
CA SER A 204 -3.49 -15.83 14.44
C SER A 204 -4.41 -16.79 13.71
N ASP A 205 -5.16 -16.29 12.76
CA ASP A 205 -6.00 -17.17 11.99
C ASP A 205 -5.25 -17.90 10.89
N CYS A 206 -4.00 -17.51 10.64
CA CYS A 206 -3.18 -18.26 9.69
C CYS A 206 -1.71 -18.11 10.02
N VAL A 207 -1.16 -19.03 10.79
CA VAL A 207 0.25 -18.96 11.16
C VAL A 207 1.10 -19.39 9.98
N SER A 208 2.15 -18.63 9.68
CA SER A 208 3.03 -18.99 8.56
C SER A 208 4.47 -18.84 9.01
N LEU A 209 5.23 -19.92 8.88
CA LEU A 209 6.61 -19.93 9.34
C LEU A 209 7.54 -19.28 8.33
N HIS A 210 8.49 -18.49 8.83
CA HIS A 210 9.48 -17.87 7.95
C HIS A 210 10.84 -17.77 8.60
N CYS A 211 11.15 -18.62 9.55
CA CYS A 211 12.42 -18.57 10.24
C CYS A 211 13.44 -19.45 9.54
N ASN A 212 14.69 -19.33 9.96
CA ASN A 212 15.78 -20.13 9.42
C ASN A 212 16.10 -21.22 10.44
N LEU A 213 16.07 -22.47 10.01
CA LEU A 213 16.30 -23.57 10.92
C LEU A 213 17.70 -23.52 11.49
N ASN A 214 17.81 -23.40 12.81
CA ASN A 214 19.09 -23.43 13.50
C ASN A 214 18.99 -24.44 14.65
N GLU A 215 19.91 -24.47 15.60
CA GLU A 215 19.93 -25.48 16.65
C GLU A 215 18.93 -25.16 17.76
N HIS A 216 17.98 -24.27 17.51
CA HIS A 216 17.08 -23.85 18.55
C HIS A 216 15.63 -23.72 18.08
N ASN A 217 15.37 -24.07 16.83
CA ASN A 217 14.04 -23.95 16.27
C ASN A 217 13.51 -25.26 15.75
N HIS A 218 14.18 -26.36 16.02
CA HIS A 218 13.75 -27.65 15.51
CA HIS A 218 13.75 -27.65 15.51
C HIS A 218 12.38 -28.00 16.05
N HIS A 219 11.48 -28.39 15.15
CA HIS A 219 10.11 -28.73 15.51
C HIS A 219 9.52 -27.63 16.38
N LEU A 220 9.62 -26.41 15.86
CA LEU A 220 9.00 -25.27 16.51
C LEU A 220 7.52 -25.52 16.71
N ILE A 221 6.84 -25.97 15.66
CA ILE A 221 5.45 -26.37 15.75
C ILE A 221 5.39 -27.86 16.05
N ASN A 222 5.47 -28.23 17.32
CA ASN A 222 5.40 -29.62 17.70
C ASN A 222 4.02 -29.93 18.28
N ASP A 223 3.87 -31.10 18.88
CA ASP A 223 2.58 -31.49 19.44
C ASP A 223 2.17 -30.58 20.59
N PHE A 224 3.11 -29.85 21.19
CA PHE A 224 2.80 -29.03 22.35
C PHE A 224 2.41 -27.60 21.98
N THR A 225 2.82 -27.11 20.81
CA THR A 225 2.40 -25.79 20.38
C THR A 225 1.12 -25.79 19.57
N ILE A 226 0.82 -26.86 18.83
CA ILE A 226 -0.43 -26.92 18.08
C ILE A 226 -1.63 -26.94 19.01
N LYS A 227 -1.44 -27.30 20.27
CA LYS A 227 -2.50 -27.15 21.27
C LYS A 227 -2.60 -25.71 21.78
N GLN A 228 -1.86 -24.79 21.17
CA GLN A 228 -1.97 -23.38 21.49
C GLN A 228 -2.49 -22.56 20.33
N MET A 229 -2.63 -23.15 19.14
CA MET A 229 -3.19 -22.41 18.02
C MET A 229 -4.69 -22.25 18.23
N ARG A 230 -5.37 -21.53 17.36
CA ARG A 230 -6.79 -21.32 17.50
C ARG A 230 -7.52 -22.58 17.08
N GLN A 231 -8.82 -22.63 17.39
CA GLN A 231 -9.63 -23.76 16.99
C GLN A 231 -9.86 -23.69 15.49
N GLY A 232 -8.86 -24.11 14.73
CA GLY A 232 -8.96 -24.03 13.29
C GLY A 232 -8.23 -22.82 12.77
N ALA A 233 -7.00 -23.01 12.31
CA ALA A 233 -6.17 -21.91 11.85
C ALA A 233 -5.15 -22.48 10.88
N PHE A 234 -5.26 -22.07 9.63
CA PHE A 234 -4.37 -22.56 8.60
C PHE A 234 -2.92 -22.39 9.01
N LEU A 235 -2.04 -23.18 8.40
CA LEU A 235 -0.63 -23.16 8.74
C LEU A 235 0.19 -23.29 7.46
N VAL A 236 0.90 -22.24 7.08
CA VAL A 236 1.74 -22.31 5.88
C VAL A 236 3.20 -22.42 6.30
N ASN A 237 3.98 -23.17 5.54
CA ASN A 237 5.34 -23.48 5.94
C ASN A 237 6.30 -23.37 4.77
N ALA A 238 6.27 -22.24 4.07
CA ALA A 238 7.23 -22.03 2.98
C ALA A 238 8.58 -21.59 3.53
N ALA A 239 9.14 -22.44 4.38
CA ALA A 239 10.50 -22.27 4.92
C ALA A 239 10.94 -23.60 5.51
N ARG A 240 12.26 -23.77 5.68
CA ARG A 240 12.87 -25.09 5.83
C ARG A 240 12.05 -26.03 6.71
N GLY A 241 11.95 -27.28 6.27
CA GLY A 241 10.92 -28.19 6.71
C GLY A 241 11.13 -28.88 8.03
N GLY A 242 12.28 -28.75 8.66
CA GLY A 242 12.43 -29.36 9.95
C GLY A 242 11.83 -28.50 11.05
N LEU A 243 10.74 -27.81 10.73
CA LEU A 243 10.11 -26.90 11.68
C LEU A 243 8.75 -27.35 12.15
N VAL A 244 8.17 -28.39 11.55
CA VAL A 244 6.85 -28.85 11.98
C VAL A 244 6.88 -30.35 12.20
N ASP A 245 6.49 -30.81 13.38
CA ASP A 245 6.34 -32.24 13.60
C ASP A 245 5.29 -32.79 12.66
N GLU A 246 5.74 -33.53 11.64
CA GLU A 246 4.77 -34.11 10.74
C GLU A 246 3.98 -35.23 11.38
N LYS A 247 4.50 -35.85 12.43
CA LYS A 247 3.74 -36.83 13.19
C LYS A 247 2.82 -36.18 14.19
N ALA A 248 2.79 -34.85 14.24
CA ALA A 248 1.88 -34.12 15.12
C ALA A 248 1.04 -33.09 14.39
N LEU A 249 1.38 -32.76 13.14
CA LEU A 249 0.52 -31.93 12.31
C LEU A 249 -0.56 -32.74 11.62
N ALA A 250 -0.21 -33.94 11.13
CA ALA A 250 -1.23 -34.82 10.57
C ALA A 250 -2.16 -35.35 11.63
N GLN A 251 -1.72 -35.38 12.89
CA GLN A 251 -2.61 -35.77 13.97
C GLN A 251 -3.55 -34.65 14.35
N ALA A 252 -3.24 -33.42 13.96
CA ALA A 252 -4.12 -32.29 14.19
C ALA A 252 -5.04 -32.05 13.00
N LEU A 253 -4.59 -32.39 11.80
CA LEU A 253 -5.45 -32.27 10.63
C LEU A 253 -6.57 -33.28 10.65
N LYS A 254 -6.27 -34.54 10.96
CA LYS A 254 -7.27 -35.60 10.95
C LYS A 254 -8.21 -35.49 12.14
N GLU A 255 -8.26 -34.33 12.77
CA GLU A 255 -9.01 -34.13 14.00
C GLU A 255 -9.76 -32.81 13.92
N GLY A 256 -9.39 -31.96 12.97
CA GLY A 256 -10.06 -30.70 12.76
C GLY A 256 -9.47 -29.52 13.52
N ARG A 257 -8.41 -29.73 14.29
CA ARG A 257 -7.85 -28.62 15.05
C ARG A 257 -7.15 -27.60 14.18
N ILE A 258 -6.66 -28.02 13.02
CA ILE A 258 -6.09 -27.11 12.03
C ILE A 258 -6.89 -27.22 10.75
N ARG A 259 -7.47 -26.12 10.31
CA ARG A 259 -8.40 -26.14 9.19
C ARG A 259 -7.67 -26.10 7.85
N GLY A 260 -6.70 -26.98 7.67
CA GLY A 260 -5.94 -26.97 6.45
C GLY A 260 -4.54 -26.45 6.66
N ALA A 261 -3.59 -26.91 5.86
CA ALA A 261 -2.23 -26.47 6.04
C ALA A 261 -1.42 -26.73 4.79
N ALA A 262 -0.97 -25.67 4.12
CA ALA A 262 -0.19 -25.80 2.90
C ALA A 262 1.29 -25.76 3.26
N LEU A 263 1.95 -26.90 3.13
CA LEU A 263 3.37 -27.02 3.42
C LEU A 263 4.14 -26.97 2.12
N ASP A 264 5.11 -26.08 2.04
CA ASP A 264 5.91 -26.01 0.83
C ASP A 264 7.16 -26.87 0.89
N VAL A 265 7.72 -27.09 2.08
CA VAL A 265 8.86 -27.98 2.22
C VAL A 265 8.60 -28.89 3.40
N HIS A 266 9.16 -30.09 3.33
CA HIS A 266 8.86 -31.11 4.33
C HIS A 266 10.14 -31.60 4.98
N GLU A 267 10.03 -32.59 5.86
CA GLU A 267 11.21 -33.17 6.49
C GLU A 267 11.95 -34.12 5.56
N SER A 268 11.24 -34.88 4.74
CA SER A 268 11.89 -35.80 3.82
C SER A 268 11.58 -35.38 2.39
N GLU A 269 12.57 -34.83 1.69
CA GLU A 269 12.47 -34.66 0.26
C GLU A 269 13.15 -35.82 -0.43
N PRO A 270 12.60 -36.37 -1.51
CA PRO A 270 11.37 -35.99 -2.18
C PRO A 270 10.14 -36.26 -1.34
N PHE A 271 8.97 -35.84 -1.81
CA PHE A 271 7.76 -35.90 -1.01
C PHE A 271 6.67 -36.68 -1.75
N SER A 272 6.98 -37.91 -2.11
CA SER A 272 5.94 -38.82 -2.58
C SER A 272 4.73 -38.72 -1.65
N PHE A 273 3.59 -38.35 -2.23
CA PHE A 273 2.44 -37.98 -1.40
C PHE A 273 1.91 -39.17 -0.63
N ALA A 274 1.97 -40.36 -1.24
CA ALA A 274 1.41 -41.56 -0.62
C ALA A 274 2.32 -42.16 0.44
N GLN A 275 3.55 -41.68 0.56
CA GLN A 275 4.47 -42.15 1.58
C GLN A 275 4.82 -41.04 2.55
N GLY A 276 4.75 -41.34 3.85
CA GLY A 276 5.16 -40.38 4.85
C GLY A 276 4.25 -40.35 6.05
N PRO A 277 4.56 -39.45 7.00
CA PRO A 277 3.76 -39.40 8.24
C PRO A 277 2.37 -38.85 8.02
N LEU A 278 2.15 -38.08 6.97
CA LEU A 278 0.87 -37.47 6.68
C LEU A 278 0.29 -38.01 5.38
N LYS A 279 0.41 -39.33 5.19
CA LYS A 279 -0.12 -39.96 3.98
C LYS A 279 -1.63 -39.88 3.92
N ASP A 280 -2.29 -39.76 5.07
CA ASP A 280 -3.75 -39.76 5.09
C ASP A 280 -4.29 -38.50 5.75
N ALA A 281 -3.74 -37.34 5.38
CA ALA A 281 -4.24 -36.16 6.05
C ALA A 281 -5.22 -35.41 5.16
N PRO A 282 -6.28 -34.86 5.73
CA PRO A 282 -7.22 -34.08 4.94
C PRO A 282 -6.86 -32.60 4.93
N ASN A 283 -7.30 -31.88 3.91
CA ASN A 283 -7.03 -30.44 3.83
C ASN A 283 -5.54 -30.18 3.91
N LEU A 284 -4.77 -30.63 2.93
CA LEU A 284 -3.34 -30.46 2.94
C LEU A 284 -2.85 -30.23 1.53
N ILE A 285 -2.12 -29.14 1.34
CA ILE A 285 -1.50 -28.77 0.06
C ILE A 285 0.00 -28.91 0.22
N CYS A 286 0.68 -29.39 -0.80
CA CYS A 286 2.13 -29.46 -0.71
C CYS A 286 2.74 -29.28 -2.09
N THR A 287 3.56 -28.26 -2.23
CA THR A 287 4.37 -28.18 -3.42
C THR A 287 5.76 -28.72 -3.13
N PRO A 288 6.51 -29.17 -4.11
CA PRO A 288 7.76 -29.84 -3.79
C PRO A 288 8.97 -28.93 -3.68
N HIS A 289 9.06 -28.14 -2.62
CA HIS A 289 10.20 -27.27 -2.38
C HIS A 289 10.43 -26.32 -3.55
N THR A 290 9.35 -25.70 -4.00
CA THR A 290 9.43 -24.92 -5.21
C THR A 290 8.73 -23.57 -5.03
N ALA A 291 9.09 -22.83 -4.00
CA ALA A 291 8.74 -21.42 -3.96
C ALA A 291 9.92 -20.58 -4.44
N TRP A 292 11.12 -21.14 -4.40
CA TRP A 292 12.31 -20.36 -4.72
C TRP A 292 12.52 -20.25 -6.22
N TYR A 293 11.80 -21.03 -7.01
CA TYR A 293 12.15 -21.19 -8.42
C TYR A 293 11.48 -20.11 -9.26
N SER A 294 12.18 -19.69 -10.30
CA SER A 294 11.67 -18.79 -11.32
C SER A 294 12.64 -18.80 -12.48
N GLU A 295 12.14 -18.63 -13.70
CA GLU A 295 13.05 -18.55 -14.84
C GLU A 295 14.08 -17.45 -14.67
N GLN A 296 13.74 -16.38 -13.94
CA GLN A 296 14.69 -15.31 -13.67
C GLN A 296 15.36 -15.41 -12.32
N ALA A 297 14.72 -16.03 -11.33
CA ALA A 297 15.31 -16.11 -10.01
C ALA A 297 16.27 -17.28 -9.87
N SER A 298 16.11 -18.32 -10.68
CA SER A 298 17.06 -19.42 -10.71
C SER A 298 18.21 -19.15 -11.64
N LEU A 299 18.33 -17.93 -12.14
CA LEU A 299 19.46 -17.49 -12.93
C LEU A 299 20.28 -16.44 -12.22
N GLU A 300 19.61 -15.42 -11.65
CA GLU A 300 20.27 -14.51 -10.72
C GLU A 300 20.87 -15.25 -9.53
N MET A 301 20.28 -16.35 -9.12
CA MET A 301 20.75 -17.13 -8.00
C MET A 301 22.01 -17.91 -8.32
N ARG A 302 22.21 -18.31 -9.57
CA ARG A 302 23.39 -19.08 -9.96
C ARG A 302 24.52 -18.18 -10.46
N GLU A 303 24.20 -17.13 -11.21
CA GLU A 303 25.23 -16.18 -11.58
C GLU A 303 25.86 -15.56 -10.35
N ALA A 304 25.05 -15.25 -9.34
CA ALA A 304 25.58 -14.61 -8.14
C ALA A 304 26.29 -15.60 -7.22
N ALA A 305 26.17 -16.89 -7.47
CA ALA A 305 27.01 -17.86 -6.79
C ALA A 305 28.30 -18.13 -7.53
N ALA A 306 28.28 -18.07 -8.86
CA ALA A 306 29.51 -18.09 -9.62
C ALA A 306 30.38 -16.89 -9.29
N THR A 307 29.78 -15.70 -9.24
CA THR A 307 30.49 -14.49 -8.86
C THR A 307 31.05 -14.59 -7.45
N GLU A 308 30.46 -15.39 -6.58
CA GLU A 308 30.97 -15.52 -5.22
C GLU A 308 32.25 -16.34 -5.16
N ILE A 309 32.37 -17.38 -5.99
CA ILE A 309 33.62 -18.11 -6.08
C ILE A 309 34.65 -17.34 -6.89
N ARG A 310 34.19 -16.54 -7.84
CA ARG A 310 35.12 -15.65 -8.53
C ARG A 310 35.78 -14.69 -7.55
N ARG A 311 35.08 -14.36 -6.46
CA ARG A 311 35.68 -13.52 -5.44
C ARG A 311 36.53 -14.31 -4.45
N ALA A 312 36.27 -15.61 -4.31
CA ALA A 312 36.99 -16.40 -3.32
C ALA A 312 38.23 -17.06 -3.88
N ILE A 313 38.31 -17.24 -5.19
CA ILE A 313 39.49 -17.83 -5.81
C ILE A 313 40.42 -16.71 -6.24
N THR A 314 40.08 -15.48 -5.88
CA THR A 314 40.91 -14.33 -6.22
C THR A 314 41.21 -13.48 -4.98
N GLY A 315 40.24 -13.36 -4.08
CA GLY A 315 40.40 -12.50 -2.93
C GLY A 315 40.89 -13.24 -1.70
N ARG A 316 40.85 -12.55 -0.56
CA ARG A 316 41.26 -13.14 0.70
C ARG A 316 40.05 -13.71 1.44
N ILE A 317 40.08 -15.01 1.69
CA ILE A 317 38.98 -15.68 2.39
C ILE A 317 39.25 -15.59 3.89
N PRO A 318 38.29 -15.15 4.71
CA PRO A 318 36.94 -14.73 4.37
C PRO A 318 36.76 -13.22 4.38
N GLU A 319 37.81 -12.47 4.11
CA GLU A 319 37.74 -11.01 4.09
C GLU A 319 37.37 -10.47 2.71
N SER A 320 37.09 -11.35 1.76
CA SER A 320 36.74 -10.92 0.42
C SER A 320 35.32 -11.34 0.08
N LEU A 321 34.85 -12.40 0.72
CA LEU A 321 33.49 -12.87 0.48
C LEU A 321 32.49 -11.77 0.80
N ARG A 322 31.57 -11.53 -0.12
CA ARG A 322 30.59 -10.48 0.05
C ARG A 322 29.74 -10.75 1.27
N ASN A 323 29.06 -11.90 1.29
CA ASN A 323 28.21 -12.26 2.42
C ASN A 323 28.51 -13.68 2.86
N CYS A 324 29.52 -13.79 3.71
CA CYS A 324 29.81 -15.05 4.39
C CYS A 324 28.87 -15.18 5.57
N VAL A 325 28.68 -16.41 6.05
CA VAL A 325 27.67 -16.60 7.07
C VAL A 325 28.27 -17.26 8.30
N ASN A 326 29.56 -17.56 8.26
CA ASN A 326 30.18 -18.13 9.43
C ASN A 326 31.51 -17.45 9.75
N LYS A 327 31.51 -16.13 9.91
CA LYS A 327 32.71 -15.42 10.32
C LYS A 327 33.05 -15.80 11.76
N GLU A 328 33.36 -17.08 11.93
CA GLU A 328 33.91 -17.63 13.15
C GLU A 328 34.99 -18.64 12.76
N PHE A 329 35.65 -18.37 11.64
CA PHE A 329 36.67 -19.25 11.08
C PHE A 329 37.97 -19.17 11.90
N ARG B 1 -51.32 -12.89 0.90
CA ARG B 1 -49.94 -12.65 1.30
C ARG B 1 -49.02 -12.88 0.10
N PRO B 2 -48.06 -11.99 -0.10
CA PRO B 2 -47.30 -11.99 -1.36
C PRO B 2 -46.25 -13.07 -1.46
N LEU B 3 -46.61 -14.26 -1.96
CA LEU B 3 -45.64 -15.33 -2.19
C LEU B 3 -44.41 -14.82 -2.91
N VAL B 4 -43.25 -14.97 -2.29
CA VAL B 4 -41.97 -14.56 -2.85
C VAL B 4 -41.19 -15.82 -3.20
N ALA B 5 -40.83 -15.96 -4.47
CA ALA B 5 -40.17 -17.17 -4.93
C ALA B 5 -38.66 -17.08 -4.73
N LEU B 6 -37.99 -18.22 -4.86
CA LEU B 6 -36.54 -18.32 -4.72
C LEU B 6 -36.06 -19.18 -5.88
N LEU B 7 -36.40 -18.76 -7.10
CA LEU B 7 -36.56 -19.62 -8.26
C LEU B 7 -35.61 -20.81 -8.31
N ASP B 8 -34.30 -20.57 -8.34
CA ASP B 8 -33.36 -21.69 -8.38
C ASP B 8 -32.73 -21.94 -7.01
N GLY B 9 -33.60 -22.16 -6.02
CA GLY B 9 -33.15 -22.36 -4.67
C GLY B 9 -33.74 -23.61 -4.06
N ARG B 10 -32.99 -24.16 -3.10
CA ARG B 10 -33.49 -25.25 -2.26
C ARG B 10 -33.31 -24.92 -0.80
N ASP B 11 -32.72 -23.77 -0.48
CA ASP B 11 -32.34 -23.43 0.88
C ASP B 11 -32.79 -22.01 1.10
N CYS B 12 -33.92 -21.84 1.78
CA CYS B 12 -34.47 -20.52 2.03
C CYS B 12 -34.46 -20.25 3.52
N THR B 13 -33.36 -20.58 4.20
CA THR B 13 -33.28 -20.49 5.66
C THR B 13 -32.50 -19.27 6.11
N VAL B 14 -32.27 -18.30 5.24
CA VAL B 14 -31.73 -17.02 5.67
C VAL B 14 -32.69 -15.93 5.22
N GLU B 15 -33.45 -16.21 4.16
CA GLU B 15 -34.47 -15.30 3.70
C GLU B 15 -35.81 -15.53 4.39
N MET B 16 -35.95 -16.63 5.12
CA MET B 16 -37.20 -16.87 5.83
C MET B 16 -37.30 -15.98 7.06
N PRO B 17 -36.39 -16.08 8.04
CA PRO B 17 -36.62 -15.41 9.32
C PRO B 17 -36.68 -13.89 9.24
N ILE B 18 -36.35 -13.32 8.09
CA ILE B 18 -36.59 -11.88 7.90
C ILE B 18 -37.69 -11.60 6.89
N LEU B 19 -38.20 -12.59 6.19
CA LEU B 19 -39.45 -12.49 5.48
C LEU B 19 -40.51 -13.38 6.12
N LYS B 20 -40.39 -13.59 7.42
CA LYS B 20 -41.25 -14.53 8.12
C LYS B 20 -42.72 -14.16 8.04
N ASP B 21 -43.04 -12.88 8.03
CA ASP B 21 -44.43 -12.46 8.14
C ASP B 21 -44.87 -11.59 6.98
N LEU B 22 -43.94 -10.88 6.36
CA LEU B 22 -44.28 -10.08 5.19
C LEU B 22 -44.65 -10.92 3.99
N ALA B 23 -44.17 -12.16 3.90
CA ALA B 23 -44.38 -12.95 2.71
C ALA B 23 -44.14 -14.42 3.04
N THR B 24 -44.50 -15.29 2.10
CA THR B 24 -44.34 -16.73 2.26
C THR B 24 -43.26 -17.18 1.30
N VAL B 25 -42.01 -17.20 1.78
CA VAL B 25 -40.93 -17.67 0.93
C VAL B 25 -41.14 -19.12 0.58
N ALA B 26 -41.14 -19.42 -0.72
CA ALA B 26 -41.34 -20.79 -1.19
C ALA B 26 -40.49 -20.99 -2.43
N PHE B 27 -39.44 -21.79 -2.31
CA PHE B 27 -38.51 -22.01 -3.41
C PHE B 27 -39.18 -22.76 -4.55
N CYS B 28 -38.47 -22.84 -5.67
CA CYS B 28 -38.90 -23.62 -6.82
C CYS B 28 -37.90 -24.66 -7.26
N ASP B 29 -36.61 -24.48 -6.94
CA ASP B 29 -35.55 -25.40 -7.32
C ASP B 29 -35.61 -25.71 -8.81
N ALA B 30 -35.45 -24.67 -9.61
CA ALA B 30 -35.53 -24.81 -11.05
C ALA B 30 -34.14 -24.81 -11.67
N GLN B 31 -34.07 -25.36 -12.88
CA GLN B 31 -32.87 -25.25 -13.70
C GLN B 31 -33.23 -24.79 -15.11
N SER B 32 -34.50 -24.46 -15.33
CA SER B 32 -34.98 -24.01 -16.62
C SER B 32 -36.29 -23.28 -16.37
N THR B 33 -36.58 -22.31 -17.23
CA THR B 33 -37.78 -21.53 -17.04
C THR B 33 -39.05 -22.37 -17.09
N GLN B 34 -39.01 -23.55 -17.70
CA GLN B 34 -40.19 -24.40 -17.75
C GLN B 34 -40.16 -25.41 -16.61
N GLU B 35 -39.44 -25.09 -15.55
CA GLU B 35 -39.43 -25.95 -14.37
C GLU B 35 -40.00 -25.26 -13.13
N ILE B 36 -40.53 -24.04 -13.25
CA ILE B 36 -41.21 -23.37 -12.15
C ILE B 36 -42.66 -23.82 -12.20
N HIS B 37 -43.36 -23.72 -11.08
CA HIS B 37 -44.71 -24.23 -10.98
CA HIS B 37 -44.72 -24.22 -10.94
C HIS B 37 -45.74 -23.16 -11.32
N GLU B 38 -46.95 -23.62 -11.63
CA GLU B 38 -48.03 -22.72 -11.99
C GLU B 38 -48.42 -21.82 -10.82
N LYS B 39 -48.36 -22.33 -9.59
CA LYS B 39 -48.64 -21.49 -8.44
C LYS B 39 -47.74 -20.26 -8.41
N VAL B 40 -46.45 -20.43 -8.67
CA VAL B 40 -45.53 -19.30 -8.72
C VAL B 40 -45.71 -18.47 -9.98
N LEU B 41 -45.96 -19.10 -11.13
CA LEU B 41 -46.13 -18.34 -12.36
C LEU B 41 -47.44 -17.60 -12.42
N ASN B 42 -48.35 -17.82 -11.48
CA ASN B 42 -49.58 -17.06 -11.43
C ASN B 42 -49.68 -16.17 -10.20
N GLU B 43 -48.97 -16.47 -9.12
CA GLU B 43 -49.01 -15.57 -7.98
C GLU B 43 -47.67 -15.59 -7.26
N ALA B 44 -46.77 -14.69 -7.65
CA ALA B 44 -45.52 -14.54 -6.94
C ALA B 44 -45.00 -13.13 -7.11
N VAL B 45 -45.28 -12.26 -6.14
CA VAL B 45 -44.94 -10.85 -6.28
C VAL B 45 -43.48 -10.66 -6.64
N GLY B 46 -42.58 -11.23 -5.84
CA GLY B 46 -41.17 -11.08 -6.07
C GLY B 46 -40.50 -12.42 -6.22
N ALA B 47 -39.33 -12.41 -6.82
CA ALA B 47 -38.63 -13.66 -7.07
C ALA B 47 -37.13 -13.47 -7.04
N MET B 48 -36.50 -13.78 -5.91
CA MET B 48 -35.05 -13.70 -5.84
C MET B 48 -34.43 -14.96 -6.42
N MET B 49 -33.60 -14.80 -7.44
CA MET B 49 -33.02 -15.90 -8.17
C MET B 49 -31.51 -15.90 -7.97
N TYR B 50 -30.82 -16.81 -8.64
CA TYR B 50 -29.37 -16.91 -8.54
C TYR B 50 -28.82 -16.77 -9.95
N HIS B 51 -27.58 -17.17 -10.16
CA HIS B 51 -26.90 -16.99 -11.43
C HIS B 51 -27.02 -18.21 -12.33
N THR B 52 -28.04 -19.04 -12.14
CA THR B 52 -28.13 -20.27 -12.92
C THR B 52 -29.30 -20.27 -13.87
N ILE B 53 -30.51 -20.09 -13.38
CA ILE B 53 -31.69 -20.02 -14.24
C ILE B 53 -31.64 -18.70 -15.01
N THR B 54 -31.89 -18.77 -16.31
CA THR B 54 -31.87 -17.60 -17.16
C THR B 54 -33.28 -17.25 -17.62
N LEU B 55 -33.64 -15.99 -17.45
CA LEU B 55 -34.93 -15.49 -17.90
C LEU B 55 -34.74 -14.66 -19.15
N THR B 56 -35.69 -14.77 -20.08
CA THR B 56 -35.57 -14.12 -21.37
C THR B 56 -36.79 -13.22 -21.56
N ARG B 57 -36.80 -12.47 -22.65
CA ARG B 57 -37.91 -11.57 -22.96
C ARG B 57 -39.25 -12.29 -22.98
N GLU B 58 -39.29 -13.53 -23.47
CA GLU B 58 -40.54 -14.25 -23.59
C GLU B 58 -40.87 -15.06 -22.34
N ASP B 59 -40.04 -15.01 -21.31
CA ASP B 59 -40.33 -15.69 -20.06
C ASP B 59 -40.79 -14.74 -18.97
N LEU B 60 -40.42 -13.47 -19.06
CA LEU B 60 -40.88 -12.52 -18.06
C LEU B 60 -42.37 -12.25 -18.15
N GLU B 61 -43.01 -12.51 -19.29
CA GLU B 61 -44.46 -12.40 -19.37
C GLU B 61 -45.11 -13.76 -19.17
N LYS B 62 -44.32 -14.81 -18.96
CA LYS B 62 -44.84 -16.10 -18.57
C LYS B 62 -45.22 -16.11 -17.09
N PHE B 63 -45.05 -14.98 -16.41
CA PHE B 63 -45.53 -14.76 -15.06
C PHE B 63 -46.81 -13.94 -15.13
N LYS B 64 -47.54 -13.91 -14.02
CA LYS B 64 -48.78 -13.14 -13.93
C LYS B 64 -48.65 -11.89 -13.08
N ALA B 65 -47.74 -11.88 -12.11
CA ALA B 65 -47.46 -10.71 -11.31
C ALA B 65 -46.08 -10.87 -10.71
N LEU B 66 -45.13 -10.08 -11.21
CA LEU B 66 -43.73 -10.26 -10.87
C LEU B 66 -43.10 -8.93 -10.51
N ARG B 67 -43.68 -8.23 -9.53
CA ARG B 67 -43.30 -6.86 -9.22
C ARG B 67 -41.78 -6.65 -9.21
N VAL B 68 -40.99 -7.62 -8.75
CA VAL B 68 -39.56 -7.40 -8.57
C VAL B 68 -38.82 -8.72 -8.75
N ILE B 69 -37.59 -8.64 -9.27
CA ILE B 69 -36.70 -9.78 -9.40
C ILE B 69 -35.35 -9.45 -8.79
N VAL B 70 -35.07 -9.94 -7.59
CA VAL B 70 -33.79 -9.64 -6.96
C VAL B 70 -32.77 -10.68 -7.37
N ARG B 71 -31.62 -10.24 -7.81
CA ARG B 71 -30.55 -11.13 -8.24
C ARG B 71 -29.57 -11.30 -7.11
N ILE B 72 -29.54 -12.48 -6.50
CA ILE B 72 -28.62 -12.70 -5.39
C ILE B 72 -27.24 -12.87 -5.98
N GLY B 73 -26.55 -11.76 -6.18
CA GLY B 73 -25.29 -11.79 -6.89
C GLY B 73 -24.90 -10.39 -7.31
N SER B 74 -23.84 -10.31 -8.10
CA SER B 74 -23.27 -9.02 -8.46
C SER B 74 -23.54 -8.71 -9.93
N GLY B 75 -24.22 -9.60 -10.62
CA GLY B 75 -24.41 -9.41 -12.05
C GLY B 75 -25.78 -9.81 -12.56
N TYR B 76 -26.40 -8.93 -13.34
CA TYR B 76 -27.76 -9.13 -13.83
C TYR B 76 -27.80 -9.50 -15.30
N ASP B 77 -26.80 -10.22 -15.80
CA ASP B 77 -26.75 -10.47 -17.24
C ASP B 77 -27.60 -11.64 -17.67
N ASN B 78 -28.07 -12.47 -16.74
CA ASN B 78 -28.96 -13.57 -17.09
C ASN B 78 -30.42 -13.20 -16.93
N VAL B 79 -30.73 -11.91 -16.79
CA VAL B 79 -32.09 -11.41 -16.74
C VAL B 79 -32.21 -10.31 -17.78
N ASP B 80 -33.15 -10.45 -18.70
CA ASP B 80 -33.26 -9.46 -19.77
C ASP B 80 -33.85 -8.17 -19.23
N ILE B 81 -32.99 -7.31 -18.66
CA ILE B 81 -33.48 -6.14 -17.95
C ILE B 81 -34.32 -5.23 -18.82
N LYS B 82 -34.11 -5.23 -20.13
CA LYS B 82 -34.87 -4.37 -21.02
C LYS B 82 -36.28 -4.86 -21.23
N ALA B 83 -36.53 -6.16 -21.05
CA ALA B 83 -37.88 -6.69 -21.07
C ALA B 83 -38.60 -6.47 -19.75
N ALA B 84 -37.93 -6.66 -18.64
CA ALA B 84 -38.52 -6.38 -17.34
C ALA B 84 -38.85 -4.92 -17.16
N GLY B 85 -37.99 -4.02 -17.63
CA GLY B 85 -38.25 -2.60 -17.49
C GLY B 85 -39.47 -2.12 -18.25
N GLU B 86 -40.03 -2.95 -19.12
CA GLU B 86 -41.26 -2.62 -19.79
C GLU B 86 -42.38 -3.59 -19.49
N LEU B 87 -42.10 -4.67 -18.77
CA LEU B 87 -43.13 -5.56 -18.28
C LEU B 87 -43.52 -5.25 -16.84
N GLY B 88 -43.20 -4.06 -16.37
CA GLY B 88 -43.49 -3.66 -15.00
C GLY B 88 -42.75 -4.48 -13.98
N ILE B 89 -41.48 -4.78 -14.22
CA ILE B 89 -40.69 -5.61 -13.33
C ILE B 89 -39.38 -4.91 -13.07
N ALA B 90 -39.15 -4.50 -11.83
CA ALA B 90 -37.85 -3.96 -11.48
C ALA B 90 -36.88 -5.08 -11.18
N VAL B 91 -35.61 -4.84 -11.47
CA VAL B 91 -34.59 -5.86 -11.27
C VAL B 91 -33.49 -5.33 -10.37
N CYS B 92 -33.49 -5.74 -9.11
CA CYS B 92 -32.41 -5.35 -8.23
C CYS B 92 -31.27 -6.35 -8.34
N ASN B 93 -30.21 -6.09 -7.57
CA ASN B 93 -29.12 -7.04 -7.42
C ASN B 93 -28.24 -6.56 -6.29
N ILE B 94 -27.41 -7.44 -5.75
CA ILE B 94 -26.58 -7.11 -4.59
C ILE B 94 -25.15 -6.88 -5.02
N PRO B 95 -24.75 -5.66 -5.33
CA PRO B 95 -23.47 -5.45 -5.98
C PRO B 95 -22.29 -5.58 -5.05
N SER B 96 -22.43 -5.12 -3.82
CA SER B 96 -21.32 -5.04 -2.88
C SER B 96 -21.13 -6.31 -2.08
N ALA B 97 -21.83 -7.38 -2.41
CA ALA B 97 -21.81 -8.58 -1.60
C ALA B 97 -20.42 -9.20 -1.53
N ALA B 98 -19.92 -9.65 -2.67
CA ALA B 98 -18.63 -10.34 -2.73
C ALA B 98 -17.74 -9.56 -3.67
N VAL B 99 -17.09 -8.53 -3.14
CA VAL B 99 -16.06 -7.82 -3.87
C VAL B 99 -14.68 -8.11 -3.30
N GLU B 100 -14.55 -8.21 -1.99
CA GLU B 100 -13.31 -8.66 -1.39
C GLU B 100 -13.12 -10.17 -1.49
N GLU B 101 -14.02 -10.88 -2.17
CA GLU B 101 -13.83 -12.29 -2.45
C GLU B 101 -13.53 -12.57 -3.90
N THR B 102 -14.27 -11.96 -4.83
CA THR B 102 -13.91 -12.09 -6.23
C THR B 102 -12.51 -11.57 -6.49
N ALA B 103 -12.12 -10.48 -5.82
CA ALA B 103 -10.79 -9.94 -5.98
C ALA B 103 -9.72 -10.81 -5.36
N ASP B 104 -9.98 -11.41 -4.20
CA ASP B 104 -9.01 -12.35 -3.65
C ASP B 104 -8.87 -13.58 -4.52
N SER B 105 -9.97 -14.13 -5.02
CA SER B 105 -9.85 -15.30 -5.87
C SER B 105 -9.20 -14.96 -7.20
N THR B 106 -9.47 -13.79 -7.76
CA THR B 106 -8.78 -13.41 -8.98
C THR B 106 -7.31 -13.22 -8.77
N ILE B 107 -6.90 -12.48 -7.74
CA ILE B 107 -5.49 -12.30 -7.45
C ILE B 107 -4.87 -13.58 -6.92
N CYS B 108 -5.66 -14.62 -6.68
CA CYS B 108 -5.07 -15.93 -6.43
C CYS B 108 -4.91 -16.72 -7.70
N HIS B 109 -5.81 -16.57 -8.66
CA HIS B 109 -5.61 -17.22 -9.95
C HIS B 109 -4.36 -16.71 -10.63
N ILE B 110 -4.13 -15.40 -10.55
CA ILE B 110 -2.93 -14.83 -11.14
C ILE B 110 -1.67 -15.43 -10.51
N LEU B 111 -1.64 -15.57 -9.19
CA LEU B 111 -0.48 -16.20 -8.57
C LEU B 111 -0.41 -17.69 -8.83
N ASN B 112 -1.53 -18.37 -9.01
CA ASN B 112 -1.50 -19.78 -9.35
C ASN B 112 -1.02 -20.01 -10.77
N LEU B 113 -1.17 -19.02 -11.64
CA LEU B 113 -0.59 -19.08 -12.96
C LEU B 113 0.88 -18.72 -12.96
N TYR B 114 1.26 -17.70 -12.19
CA TYR B 114 2.63 -17.23 -12.25
C TYR B 114 3.56 -18.17 -11.50
N ARG B 115 3.15 -18.62 -10.32
CA ARG B 115 3.98 -19.47 -9.50
C ARG B 115 3.70 -20.95 -9.71
N ARG B 116 2.62 -21.28 -10.40
CA ARG B 116 2.26 -22.66 -10.66
C ARG B 116 2.17 -23.46 -9.37
N ASN B 117 1.35 -22.99 -8.44
CA ASN B 117 1.13 -23.76 -7.24
C ASN B 117 0.09 -24.85 -7.44
N THR B 118 -0.96 -24.56 -8.19
CA THR B 118 -1.96 -25.59 -8.45
C THR B 118 -1.40 -26.69 -9.33
N TRP B 119 -0.69 -26.32 -10.38
CA TRP B 119 -0.12 -27.35 -11.23
C TRP B 119 0.96 -28.14 -10.49
N LEU B 120 1.71 -27.49 -9.61
CA LEU B 120 2.70 -28.22 -8.83
C LEU B 120 2.02 -29.21 -7.90
N TYR B 121 0.97 -28.77 -7.20
CA TYR B 121 0.24 -29.68 -6.33
C TYR B 121 -0.36 -30.83 -7.11
N GLN B 122 -0.90 -30.55 -8.28
CA GLN B 122 -1.51 -31.60 -9.08
C GLN B 122 -0.48 -32.58 -9.61
N ALA B 123 0.68 -32.08 -10.05
CA ALA B 123 1.74 -32.96 -10.51
C ALA B 123 2.44 -33.66 -9.37
N LEU B 124 2.20 -33.22 -8.14
CA LEU B 124 2.69 -33.93 -6.97
C LEU B 124 1.67 -34.92 -6.43
N ARG B 125 0.39 -34.77 -6.80
CA ARG B 125 -0.61 -35.75 -6.44
C ARG B 125 -0.65 -36.90 -7.44
N GLU B 126 -0.35 -36.62 -8.71
CA GLU B 126 -0.17 -37.71 -9.66
C GLU B 126 0.99 -38.59 -9.26
N GLY B 127 1.88 -38.09 -8.43
CA GLY B 127 3.04 -38.85 -8.01
C GLY B 127 4.24 -38.51 -8.86
N THR B 128 5.17 -37.75 -8.30
CA THR B 128 6.37 -37.36 -9.02
C THR B 128 7.49 -37.20 -8.01
N ARG B 129 8.40 -38.17 -7.98
CA ARG B 129 9.54 -38.11 -7.06
C ARG B 129 10.50 -37.05 -7.58
N VAL B 130 10.14 -35.80 -7.31
CA VAL B 130 10.99 -34.68 -7.69
C VAL B 130 11.99 -34.40 -6.58
N GLN B 131 13.24 -34.79 -6.82
CA GLN B 131 14.27 -34.77 -5.78
C GLN B 131 15.45 -33.89 -6.15
N SER B 132 15.99 -34.08 -7.35
CA SER B 132 17.17 -33.33 -7.74
C SER B 132 16.76 -31.95 -8.22
N VAL B 133 17.64 -30.97 -8.01
CA VAL B 133 17.30 -29.62 -8.41
C VAL B 133 17.16 -29.48 -9.91
N GLU B 134 17.87 -30.29 -10.69
CA GLU B 134 17.58 -30.34 -12.11
C GLU B 134 16.22 -30.95 -12.40
N GLN B 135 15.63 -31.60 -11.41
CA GLN B 135 14.33 -32.23 -11.56
C GLN B 135 13.21 -31.38 -11.01
N ILE B 136 13.53 -30.33 -10.26
CA ILE B 136 12.55 -29.33 -9.87
C ILE B 136 12.22 -28.37 -11.00
N ARG B 137 13.22 -27.90 -11.74
CA ARG B 137 12.94 -26.96 -12.83
C ARG B 137 12.14 -27.59 -13.96
N GLU B 138 12.14 -28.91 -14.07
CA GLU B 138 11.36 -29.57 -15.11
C GLU B 138 9.93 -29.85 -14.69
N VAL B 139 9.57 -29.55 -13.44
CA VAL B 139 8.19 -29.63 -12.99
C VAL B 139 7.63 -28.25 -12.68
N ALA B 140 8.48 -27.25 -12.49
CA ALA B 140 8.04 -25.87 -12.38
C ALA B 140 8.52 -25.02 -13.54
N SER B 141 8.74 -25.61 -14.71
CA SER B 141 9.23 -24.85 -15.86
C SER B 141 8.18 -23.86 -16.30
N GLY B 142 8.45 -22.58 -16.08
CA GLY B 142 7.54 -21.55 -16.53
C GLY B 142 7.14 -20.63 -15.41
N ALA B 143 7.37 -21.06 -14.17
CA ALA B 143 7.03 -20.23 -13.03
C ALA B 143 7.81 -18.94 -13.12
N ALA B 144 7.14 -17.83 -13.42
CA ALA B 144 7.86 -16.61 -13.73
C ALA B 144 7.96 -15.71 -12.51
N ARG B 145 8.79 -14.69 -12.63
CA ARG B 145 8.88 -13.64 -11.63
C ARG B 145 7.81 -12.61 -11.90
N ILE B 146 7.23 -12.08 -10.82
CA ILE B 146 6.08 -11.19 -10.92
C ILE B 146 6.49 -9.74 -10.97
N ARG B 147 7.54 -9.35 -10.27
CA ARG B 147 7.86 -7.94 -10.16
C ARG B 147 8.17 -7.34 -11.51
N GLY B 148 7.23 -6.57 -12.05
CA GLY B 148 7.45 -5.92 -13.32
C GLY B 148 6.77 -6.60 -14.49
N GLU B 149 5.55 -7.08 -14.29
CA GLU B 149 4.78 -7.73 -15.36
C GLU B 149 3.47 -6.98 -15.47
N THR B 150 3.34 -6.15 -16.50
CA THR B 150 2.16 -5.32 -16.67
C THR B 150 0.88 -6.14 -16.62
N LEU B 151 -0.06 -5.75 -15.76
CA LEU B 151 -1.31 -6.47 -15.57
C LEU B 151 -2.44 -5.72 -16.23
N GLY B 152 -2.98 -6.26 -17.32
CA GLY B 152 -4.18 -5.68 -17.88
C GLY B 152 -5.35 -5.85 -16.94
N LEU B 153 -6.41 -5.09 -17.18
CA LEU B 153 -7.65 -5.24 -16.43
C LEU B 153 -8.75 -4.62 -17.26
N ILE B 154 -9.59 -5.44 -17.87
CA ILE B 154 -10.63 -4.92 -18.75
C ILE B 154 -11.79 -4.54 -17.85
N GLY B 155 -11.69 -3.36 -17.25
CA GLY B 155 -12.78 -2.76 -16.51
C GLY B 155 -12.53 -2.48 -15.04
N PHE B 156 -12.41 -1.22 -14.66
CA PHE B 156 -12.45 -0.82 -13.26
C PHE B 156 -13.88 -0.72 -12.76
N GLY B 157 -14.47 -1.86 -12.45
CA GLY B 157 -15.71 -1.82 -11.73
C GLY B 157 -15.46 -1.67 -10.25
N ARG B 158 -16.29 -2.31 -9.43
CA ARG B 158 -15.96 -2.47 -8.03
C ARG B 158 -14.94 -3.56 -7.83
N THR B 159 -15.04 -4.64 -8.60
CA THR B 159 -14.13 -5.76 -8.50
C THR B 159 -12.99 -5.66 -9.49
N GLY B 160 -12.82 -4.51 -10.13
CA GLY B 160 -11.66 -4.29 -10.95
C GLY B 160 -10.66 -3.47 -10.18
N GLN B 161 -11.14 -2.46 -9.46
CA GLN B 161 -10.30 -1.69 -8.57
C GLN B 161 -9.82 -2.51 -7.40
N ALA B 162 -10.65 -3.43 -6.92
CA ALA B 162 -10.26 -4.23 -5.79
C ALA B 162 -9.12 -5.17 -6.11
N VAL B 163 -8.85 -5.41 -7.40
CA VAL B 163 -7.67 -6.17 -7.79
C VAL B 163 -6.48 -5.27 -8.05
N ALA B 164 -6.68 -4.08 -8.60
CA ALA B 164 -5.58 -3.17 -8.78
C ALA B 164 -5.08 -2.62 -7.47
N VAL B 165 -5.86 -2.69 -6.40
CA VAL B 165 -5.42 -2.22 -5.11
C VAL B 165 -4.48 -3.21 -4.44
N ARG B 166 -4.70 -4.50 -4.64
CA ARG B 166 -3.88 -5.51 -4.00
C ARG B 166 -2.90 -6.18 -4.94
N ALA B 167 -2.91 -5.84 -6.23
CA ALA B 167 -1.90 -6.33 -7.15
C ALA B 167 -0.80 -5.31 -7.36
N LYS B 168 -0.96 -4.10 -6.84
CA LYS B 168 0.12 -3.13 -6.90
C LYS B 168 1.22 -3.42 -5.90
N ALA B 169 0.95 -4.28 -4.92
CA ALA B 169 1.96 -4.60 -3.92
C ALA B 169 2.85 -5.73 -4.34
N PHE B 170 2.38 -6.61 -5.22
CA PHE B 170 3.18 -7.73 -5.70
C PHE B 170 4.22 -7.31 -6.72
N GLY B 171 4.18 -6.07 -7.16
CA GLY B 171 5.09 -5.58 -8.17
C GLY B 171 4.44 -5.35 -9.52
N PHE B 172 3.25 -5.92 -9.73
CA PHE B 172 2.53 -5.71 -10.97
C PHE B 172 2.45 -4.24 -11.30
N SER B 173 2.41 -3.92 -12.58
CA SER B 173 2.08 -2.58 -13.04
C SER B 173 0.73 -2.65 -13.71
N VAL B 174 -0.28 -2.07 -13.09
CA VAL B 174 -1.66 -2.24 -13.54
C VAL B 174 -2.00 -1.21 -14.60
N ILE B 175 -2.72 -1.63 -15.63
CA ILE B 175 -3.24 -0.72 -16.65
C ILE B 175 -4.64 -1.17 -17.05
N PHE B 176 -5.65 -0.44 -16.63
CA PHE B 176 -7.01 -0.89 -16.87
C PHE B 176 -7.47 -0.40 -18.24
N TYR B 177 -8.73 -0.67 -18.58
CA TYR B 177 -9.38 -0.13 -19.77
C TYR B 177 -10.87 -0.34 -19.70
N ASP B 178 -11.64 0.73 -19.77
CA ASP B 178 -13.06 0.56 -20.01
C ASP B 178 -13.63 1.90 -20.44
N PRO B 179 -14.48 1.93 -21.45
CA PRO B 179 -14.92 3.20 -22.02
C PRO B 179 -16.04 3.88 -21.27
N TYR B 180 -16.60 3.25 -20.24
CA TYR B 180 -17.75 3.83 -19.60
C TYR B 180 -17.44 4.58 -18.32
N LEU B 181 -16.19 4.59 -17.87
CA LEU B 181 -15.83 5.38 -16.71
C LEU B 181 -15.53 6.81 -17.11
N GLN B 182 -15.99 7.76 -16.30
CA GLN B 182 -15.62 9.15 -16.49
C GLN B 182 -14.12 9.32 -16.30
N ASP B 183 -13.56 10.33 -16.98
CA ASP B 183 -12.17 10.70 -16.77
C ASP B 183 -11.98 10.93 -15.28
N GLY B 184 -10.97 10.33 -14.68
CA GLY B 184 -11.10 10.09 -13.27
C GLY B 184 -10.11 9.12 -12.67
N ILE B 185 -10.68 8.02 -12.15
CA ILE B 185 -10.07 7.04 -11.28
C ILE B 185 -8.60 6.74 -11.62
N GLU B 186 -8.27 6.71 -12.91
CA GLU B 186 -6.89 6.52 -13.32
C GLU B 186 -5.91 7.35 -12.50
N ARG B 187 -6.36 8.49 -11.96
CA ARG B 187 -5.46 9.40 -11.26
C ARG B 187 -5.46 9.13 -9.77
N SER B 188 -6.61 8.75 -9.22
CA SER B 188 -6.75 8.61 -7.78
C SER B 188 -6.17 7.31 -7.25
N LEU B 189 -6.09 6.27 -8.05
CA LEU B 189 -5.50 5.02 -7.60
C LEU B 189 -4.08 4.83 -8.10
N GLY B 190 -3.61 5.64 -9.03
CA GLY B 190 -2.26 5.51 -9.52
C GLY B 190 -2.06 4.34 -10.44
N VAL B 191 -2.92 4.18 -11.43
CA VAL B 191 -2.74 3.17 -12.47
C VAL B 191 -2.85 3.86 -13.82
N GLN B 192 -2.03 3.41 -14.76
CA GLN B 192 -2.15 3.95 -16.11
C GLN B 192 -3.44 3.48 -16.73
N ARG B 193 -3.96 4.27 -17.66
CA ARG B 193 -5.23 3.90 -18.29
C ARG B 193 -5.05 3.94 -19.79
N VAL B 194 -5.34 2.83 -20.45
CA VAL B 194 -5.28 2.79 -21.90
C VAL B 194 -6.71 2.92 -22.42
N TYR B 195 -6.86 3.61 -23.54
CA TYR B 195 -8.19 4.01 -23.98
C TYR B 195 -8.81 3.05 -24.99
N THR B 196 -8.03 2.23 -25.66
CA THR B 196 -8.59 1.30 -26.62
C THR B 196 -8.07 -0.11 -26.35
N LEU B 197 -8.90 -1.09 -26.67
CA LEU B 197 -8.64 -2.47 -26.27
C LEU B 197 -7.36 -3.01 -26.86
N GLN B 198 -7.03 -2.63 -28.09
CA GLN B 198 -5.80 -3.12 -28.69
C GLN B 198 -4.60 -2.76 -27.84
N ASP B 199 -4.64 -1.61 -27.17
CA ASP B 199 -3.53 -1.21 -26.31
C ASP B 199 -3.40 -2.10 -25.08
N LEU B 200 -4.50 -2.27 -24.33
CA LEU B 200 -4.47 -3.17 -23.19
C LEU B 200 -4.03 -4.57 -23.59
N LEU B 201 -4.41 -5.05 -24.76
CA LEU B 201 -3.93 -6.37 -25.12
C LEU B 201 -2.47 -6.37 -25.53
N TYR B 202 -2.00 -5.30 -26.17
CA TYR B 202 -0.64 -5.29 -26.68
C TYR B 202 0.39 -5.08 -25.60
N GLN B 203 0.04 -4.46 -24.48
CA GLN B 203 1.05 -4.18 -23.46
C GLN B 203 0.64 -4.75 -22.11
N SER B 204 0.20 -6.00 -22.07
CA SER B 204 -0.15 -6.62 -20.81
C SER B 204 0.29 -8.07 -20.82
N ASP B 205 0.72 -8.55 -19.66
CA ASP B 205 1.19 -9.92 -19.54
C ASP B 205 0.22 -10.82 -18.82
N CYS B 206 -0.78 -10.27 -18.16
CA CYS B 206 -1.73 -11.13 -17.46
C CYS B 206 -3.14 -10.60 -17.61
N VAL B 207 -3.58 -10.36 -18.85
CA VAL B 207 -4.89 -9.77 -19.12
C VAL B 207 -5.99 -10.43 -18.30
N SER B 208 -6.67 -9.66 -17.47
CA SER B 208 -7.80 -10.16 -16.72
C SER B 208 -9.09 -9.57 -17.26
N LEU B 209 -10.23 -10.08 -16.80
CA LEU B 209 -11.51 -9.59 -17.30
C LEU B 209 -12.39 -9.33 -16.07
N HIS B 210 -12.88 -8.11 -15.97
CA HIS B 210 -13.75 -7.71 -14.87
C HIS B 210 -14.88 -6.81 -15.37
N CYS B 211 -15.47 -7.14 -16.49
CA CYS B 211 -16.51 -6.31 -17.07
C CYS B 211 -17.83 -7.08 -17.07
N ASN B 212 -18.93 -6.38 -16.80
CA ASN B 212 -20.23 -7.02 -16.82
C ASN B 212 -20.62 -7.32 -18.26
N LEU B 213 -21.23 -8.48 -18.47
CA LEU B 213 -21.56 -8.89 -19.82
C LEU B 213 -22.83 -8.21 -20.30
N ASN B 214 -22.69 -7.19 -21.14
CA ASN B 214 -23.83 -6.61 -21.83
C ASN B 214 -23.78 -7.02 -23.30
N GLU B 215 -24.73 -6.56 -24.08
CA GLU B 215 -24.82 -7.02 -25.47
C GLU B 215 -23.74 -6.44 -26.37
N HIS B 216 -22.88 -5.57 -25.85
CA HIS B 216 -21.85 -4.95 -26.69
C HIS B 216 -20.47 -5.55 -26.49
N ASN B 217 -20.29 -6.43 -25.51
CA ASN B 217 -19.00 -7.07 -25.31
C ASN B 217 -19.11 -8.58 -25.27
N HIS B 218 -20.22 -9.14 -25.72
CA HIS B 218 -20.34 -10.58 -25.79
C HIS B 218 -19.24 -11.13 -26.69
N HIS B 219 -18.55 -12.16 -26.21
CA HIS B 219 -17.37 -12.69 -26.88
C HIS B 219 -16.36 -11.60 -27.14
N LEU B 220 -15.94 -10.92 -26.06
CA LEU B 220 -14.94 -9.87 -26.17
C LEU B 220 -13.62 -10.43 -26.71
N ILE B 221 -13.05 -11.40 -26.01
CA ILE B 221 -11.77 -11.98 -26.42
C ILE B 221 -12.11 -13.14 -27.34
N ASN B 222 -12.30 -12.83 -28.61
CA ASN B 222 -12.49 -13.85 -29.63
C ASN B 222 -11.19 -14.14 -30.34
N ASP B 223 -11.26 -14.83 -31.47
CA ASP B 223 -10.06 -15.17 -32.22
C ASP B 223 -9.34 -13.94 -32.75
N PHE B 224 -10.07 -12.86 -33.01
CA PHE B 224 -9.43 -11.67 -33.57
C PHE B 224 -8.64 -10.89 -32.52
N THR B 225 -9.10 -10.87 -31.27
CA THR B 225 -8.35 -10.16 -30.24
C THR B 225 -7.23 -11.00 -29.65
N ILE B 226 -7.35 -12.32 -29.68
CA ILE B 226 -6.27 -13.16 -29.18
C ILE B 226 -4.99 -12.92 -29.95
N LYS B 227 -5.08 -12.78 -31.27
CA LYS B 227 -3.89 -12.50 -32.05
C LYS B 227 -3.26 -11.17 -31.70
N GLN B 228 -4.00 -10.30 -30.98
CA GLN B 228 -3.41 -9.05 -30.52
C GLN B 228 -2.72 -9.19 -29.19
N MET B 229 -3.00 -10.26 -28.44
CA MET B 229 -2.35 -10.46 -27.15
C MET B 229 -0.85 -10.58 -27.32
N ARG B 230 -0.12 -10.21 -26.29
CA ARG B 230 1.32 -10.40 -26.33
C ARG B 230 1.62 -11.90 -26.40
N GLN B 231 2.73 -12.24 -27.03
CA GLN B 231 3.11 -13.65 -27.18
C GLN B 231 3.40 -14.24 -25.81
N GLY B 232 2.50 -15.09 -25.33
CA GLY B 232 2.72 -15.73 -24.06
C GLY B 232 2.27 -14.89 -22.89
N ALA B 233 1.00 -14.53 -22.86
CA ALA B 233 0.46 -13.72 -21.77
C ALA B 233 -0.71 -14.44 -21.16
N PHE B 234 -0.64 -14.70 -19.87
CA PHE B 234 -1.71 -15.39 -19.17
C PHE B 234 -3.02 -14.63 -19.35
N LEU B 235 -4.13 -15.32 -19.12
CA LEU B 235 -5.46 -14.73 -19.29
C LEU B 235 -6.35 -15.23 -18.17
N VAL B 236 -6.55 -14.43 -17.14
CA VAL B 236 -7.44 -14.80 -16.06
C VAL B 236 -8.84 -14.28 -16.38
N ASN B 237 -9.85 -15.06 -16.06
CA ASN B 237 -11.21 -14.60 -16.32
C ASN B 237 -12.12 -15.01 -15.18
N ALA B 238 -12.46 -14.07 -14.31
CA ALA B 238 -13.39 -14.32 -13.23
C ALA B 238 -14.66 -13.52 -13.36
N ALA B 239 -14.90 -12.88 -14.51
CA ALA B 239 -16.04 -12.00 -14.65
C ALA B 239 -17.32 -12.72 -15.00
N ARG B 240 -17.40 -13.25 -16.22
CA ARG B 240 -18.65 -13.79 -16.71
C ARG B 240 -18.41 -14.66 -17.93
N GLY B 241 -19.35 -15.54 -18.20
CA GLY B 241 -19.13 -16.61 -19.15
C GLY B 241 -18.88 -16.19 -20.58
N GLY B 242 -19.88 -15.61 -21.22
CA GLY B 242 -19.78 -15.37 -22.64
C GLY B 242 -18.82 -14.26 -23.01
N LEU B 243 -17.91 -13.93 -22.11
CA LEU B 243 -16.97 -12.83 -22.33
C LEU B 243 -15.76 -13.28 -23.14
N VAL B 244 -15.10 -14.34 -22.71
CA VAL B 244 -13.97 -14.86 -23.45
C VAL B 244 -14.45 -16.00 -24.34
N ASP B 245 -14.05 -15.98 -25.60
CA ASP B 245 -14.44 -17.04 -26.51
C ASP B 245 -13.79 -18.34 -26.06
N GLU B 246 -14.37 -19.45 -26.48
CA GLU B 246 -13.90 -20.74 -26.00
C GLU B 246 -13.03 -21.46 -27.03
N LYS B 247 -13.58 -21.69 -28.22
CA LYS B 247 -12.81 -22.36 -29.25
C LYS B 247 -11.51 -21.60 -29.53
N ALA B 248 -11.60 -20.27 -29.59
CA ALA B 248 -10.42 -19.47 -29.89
C ALA B 248 -9.39 -19.57 -28.77
N LEU B 249 -9.84 -19.54 -27.53
CA LEU B 249 -8.89 -19.64 -26.42
C LEU B 249 -8.23 -21.01 -26.39
N ALA B 250 -8.99 -22.06 -26.68
CA ALA B 250 -8.41 -23.40 -26.76
C ALA B 250 -7.37 -23.46 -27.85
N GLN B 251 -7.69 -22.89 -29.01
CA GLN B 251 -6.73 -22.85 -30.10
C GLN B 251 -5.46 -22.14 -29.67
N ALA B 252 -5.60 -20.99 -29.02
CA ALA B 252 -4.44 -20.20 -28.64
C ALA B 252 -3.61 -20.91 -27.58
N LEU B 253 -4.26 -21.71 -26.73
CA LEU B 253 -3.52 -22.46 -25.72
C LEU B 253 -2.73 -23.59 -26.38
N LYS B 254 -3.39 -24.34 -27.26
CA LYS B 254 -2.74 -25.48 -27.89
C LYS B 254 -1.47 -25.04 -28.61
N GLU B 255 -1.55 -23.98 -29.39
CA GLU B 255 -0.38 -23.47 -30.10
C GLU B 255 0.66 -22.93 -29.14
N GLY B 256 0.31 -21.93 -28.35
CA GLY B 256 1.27 -21.35 -27.44
C GLY B 256 1.16 -19.85 -27.27
N ARG B 257 0.24 -19.20 -27.97
CA ARG B 257 0.08 -17.76 -27.81
C ARG B 257 -0.26 -17.40 -26.37
N ILE B 258 -0.98 -18.26 -25.67
CA ILE B 258 -1.35 -18.05 -24.28
C ILE B 258 -0.55 -19.01 -23.42
N ARG B 259 0.28 -18.49 -22.53
CA ARG B 259 1.16 -19.32 -21.72
C ARG B 259 0.47 -19.85 -20.50
N GLY B 260 -0.86 -19.95 -20.56
CA GLY B 260 -1.63 -20.40 -19.43
C GLY B 260 -2.86 -19.53 -19.28
N ALA B 261 -3.95 -20.09 -18.79
CA ALA B 261 -5.15 -19.28 -18.63
C ALA B 261 -6.05 -19.91 -17.61
N ALA B 262 -6.39 -19.18 -16.55
CA ALA B 262 -7.15 -19.73 -15.44
C ALA B 262 -8.55 -19.15 -15.48
N LEU B 263 -9.42 -19.77 -16.25
CA LEU B 263 -10.81 -19.33 -16.28
C LEU B 263 -11.48 -19.69 -14.96
N ASP B 264 -12.48 -18.90 -14.60
CA ASP B 264 -13.25 -19.16 -13.40
C ASP B 264 -14.72 -19.31 -13.68
N VAL B 265 -15.21 -18.73 -14.77
CA VAL B 265 -16.56 -18.97 -15.22
C VAL B 265 -16.51 -19.28 -16.71
N HIS B 266 -17.35 -20.19 -17.16
CA HIS B 266 -17.25 -20.72 -18.50
C HIS B 266 -18.52 -20.41 -19.28
N GLU B 267 -18.41 -20.53 -20.60
CA GLU B 267 -19.55 -20.24 -21.46
C GLU B 267 -20.64 -21.28 -21.36
N SER B 268 -20.39 -22.41 -20.70
CA SER B 268 -21.37 -23.47 -20.57
C SER B 268 -21.30 -24.02 -19.15
N GLU B 269 -22.24 -23.61 -18.31
CA GLU B 269 -22.27 -24.07 -16.95
C GLU B 269 -23.17 -25.30 -16.83
N PRO B 270 -22.78 -26.32 -16.08
CA PRO B 270 -21.56 -26.45 -15.30
C PRO B 270 -20.41 -26.98 -16.11
N PHE B 271 -19.20 -26.49 -15.86
CA PHE B 271 -18.05 -26.89 -16.65
C PHE B 271 -17.47 -28.19 -16.11
N SER B 272 -16.91 -28.98 -17.00
CA SER B 272 -16.18 -30.18 -16.64
C SER B 272 -15.12 -30.45 -17.70
N PHE B 273 -14.10 -31.22 -17.31
CA PHE B 273 -12.94 -31.42 -18.17
C PHE B 273 -13.14 -32.59 -19.13
N ALA B 274 -14.38 -32.91 -19.46
CA ALA B 274 -14.63 -34.06 -20.31
C ALA B 274 -15.67 -33.73 -21.38
N GLN B 275 -16.02 -32.46 -21.50
CA GLN B 275 -16.93 -32.03 -22.56
C GLN B 275 -16.67 -30.56 -22.83
N GLY B 276 -16.89 -30.17 -24.08
CA GLY B 276 -16.72 -28.80 -24.46
C GLY B 276 -15.42 -28.54 -25.18
N PRO B 277 -15.21 -27.30 -25.60
CA PRO B 277 -14.04 -26.99 -26.44
C PRO B 277 -12.71 -27.13 -25.72
N LEU B 278 -12.71 -27.04 -24.39
CA LEU B 278 -11.48 -27.09 -23.62
C LEU B 278 -11.13 -28.50 -23.18
N LYS B 279 -11.56 -29.51 -23.94
CA LYS B 279 -11.39 -30.89 -23.52
C LYS B 279 -9.91 -31.26 -23.43
N ASP B 280 -9.10 -30.75 -24.36
CA ASP B 280 -7.69 -31.12 -24.41
C ASP B 280 -6.75 -29.93 -24.33
N ALA B 281 -7.16 -28.84 -23.69
CA ALA B 281 -6.31 -27.67 -23.61
C ALA B 281 -5.25 -27.86 -22.53
N PRO B 282 -4.00 -27.53 -22.80
CA PRO B 282 -2.97 -27.56 -21.76
C PRO B 282 -2.83 -26.21 -21.08
N ASN B 283 -2.28 -26.25 -19.87
CA ASN B 283 -2.05 -25.04 -19.09
C ASN B 283 -3.35 -24.28 -18.88
N LEU B 284 -4.28 -24.92 -18.16
CA LEU B 284 -5.60 -24.31 -17.97
C LEU B 284 -6.14 -24.70 -16.61
N ILE B 285 -6.39 -23.71 -15.77
CA ILE B 285 -7.02 -23.89 -14.47
C ILE B 285 -8.48 -23.48 -14.58
N CYS B 286 -9.36 -24.16 -13.86
CA CYS B 286 -10.76 -23.77 -13.87
C CYS B 286 -11.41 -24.14 -12.56
N THR B 287 -12.11 -23.20 -11.98
CA THR B 287 -12.89 -23.44 -10.79
C THR B 287 -14.37 -23.31 -11.11
N PRO B 288 -15.25 -24.01 -10.41
CA PRO B 288 -16.63 -24.10 -10.85
C PRO B 288 -17.49 -22.90 -10.48
N HIS B 289 -17.16 -21.72 -10.99
CA HIS B 289 -17.93 -20.51 -10.70
C HIS B 289 -17.94 -20.21 -9.21
N THR B 290 -16.82 -20.45 -8.56
CA THR B 290 -16.69 -20.22 -7.12
C THR B 290 -15.57 -19.22 -6.89
N ALA B 291 -15.91 -17.94 -6.98
CA ALA B 291 -15.07 -16.87 -6.50
C ALA B 291 -15.89 -15.87 -5.72
N TRP B 292 -17.20 -16.01 -5.78
CA TRP B 292 -18.11 -15.16 -5.04
C TRP B 292 -18.42 -15.73 -3.67
N TYR B 293 -17.94 -16.93 -3.38
CA TYR B 293 -18.42 -17.66 -2.22
C TYR B 293 -17.47 -17.55 -1.04
N SER B 294 -18.06 -17.55 0.15
CA SER B 294 -17.36 -17.74 1.40
C SER B 294 -18.40 -18.16 2.42
N GLU B 295 -18.03 -18.15 3.69
CA GLU B 295 -19.02 -18.36 4.72
C GLU B 295 -19.72 -17.07 5.12
N GLN B 296 -19.15 -15.91 4.79
CA GLN B 296 -19.74 -14.64 5.15
C GLN B 296 -20.21 -13.83 3.95
N ALA B 297 -19.85 -14.20 2.73
CA ALA B 297 -20.39 -13.49 1.58
C ALA B 297 -21.68 -14.10 1.08
N SER B 298 -22.00 -15.33 1.48
CA SER B 298 -23.34 -15.85 1.27
C SER B 298 -24.32 -15.36 2.32
N LEU B 299 -23.94 -15.43 3.60
CA LEU B 299 -24.76 -14.91 4.68
C LEU B 299 -24.99 -13.41 4.56
N GLU B 300 -24.19 -12.72 3.77
CA GLU B 300 -24.39 -11.30 3.56
C GLU B 300 -25.13 -10.98 2.28
N MET B 301 -24.99 -11.76 1.23
CA MET B 301 -25.76 -11.45 0.04
C MET B 301 -27.19 -11.98 0.13
N ARG B 302 -27.40 -13.14 0.75
CA ARG B 302 -28.76 -13.64 0.88
C ARG B 302 -29.57 -12.75 1.81
N GLU B 303 -28.98 -12.36 2.94
CA GLU B 303 -29.65 -11.44 3.85
C GLU B 303 -29.99 -10.13 3.16
N ALA B 304 -29.02 -9.56 2.45
CA ALA B 304 -29.23 -8.27 1.81
C ALA B 304 -30.08 -8.37 0.55
N ALA B 305 -30.34 -9.57 0.06
CA ALA B 305 -31.31 -9.74 -1.02
C ALA B 305 -32.71 -9.96 -0.51
N ALA B 306 -32.87 -10.59 0.65
CA ALA B 306 -34.18 -10.64 1.28
C ALA B 306 -34.60 -9.30 1.86
N THR B 307 -33.65 -8.53 2.37
CA THR B 307 -33.95 -7.15 2.75
C THR B 307 -34.36 -6.32 1.55
N GLU B 308 -33.94 -6.68 0.35
CA GLU B 308 -34.40 -5.99 -0.85
C GLU B 308 -35.84 -6.31 -1.19
N ILE B 309 -36.27 -7.55 -0.99
CA ILE B 309 -37.67 -7.90 -1.13
C ILE B 309 -38.51 -7.19 -0.08
N ARG B 310 -38.01 -7.11 1.15
CA ARG B 310 -38.73 -6.36 2.17
C ARG B 310 -38.95 -4.93 1.74
N ARG B 311 -37.95 -4.30 1.11
CA ARG B 311 -38.10 -2.91 0.73
C ARG B 311 -39.05 -2.75 -0.44
N ALA B 312 -39.24 -3.79 -1.24
CA ALA B 312 -40.06 -3.66 -2.43
C ALA B 312 -41.44 -4.26 -2.21
N ILE B 313 -41.66 -4.81 -1.02
CA ILE B 313 -42.95 -5.42 -0.72
C ILE B 313 -43.74 -4.48 0.16
N THR B 314 -43.09 -3.43 0.66
CA THR B 314 -43.78 -2.41 1.44
C THR B 314 -43.68 -1.05 0.77
N GLY B 315 -42.49 -0.71 0.28
CA GLY B 315 -42.28 0.58 -0.32
C GLY B 315 -42.75 0.64 -1.76
N ARG B 316 -42.75 1.85 -2.31
CA ARG B 316 -43.15 2.01 -3.69
C ARG B 316 -42.06 1.48 -4.61
N ILE B 317 -42.47 0.80 -5.68
CA ILE B 317 -41.51 0.25 -6.63
C ILE B 317 -41.57 1.10 -7.89
N PRO B 318 -40.43 1.51 -8.48
CA PRO B 318 -39.07 1.24 -8.03
C PRO B 318 -38.42 2.42 -7.34
N GLU B 319 -39.18 3.31 -6.71
CA GLU B 319 -38.60 4.46 -6.05
C GLU B 319 -38.12 4.17 -4.64
N SER B 320 -38.31 2.95 -4.15
CA SER B 320 -37.81 2.60 -2.82
C SER B 320 -36.95 1.36 -2.90
N LEU B 321 -36.15 1.25 -3.95
CA LEU B 321 -35.26 0.10 -4.13
C LEU B 321 -33.83 0.62 -4.07
N ARG B 322 -33.06 0.08 -3.15
CA ARG B 322 -31.71 0.59 -3.00
C ARG B 322 -30.79 0.18 -4.11
N ASN B 323 -31.12 -0.72 -5.04
CA ASN B 323 -30.12 -1.13 -6.01
C ASN B 323 -30.68 -1.46 -7.39
N CYS B 324 -31.81 -0.88 -7.77
CA CYS B 324 -32.43 -1.23 -9.04
C CYS B 324 -31.49 -0.93 -10.19
N VAL B 325 -31.49 -1.80 -11.19
CA VAL B 325 -30.54 -1.66 -12.30
C VAL B 325 -31.27 -1.45 -13.61
N ASN B 326 -32.58 -1.20 -13.56
CA ASN B 326 -33.22 -0.71 -14.77
C ASN B 326 -34.15 0.42 -14.36
N LYS B 327 -33.62 1.63 -14.40
CA LYS B 327 -34.46 2.82 -14.33
C LYS B 327 -35.04 3.18 -15.68
N GLU B 328 -34.84 2.32 -16.68
CA GLU B 328 -35.63 2.33 -17.91
C GLU B 328 -36.92 1.55 -17.69
N PHE B 329 -37.29 1.43 -16.41
CA PHE B 329 -38.54 0.84 -15.96
C PHE B 329 -39.68 1.79 -16.32
N PHE B 330 -40.43 1.42 -17.34
CA PHE B 330 -41.47 2.27 -17.90
C PHE B 330 -40.91 3.58 -18.42
N ARG C 1 -13.65 30.28 -36.37
CA ARG C 1 -14.76 30.12 -35.45
C ARG C 1 -14.91 31.37 -34.61
N PRO C 2 -16.10 31.60 -34.11
CA PRO C 2 -16.35 32.81 -33.31
C PRO C 2 -15.42 32.93 -32.11
N LEU C 3 -15.24 34.16 -31.65
CA LEU C 3 -14.44 34.49 -30.48
C LEU C 3 -14.75 33.58 -29.30
N VAL C 4 -13.75 32.84 -28.82
CA VAL C 4 -13.85 32.12 -27.56
C VAL C 4 -13.18 33.00 -26.51
N ALA C 5 -13.91 33.33 -25.46
CA ALA C 5 -13.39 34.24 -24.46
C ALA C 5 -12.53 33.46 -23.47
N LEU C 6 -11.85 34.17 -22.57
CA LEU C 6 -11.15 33.55 -21.47
C LEU C 6 -11.45 34.29 -20.18
N LEU C 7 -12.72 34.47 -19.85
CA LEU C 7 -13.22 35.46 -18.89
C LEU C 7 -12.27 35.75 -17.74
N ASP C 8 -11.82 34.71 -17.06
CA ASP C 8 -11.00 34.89 -15.87
C ASP C 8 -9.53 34.68 -16.17
N GLY C 9 -8.91 35.53 -16.97
CA GLY C 9 -7.49 35.40 -17.18
C GLY C 9 -6.92 36.54 -17.98
N ARG C 10 -5.61 36.73 -17.83
CA ARG C 10 -4.85 37.67 -18.62
C ARG C 10 -3.85 36.98 -19.53
N ASP C 11 -3.76 35.67 -19.48
CA ASP C 11 -2.76 34.90 -20.22
C ASP C 11 -3.43 33.77 -20.98
N CYS C 12 -3.45 33.90 -22.30
CA CYS C 12 -3.91 32.84 -23.19
C CYS C 12 -2.71 32.43 -24.03
N THR C 13 -1.88 31.56 -23.47
CA THR C 13 -0.62 31.18 -24.06
C THR C 13 -0.59 29.73 -24.52
N VAL C 14 -1.37 28.85 -23.90
CA VAL C 14 -1.36 27.46 -24.28
C VAL C 14 -2.73 27.11 -24.83
N GLU C 15 -3.72 27.92 -24.51
CA GLU C 15 -5.04 27.78 -25.13
C GLU C 15 -5.05 28.25 -26.57
N MET C 16 -4.15 29.15 -26.93
CA MET C 16 -4.21 29.76 -28.25
C MET C 16 -3.61 28.86 -29.34
N PRO C 17 -2.36 28.40 -29.21
CA PRO C 17 -1.77 27.65 -30.33
C PRO C 17 -2.52 26.38 -30.68
N ILE C 18 -3.38 25.92 -29.78
CA ILE C 18 -4.28 24.81 -30.07
C ILE C 18 -5.56 25.30 -30.73
N LEU C 19 -5.95 26.53 -30.45
CA LEU C 19 -7.16 27.12 -31.00
C LEU C 19 -6.86 28.10 -32.13
N LYS C 20 -5.60 28.20 -32.56
CA LYS C 20 -5.23 29.26 -33.50
C LYS C 20 -5.94 29.11 -34.84
N ASP C 21 -6.22 27.89 -35.28
CA ASP C 21 -6.84 27.68 -36.57
C ASP C 21 -8.35 27.63 -36.49
N LEU C 22 -8.92 27.52 -35.29
CA LEU C 22 -10.36 27.49 -35.18
C LEU C 22 -10.94 28.84 -34.81
N ALA C 23 -10.52 29.42 -33.70
CA ALA C 23 -11.12 30.66 -33.24
C ALA C 23 -10.01 31.60 -32.79
N THR C 24 -10.39 32.81 -32.38
CA THR C 24 -9.41 33.81 -31.95
C THR C 24 -9.65 34.07 -30.47
N VAL C 25 -8.78 33.52 -29.63
CA VAL C 25 -8.99 33.64 -28.19
C VAL C 25 -8.77 35.07 -27.73
N ALA C 26 -9.58 35.50 -26.76
CA ALA C 26 -9.40 36.78 -26.10
C ALA C 26 -9.66 36.64 -24.62
N PHE C 27 -9.27 37.63 -23.83
CA PHE C 27 -9.38 37.57 -22.39
C PHE C 27 -10.14 38.79 -21.89
N CYS C 28 -10.53 38.75 -20.62
CA CYS C 28 -11.36 39.79 -20.06
C CYS C 28 -10.94 40.27 -18.67
N ASP C 29 -10.18 39.48 -17.92
CA ASP C 29 -9.72 39.86 -16.59
C ASP C 29 -10.85 40.20 -15.63
N ALA C 30 -12.04 39.69 -15.90
CA ALA C 30 -13.19 40.06 -15.08
C ALA C 30 -13.10 39.46 -13.68
N GLN C 31 -12.79 40.30 -12.69
CA GLN C 31 -12.90 39.85 -11.31
C GLN C 31 -14.37 39.74 -10.93
N SER C 32 -15.22 40.32 -11.77
CA SER C 32 -16.67 40.20 -11.63
C SER C 32 -17.25 40.28 -13.03
N THR C 33 -18.40 39.65 -13.21
CA THR C 33 -18.92 39.48 -14.55
C THR C 33 -19.34 40.81 -15.20
N GLN C 34 -19.70 41.81 -14.42
CA GLN C 34 -20.08 43.12 -14.94
C GLN C 34 -18.87 43.93 -15.38
N GLU C 35 -17.73 43.27 -15.54
CA GLU C 35 -16.46 43.90 -15.91
C GLU C 35 -15.91 43.26 -17.17
N ILE C 36 -16.77 42.62 -17.97
CA ILE C 36 -16.26 41.87 -19.11
C ILE C 36 -16.20 42.75 -20.35
N HIS C 37 -17.37 43.14 -20.87
CA HIS C 37 -17.43 43.87 -22.13
C HIS C 37 -18.89 44.15 -22.47
N GLU C 38 -19.08 44.85 -23.58
CA GLU C 38 -20.41 45.03 -24.16
C GLU C 38 -20.54 44.35 -25.51
N LYS C 39 -19.43 43.88 -26.10
CA LYS C 39 -19.43 43.21 -27.39
C LYS C 39 -19.11 41.73 -27.27
N VAL C 40 -18.07 41.38 -26.51
CA VAL C 40 -17.80 39.97 -26.22
C VAL C 40 -18.98 39.40 -25.46
N LEU C 41 -19.45 40.15 -24.46
CA LEU C 41 -20.60 39.74 -23.67
C LEU C 41 -21.80 39.53 -24.57
N ASN C 42 -21.78 40.14 -25.76
CA ASN C 42 -22.90 40.02 -26.67
C ASN C 42 -22.70 38.81 -27.53
N GLU C 43 -21.56 38.63 -28.19
CA GLU C 43 -21.54 37.69 -29.29
C GLU C 43 -20.27 36.86 -29.41
N ALA C 44 -19.67 36.43 -28.30
CA ALA C 44 -18.40 35.74 -28.50
C ALA C 44 -18.53 34.38 -29.19
N VAL C 45 -18.62 33.29 -28.43
CA VAL C 45 -19.25 32.05 -28.89
C VAL C 45 -19.67 31.26 -27.66
N GLY C 46 -19.01 31.58 -26.56
CA GLY C 46 -18.70 30.60 -25.54
C GLY C 46 -17.55 31.14 -24.69
N ALA C 47 -16.88 30.25 -23.98
CA ALA C 47 -15.95 30.76 -22.99
C ALA C 47 -15.08 29.65 -22.45
N MET C 48 -14.21 30.05 -21.53
CA MET C 48 -13.48 29.11 -20.69
C MET C 48 -12.98 29.86 -19.47
N MET C 49 -13.54 29.56 -18.31
CA MET C 49 -13.33 30.41 -17.14
C MET C 49 -12.38 29.79 -16.13
N TYR C 50 -12.11 30.52 -15.07
CA TYR C 50 -11.40 29.98 -13.93
C TYR C 50 -12.37 30.07 -12.76
N HIS C 51 -11.92 29.81 -11.54
CA HIS C 51 -12.80 29.69 -10.39
C HIS C 51 -12.92 31.00 -9.63
N THR C 52 -13.09 32.12 -10.31
CA THR C 52 -13.30 33.34 -9.54
C THR C 52 -14.52 34.12 -10.00
N ILE C 53 -14.76 34.16 -11.31
CA ILE C 53 -15.88 34.91 -11.82
C ILE C 53 -17.14 34.05 -11.82
N THR C 54 -18.10 34.40 -10.98
CA THR C 54 -19.33 33.62 -10.88
C THR C 54 -20.34 34.10 -11.90
N LEU C 55 -20.97 33.15 -12.60
CA LEU C 55 -21.99 33.45 -13.60
C LEU C 55 -23.33 32.95 -13.07
N THR C 56 -24.26 33.88 -12.85
CA THR C 56 -25.56 33.48 -12.34
C THR C 56 -26.61 33.50 -13.46
N ARG C 57 -27.79 32.98 -13.11
CA ARG C 57 -28.94 32.93 -14.03
C ARG C 57 -29.17 34.27 -14.71
N GLU C 58 -29.43 35.30 -13.91
CA GLU C 58 -29.60 36.65 -14.44
C GLU C 58 -28.37 37.15 -15.17
N ASP C 59 -27.23 36.46 -15.02
CA ASP C 59 -26.02 36.91 -15.68
C ASP C 59 -25.73 36.09 -16.93
N LEU C 60 -26.00 34.78 -16.90
CA LEU C 60 -25.93 34.02 -18.14
C LEU C 60 -26.95 34.49 -19.15
N GLU C 61 -28.09 35.00 -18.70
CA GLU C 61 -29.04 35.59 -19.63
C GLU C 61 -28.45 36.78 -20.36
N LYS C 62 -27.37 37.36 -19.84
CA LYS C 62 -26.81 38.57 -20.42
C LYS C 62 -26.00 38.25 -21.68
N PHE C 63 -25.31 37.12 -21.69
CA PHE C 63 -24.63 36.66 -22.90
C PHE C 63 -25.65 36.35 -23.97
N LYS C 64 -25.33 36.72 -25.22
CA LYS C 64 -26.31 36.56 -26.29
C LYS C 64 -25.92 35.49 -27.31
N ALA C 65 -24.64 35.10 -27.39
CA ALA C 65 -24.29 34.01 -28.28
C ALA C 65 -23.42 32.95 -27.62
N LEU C 66 -23.76 32.50 -26.42
CA LEU C 66 -22.95 31.55 -25.69
C LEU C 66 -23.28 30.12 -26.10
N ARG C 67 -22.34 29.43 -26.75
CA ARG C 67 -22.55 28.01 -27.00
C ARG C 67 -22.12 27.16 -25.82
N VAL C 68 -20.86 27.26 -25.40
CA VAL C 68 -20.30 26.35 -24.41
C VAL C 68 -19.49 27.12 -23.38
N ILE C 69 -19.58 26.69 -22.13
CA ILE C 69 -18.68 27.10 -21.08
C ILE C 69 -17.74 25.94 -20.78
N VAL C 70 -16.48 26.26 -20.54
CA VAL C 70 -15.52 25.22 -20.19
C VAL C 70 -14.73 25.65 -18.98
N ARG C 71 -15.15 25.21 -17.81
CA ARG C 71 -14.36 25.50 -16.63
C ARG C 71 -12.97 24.88 -16.79
N ILE C 72 -11.99 25.49 -16.15
CA ILE C 72 -10.62 24.98 -16.19
C ILE C 72 -10.32 24.51 -14.79
N GLY C 73 -11.35 24.04 -14.09
CA GLY C 73 -11.15 23.55 -12.75
C GLY C 73 -11.59 22.12 -12.61
N SER C 74 -12.04 21.75 -11.42
CA SER C 74 -12.58 20.41 -11.23
C SER C 74 -14.03 20.52 -10.83
N GLY C 75 -14.42 21.67 -10.32
CA GLY C 75 -15.79 21.89 -9.92
C GLY C 75 -16.46 22.99 -10.72
N TYR C 76 -17.79 22.93 -10.73
CA TYR C 76 -18.56 23.88 -11.52
C TYR C 76 -19.62 24.56 -10.69
N ASP C 77 -19.34 24.83 -9.42
CA ASP C 77 -20.35 25.42 -8.56
C ASP C 77 -20.69 26.84 -8.95
N ASN C 78 -19.74 27.58 -9.51
CA ASN C 78 -19.93 29.00 -9.78
C ASN C 78 -20.67 29.25 -11.08
N VAL C 79 -21.30 28.23 -11.64
CA VAL C 79 -22.12 28.37 -12.84
C VAL C 79 -23.43 27.66 -12.59
N ASP C 80 -24.55 28.32 -12.89
CA ASP C 80 -25.83 27.65 -12.69
C ASP C 80 -26.07 26.65 -13.81
N ILE C 81 -25.42 25.49 -13.72
CA ILE C 81 -25.62 24.42 -14.68
C ILE C 81 -27.12 24.17 -14.84
N LYS C 82 -27.86 24.18 -13.74
CA LYS C 82 -29.30 23.96 -13.79
C LYS C 82 -30.02 25.03 -14.55
N ALA C 83 -29.44 26.23 -14.64
CA ALA C 83 -30.08 27.32 -15.37
C ALA C 83 -29.46 27.48 -16.75
N ALA C 84 -28.19 27.15 -16.89
CA ALA C 84 -27.52 27.26 -18.18
C ALA C 84 -28.07 26.29 -19.20
N GLY C 85 -28.55 25.12 -18.78
CA GLY C 85 -29.15 24.20 -19.71
C GLY C 85 -30.47 24.76 -20.20
N GLU C 86 -31.32 25.18 -19.27
CA GLU C 86 -32.57 25.85 -19.64
C GLU C 86 -32.33 27.09 -20.48
N LEU C 87 -31.09 27.57 -20.55
CA LEU C 87 -30.82 28.77 -21.32
C LEU C 87 -30.29 28.44 -22.71
N GLY C 88 -29.70 27.27 -22.87
CA GLY C 88 -29.26 26.79 -24.17
C GLY C 88 -27.78 26.51 -24.23
N ILE C 89 -27.13 26.61 -23.08
CA ILE C 89 -25.69 26.60 -22.99
C ILE C 89 -25.24 25.27 -22.39
N ALA C 90 -24.14 24.74 -22.91
CA ALA C 90 -23.55 23.54 -22.35
C ALA C 90 -22.39 23.94 -21.46
N VAL C 91 -22.24 23.23 -20.35
CA VAL C 91 -21.18 23.53 -19.38
C VAL C 91 -20.30 22.31 -19.25
N CYS C 92 -19.00 22.54 -19.15
CA CYS C 92 -18.06 21.43 -19.11
C CYS C 92 -16.89 21.83 -18.23
N ASN C 93 -16.26 20.82 -17.62
CA ASN C 93 -15.09 21.06 -16.80
C ASN C 93 -14.05 20.01 -17.09
N ILE C 94 -12.84 20.25 -16.61
CA ILE C 94 -11.74 19.30 -16.74
C ILE C 94 -11.65 18.49 -15.44
N PRO C 95 -12.28 17.35 -15.38
CA PRO C 95 -12.53 16.73 -14.09
C PRO C 95 -11.30 16.13 -13.45
N SER C 96 -10.43 15.52 -14.25
CA SER C 96 -9.31 14.78 -13.70
C SER C 96 -8.02 15.44 -14.14
N ALA C 97 -7.65 16.49 -13.42
CA ALA C 97 -6.35 17.11 -13.55
C ALA C 97 -6.14 17.88 -12.26
N ALA C 98 -5.00 17.64 -11.63
CA ALA C 98 -4.78 18.02 -10.24
C ALA C 98 -5.72 17.25 -9.32
N VAL C 99 -5.96 15.98 -9.64
CA VAL C 99 -6.40 15.04 -8.62
C VAL C 99 -5.22 14.53 -7.80
N GLU C 100 -4.05 14.44 -8.41
CA GLU C 100 -2.82 14.10 -7.72
C GLU C 100 -2.20 15.28 -7.00
N GLU C 101 -2.78 16.45 -7.12
CA GLU C 101 -2.28 17.61 -6.39
C GLU C 101 -3.19 18.06 -5.27
N THR C 102 -4.51 18.03 -5.47
CA THR C 102 -5.40 18.26 -4.35
C THR C 102 -5.19 17.24 -3.24
N ALA C 103 -4.91 15.99 -3.61
CA ALA C 103 -4.70 14.92 -2.64
C ALA C 103 -3.26 14.84 -2.16
N ASP C 104 -2.38 15.71 -2.65
CA ASP C 104 -1.06 15.86 -2.05
C ASP C 104 -0.97 17.14 -1.24
N SER C 105 -1.87 18.08 -1.45
CA SER C 105 -2.04 19.18 -0.53
C SER C 105 -2.95 18.84 0.64
N THR C 106 -3.91 17.95 0.47
CA THR C 106 -4.71 17.53 1.61
C THR C 106 -3.94 16.62 2.55
N ILE C 107 -3.05 15.77 2.06
CA ILE C 107 -2.20 14.97 2.94
C ILE C 107 -1.01 15.78 3.45
N CYS C 108 -0.91 17.03 3.05
CA CYS C 108 0.05 17.91 3.70
C CYS C 108 -0.59 18.85 4.69
N HIS C 109 -1.80 19.31 4.43
CA HIS C 109 -2.59 20.01 5.44
C HIS C 109 -2.92 19.12 6.61
N ILE C 110 -2.94 17.81 6.41
CA ILE C 110 -3.19 16.89 7.51
C ILE C 110 -1.94 16.59 8.30
N LEU C 111 -0.78 16.51 7.68
CA LEU C 111 0.45 16.38 8.42
C LEU C 111 0.94 17.70 8.99
N ASN C 112 0.60 18.84 8.38
CA ASN C 112 0.93 20.14 8.95
C ASN C 112 0.14 20.43 10.21
N LEU C 113 -0.89 19.65 10.51
CA LEU C 113 -1.61 19.79 11.75
C LEU C 113 -1.18 18.78 12.78
N TYR C 114 -0.88 17.56 12.38
CA TYR C 114 -0.45 16.55 13.32
C TYR C 114 1.00 16.68 13.71
N ARG C 115 1.82 17.34 12.89
CA ARG C 115 3.21 17.54 13.20
C ARG C 115 3.57 19.00 13.40
N ARG C 116 2.75 19.92 12.93
CA ARG C 116 2.97 21.34 13.10
C ARG C 116 4.31 21.77 12.47
N ASN C 117 4.57 21.23 11.29
CA ASN C 117 5.75 21.65 10.54
C ASN C 117 5.59 22.99 9.88
N THR C 118 4.45 23.65 10.03
CA THR C 118 4.29 25.01 9.57
C THR C 118 4.05 26.00 10.68
N TRP C 119 3.65 25.54 11.86
CA TRP C 119 3.70 26.39 13.03
C TRP C 119 5.05 26.37 13.70
N LEU C 120 5.77 25.24 13.64
CA LEU C 120 7.14 25.25 14.10
C LEU C 120 8.03 26.11 13.23
N TYR C 121 7.78 26.16 11.93
CA TYR C 121 8.54 27.02 11.05
C TYR C 121 8.19 28.49 11.25
N GLN C 122 6.94 28.79 11.55
CA GLN C 122 6.56 30.13 11.93
C GLN C 122 7.23 30.55 13.22
N ALA C 123 6.97 29.82 14.30
CA ALA C 123 7.51 30.18 15.61
C ALA C 123 9.02 30.23 15.59
N LEU C 124 9.65 29.55 14.63
CA LEU C 124 11.08 29.66 14.47
C LEU C 124 11.46 30.74 13.47
N ARG C 125 10.51 31.24 12.69
CA ARG C 125 10.71 32.43 11.88
C ARG C 125 10.42 33.70 12.67
N GLU C 126 10.10 33.56 13.94
CA GLU C 126 9.94 34.71 14.83
C GLU C 126 11.02 34.83 15.88
N GLY C 127 11.91 33.86 16.01
CA GLY C 127 13.03 34.00 16.92
C GLY C 127 12.84 33.30 18.24
N THR C 128 12.36 32.06 18.21
CA THR C 128 12.15 31.28 19.42
C THR C 128 13.36 30.37 19.63
N ARG C 129 14.37 30.88 20.33
CA ARG C 129 15.50 30.08 20.73
C ARG C 129 15.04 28.90 21.56
N VAL C 130 15.34 27.68 21.09
CA VAL C 130 14.87 26.45 21.70
C VAL C 130 16.05 25.48 21.81
N GLN C 131 16.75 25.51 22.94
CA GLN C 131 17.84 24.57 23.13
C GLN C 131 17.44 23.49 24.13
N SER C 132 16.84 23.88 25.23
CA SER C 132 16.43 22.89 26.22
C SER C 132 15.24 22.10 25.70
N VAL C 133 15.30 20.78 25.85
CA VAL C 133 14.24 19.96 25.31
C VAL C 133 12.93 20.23 26.03
N GLU C 134 13.00 20.64 27.29
CA GLU C 134 11.78 21.07 27.96
C GLU C 134 11.15 22.26 27.28
N GLN C 135 11.85 22.89 26.33
CA GLN C 135 11.37 24.04 25.59
C GLN C 135 10.96 23.66 24.17
N ILE C 136 11.64 22.68 23.59
CA ILE C 136 11.15 22.05 22.37
C ILE C 136 9.77 21.46 22.60
N ARG C 137 9.59 20.72 23.69
CA ARG C 137 8.30 20.13 23.99
C ARG C 137 7.23 21.18 24.22
N GLU C 138 7.64 22.44 24.33
CA GLU C 138 6.66 23.50 24.48
C GLU C 138 6.34 24.16 23.14
N VAL C 139 7.35 24.43 22.31
CA VAL C 139 7.08 25.11 21.04
C VAL C 139 6.26 24.20 20.13
N ALA C 140 6.41 22.89 20.30
CA ALA C 140 5.64 21.91 19.53
C ALA C 140 4.64 21.16 20.38
N SER C 141 4.11 21.81 21.42
CA SER C 141 3.18 21.15 22.33
C SER C 141 1.83 21.05 21.62
N GLY C 142 1.53 19.84 21.18
CA GLY C 142 0.26 19.58 20.51
C GLY C 142 0.41 18.60 19.38
N ALA C 143 1.63 18.46 18.86
CA ALA C 143 1.88 17.47 17.84
C ALA C 143 1.48 16.11 18.35
N ALA C 144 0.92 15.29 17.48
CA ALA C 144 0.33 14.04 17.93
C ALA C 144 0.80 12.90 17.06
N ARG C 145 0.72 11.70 17.62
CA ARG C 145 0.97 10.50 16.86
C ARG C 145 -0.17 10.26 15.89
N ILE C 146 0.17 9.78 14.70
CA ILE C 146 -0.82 9.65 13.65
C ILE C 146 -1.40 8.24 13.64
N ARG C 147 -0.55 7.24 13.82
CA ARG C 147 -1.02 5.86 13.71
C ARG C 147 -2.15 5.60 14.70
N GLY C 148 -3.36 5.46 14.18
CA GLY C 148 -4.51 5.25 15.04
C GLY C 148 -5.63 6.22 14.80
N GLU C 149 -5.30 7.48 14.55
CA GLU C 149 -6.33 8.49 14.33
C GLU C 149 -7.23 8.06 13.18
N THR C 150 -8.51 8.40 13.28
CA THR C 150 -9.51 7.93 12.32
C THR C 150 -9.86 9.08 11.37
N LEU C 151 -9.08 9.20 10.30
CA LEU C 151 -9.34 10.25 9.33
C LEU C 151 -10.65 10.01 8.61
N GLY C 152 -11.65 10.83 8.88
CA GLY C 152 -12.97 10.64 8.30
C GLY C 152 -13.27 11.73 7.29
N LEU C 153 -13.34 11.34 6.03
CA LEU C 153 -13.38 12.30 4.93
C LEU C 153 -14.73 12.27 4.24
N ILE C 154 -15.39 13.43 4.24
CA ILE C 154 -16.74 13.62 3.70
C ILE C 154 -16.70 13.66 2.19
N GLY C 155 -17.20 12.64 1.54
CA GLY C 155 -17.29 12.66 0.10
C GLY C 155 -16.19 11.87 -0.55
N PHE C 156 -16.50 10.62 -0.89
CA PHE C 156 -15.49 9.68 -1.36
C PHE C 156 -15.48 9.67 -2.89
N GLY C 157 -15.25 10.83 -3.46
CA GLY C 157 -15.43 10.98 -4.89
C GLY C 157 -14.18 10.63 -5.65
N ARG C 158 -13.53 11.65 -6.23
CA ARG C 158 -12.34 11.45 -7.02
C ARG C 158 -11.06 11.85 -6.31
N THR C 159 -11.11 12.86 -5.43
CA THR C 159 -10.01 13.13 -4.54
C THR C 159 -10.22 12.54 -3.17
N GLY C 160 -11.48 12.33 -2.77
CA GLY C 160 -11.68 11.57 -1.56
C GLY C 160 -11.14 10.17 -1.62
N GLN C 161 -11.03 9.61 -2.82
CA GLN C 161 -10.38 8.32 -2.99
C GLN C 161 -8.88 8.44 -3.04
N ALA C 162 -8.36 9.46 -3.71
CA ALA C 162 -6.93 9.64 -3.81
C ALA C 162 -6.31 9.99 -2.48
N VAL C 163 -7.10 10.52 -1.54
CA VAL C 163 -6.61 10.75 -0.19
C VAL C 163 -6.67 9.51 0.68
N ALA C 164 -7.68 8.67 0.51
CA ALA C 164 -7.76 7.44 1.27
C ALA C 164 -6.79 6.40 0.78
N VAL C 165 -6.14 6.61 -0.35
CA VAL C 165 -5.06 5.74 -0.79
C VAL C 165 -3.73 6.19 -0.24
N ARG C 166 -3.51 7.49 -0.12
CA ARG C 166 -2.28 8.04 0.43
C ARG C 166 -2.23 7.99 1.94
N ALA C 167 -3.37 8.08 2.61
CA ALA C 167 -3.40 8.12 4.06
C ALA C 167 -3.79 6.80 4.68
N LYS C 168 -3.65 5.70 3.96
CA LYS C 168 -3.78 4.40 4.56
C LYS C 168 -2.42 3.82 4.93
N ALA C 169 -1.35 4.50 4.54
CA ALA C 169 0.00 4.07 4.86
C ALA C 169 0.56 4.78 6.07
N PHE C 170 0.06 5.96 6.41
CA PHE C 170 0.48 6.67 7.60
C PHE C 170 -0.10 6.07 8.86
N GLY C 171 -0.95 5.07 8.75
CA GLY C 171 -1.60 4.48 9.89
C GLY C 171 -3.00 4.98 10.13
N PHE C 172 -3.41 6.03 9.44
CA PHE C 172 -4.78 6.51 9.57
C PHE C 172 -5.74 5.36 9.32
N SER C 173 -6.92 5.45 9.92
CA SER C 173 -8.02 4.55 9.62
C SER C 173 -9.09 5.39 8.94
N VAL C 174 -9.26 5.20 7.64
CA VAL C 174 -10.11 6.06 6.83
C VAL C 174 -11.54 5.58 6.91
N ILE C 175 -12.48 6.51 7.07
CA ILE C 175 -13.90 6.19 6.97
C ILE C 175 -14.59 7.34 6.26
N PHE C 176 -15.31 7.06 5.20
CA PHE C 176 -15.91 8.15 4.46
C PHE C 176 -17.42 8.21 4.68
N TYR C 177 -18.02 9.28 4.20
CA TYR C 177 -19.47 9.44 4.20
C TYR C 177 -19.88 9.98 2.84
N ASP C 178 -20.67 9.22 2.13
CA ASP C 178 -21.08 9.73 0.83
C ASP C 178 -22.46 9.17 0.50
N PRO C 179 -23.44 10.02 0.30
CA PRO C 179 -24.79 9.51 0.10
C PRO C 179 -25.15 9.37 -1.36
N TYR C 180 -24.27 9.75 -2.25
CA TYR C 180 -24.61 9.64 -3.66
C TYR C 180 -23.86 8.52 -4.37
N LEU C 181 -23.00 7.79 -3.70
CA LEU C 181 -22.25 6.70 -4.30
C LEU C 181 -23.07 5.43 -4.27
N GLN C 182 -23.08 4.72 -5.40
CA GLN C 182 -23.69 3.40 -5.46
C GLN C 182 -22.84 2.45 -4.65
N ASP C 183 -23.41 1.90 -3.58
CA ASP C 183 -22.63 1.18 -2.58
C ASP C 183 -21.82 0.07 -3.21
N GLY C 184 -20.68 -0.22 -2.61
CA GLY C 184 -19.78 -1.20 -3.15
C GLY C 184 -18.42 -0.62 -3.42
N ILE C 185 -18.26 0.68 -3.20
CA ILE C 185 -16.97 1.33 -3.35
C ILE C 185 -16.13 1.26 -2.09
N GLU C 186 -16.74 1.20 -0.91
CA GLU C 186 -15.99 1.07 0.32
C GLU C 186 -15.30 -0.27 0.45
N ARG C 187 -15.61 -1.23 -0.41
CA ARG C 187 -15.06 -2.57 -0.29
C ARG C 187 -13.98 -2.86 -1.29
N SER C 188 -13.81 -2.02 -2.31
CA SER C 188 -12.70 -2.17 -3.22
C SER C 188 -11.41 -1.61 -2.63
N LEU C 189 -11.49 -0.48 -1.95
CA LEU C 189 -10.32 0.14 -1.35
C LEU C 189 -10.12 -0.24 0.11
N GLY C 190 -11.11 -0.82 0.76
CA GLY C 190 -10.95 -1.22 2.13
C GLY C 190 -11.03 -0.07 3.12
N VAL C 191 -12.02 0.80 2.94
CA VAL C 191 -12.26 1.88 3.88
C VAL C 191 -13.69 1.73 4.40
N GLN C 192 -13.82 1.66 5.71
CA GLN C 192 -15.13 1.50 6.32
C GLN C 192 -16.01 2.70 5.99
N ARG C 193 -17.27 2.45 5.64
CA ARG C 193 -18.16 3.51 5.17
C ARG C 193 -19.26 3.74 6.18
N VAL C 194 -19.43 4.99 6.58
CA VAL C 194 -20.55 5.36 7.43
C VAL C 194 -21.61 6.04 6.57
N TYR C 195 -22.84 6.04 7.06
CA TYR C 195 -23.99 6.43 6.24
C TYR C 195 -24.59 7.77 6.60
N THR C 196 -24.55 8.17 7.86
CA THR C 196 -25.07 9.48 8.23
C THR C 196 -23.94 10.37 8.73
N LEU C 197 -24.05 11.68 8.46
CA LEU C 197 -22.95 12.58 8.76
C LEU C 197 -22.65 12.65 10.24
N GLN C 198 -23.67 12.52 11.09
CA GLN C 198 -23.39 12.41 12.51
C GLN C 198 -22.51 11.22 12.82
N ASP C 199 -22.67 10.12 12.08
CA ASP C 199 -21.83 8.94 12.27
C ASP C 199 -20.44 9.12 11.71
N LEU C 200 -20.20 10.16 10.91
CA LEU C 200 -18.86 10.50 10.48
C LEU C 200 -18.19 11.48 11.42
N LEU C 201 -18.96 12.38 12.02
CA LEU C 201 -18.37 13.32 12.96
C LEU C 201 -18.19 12.78 14.36
N TYR C 202 -18.97 11.79 14.80
CA TYR C 202 -18.80 11.25 16.13
C TYR C 202 -17.56 10.39 16.24
N GLN C 203 -17.01 9.95 15.11
CA GLN C 203 -15.78 9.17 15.14
C GLN C 203 -14.82 9.60 14.04
N SER C 204 -14.06 10.66 14.28
CA SER C 204 -13.09 11.11 13.30
C SER C 204 -12.14 12.07 14.02
N ASP C 205 -10.89 11.66 14.18
CA ASP C 205 -9.94 12.56 14.78
C ASP C 205 -9.51 13.66 13.81
N CYS C 206 -9.84 13.55 12.53
CA CYS C 206 -9.52 14.61 11.60
C CYS C 206 -10.48 14.61 10.42
N VAL C 207 -11.54 15.41 10.47
CA VAL C 207 -12.54 15.44 9.42
C VAL C 207 -12.00 16.22 8.24
N SER C 208 -12.20 15.71 7.04
CA SER C 208 -11.70 16.37 5.83
C SER C 208 -12.81 16.40 4.79
N LEU C 209 -13.01 17.56 4.16
CA LEU C 209 -14.11 17.74 3.22
C LEU C 209 -13.62 17.56 1.80
N HIS C 210 -14.34 16.77 1.02
CA HIS C 210 -13.96 16.50 -0.36
C HIS C 210 -15.18 16.40 -1.25
N CYS C 211 -16.14 17.30 -1.09
CA CYS C 211 -17.42 17.16 -1.76
C CYS C 211 -17.68 18.33 -2.70
N ASN C 212 -18.64 18.14 -3.60
CA ASN C 212 -19.13 19.24 -4.41
C ASN C 212 -19.87 20.23 -3.53
N LEU C 213 -20.14 21.40 -4.07
CA LEU C 213 -20.95 22.39 -3.38
C LEU C 213 -22.14 22.68 -4.27
N ASN C 214 -23.19 21.86 -4.21
CA ASN C 214 -24.27 22.00 -5.16
C ASN C 214 -25.42 22.78 -4.54
N GLU C 215 -26.25 22.18 -3.71
CA GLU C 215 -27.31 22.92 -3.03
C GLU C 215 -27.57 22.46 -1.61
N HIS C 216 -27.27 21.21 -1.29
CA HIS C 216 -27.58 20.62 -0.01
C HIS C 216 -26.30 20.41 0.77
N ASN C 217 -25.29 21.19 0.43
CA ASN C 217 -24.01 21.15 1.10
C ASN C 217 -23.64 22.48 1.73
N HIS C 218 -24.32 23.56 1.39
CA HIS C 218 -23.93 24.87 1.91
CA HIS C 218 -23.93 24.87 1.91
C HIS C 218 -23.86 24.84 3.42
N HIS C 219 -22.69 25.17 3.93
CA HIS C 219 -22.44 25.12 5.35
C HIS C 219 -22.82 23.75 5.89
N LEU C 220 -22.24 22.73 5.26
CA LEU C 220 -22.27 21.37 5.76
C LEU C 220 -21.81 21.37 7.20
N ILE C 221 -20.91 22.29 7.51
CA ILE C 221 -20.39 22.48 8.85
C ILE C 221 -21.04 23.74 9.40
N ASN C 222 -21.98 23.55 10.32
CA ASN C 222 -22.67 24.67 10.95
C ASN C 222 -22.20 24.80 12.38
N ASP C 223 -22.87 25.63 13.17
CA ASP C 223 -22.77 25.53 14.61
C ASP C 223 -23.50 24.32 15.14
N PHE C 224 -24.28 23.64 14.29
CA PHE C 224 -25.04 22.47 14.71
C PHE C 224 -24.32 21.16 14.44
N THR C 225 -23.38 21.12 13.50
CA THR C 225 -22.59 19.92 13.27
C THR C 225 -21.28 19.92 14.04
N ILE C 226 -20.67 21.09 14.24
CA ILE C 226 -19.44 21.17 15.01
C ILE C 226 -19.72 20.73 16.43
N LYS C 227 -20.92 20.96 16.91
CA LYS C 227 -21.31 20.42 18.20
C LYS C 227 -21.40 18.91 18.20
N GLN C 228 -21.17 18.26 17.04
CA GLN C 228 -21.20 16.80 16.94
C GLN C 228 -19.82 16.22 16.67
N MET C 229 -18.81 17.06 16.56
CA MET C 229 -17.46 16.60 16.27
C MET C 229 -16.80 16.13 17.56
N ARG C 230 -15.72 15.37 17.43
CA ARG C 230 -14.99 14.94 18.60
C ARG C 230 -14.50 16.14 19.39
N GLN C 231 -14.15 15.90 20.64
CA GLN C 231 -13.58 16.96 21.46
C GLN C 231 -12.18 17.27 20.96
N GLY C 232 -12.05 18.25 20.07
CA GLY C 232 -10.75 18.60 19.55
C GLY C 232 -10.28 17.69 18.43
N ALA C 233 -11.00 17.70 17.33
CA ALA C 233 -10.60 16.97 16.13
C ALA C 233 -10.35 17.99 15.03
N PHE C 234 -9.25 17.81 14.32
CA PHE C 234 -8.85 18.75 13.29
C PHE C 234 -9.91 18.82 12.20
N LEU C 235 -9.74 19.75 11.28
CA LEU C 235 -10.69 19.96 10.20
C LEU C 235 -9.92 20.47 8.99
N VAL C 236 -9.89 19.72 7.91
CA VAL C 236 -9.10 20.08 6.74
C VAL C 236 -10.05 20.25 5.56
N ASN C 237 -10.27 21.49 5.15
CA ASN C 237 -11.14 21.77 4.02
C ASN C 237 -10.29 22.13 2.83
N ALA C 238 -10.16 21.19 1.89
CA ALA C 238 -9.52 21.43 0.60
C ALA C 238 -10.50 21.15 -0.53
N ALA C 239 -11.70 21.72 -0.41
CA ALA C 239 -12.80 21.52 -1.35
C ALA C 239 -13.32 22.91 -1.68
N ARG C 240 -14.52 23.05 -2.20
CA ARG C 240 -15.01 24.39 -2.44
C ARG C 240 -15.37 25.07 -1.14
N GLY C 241 -15.18 26.38 -1.11
CA GLY C 241 -15.52 27.15 0.06
C GLY C 241 -17.00 27.44 0.10
N GLY C 242 -17.55 27.44 1.31
CA GLY C 242 -18.98 27.51 1.43
C GLY C 242 -19.47 26.20 1.98
N LEU C 243 -18.54 25.42 2.50
CA LEU C 243 -18.89 24.22 3.24
C LEU C 243 -18.57 24.35 4.71
N VAL C 244 -17.99 25.46 5.14
CA VAL C 244 -17.68 25.66 6.55
C VAL C 244 -18.15 27.04 6.96
N ASP C 245 -19.09 27.08 7.90
CA ASP C 245 -19.62 28.34 8.41
C ASP C 245 -18.52 29.00 9.20
N GLU C 246 -17.86 29.99 8.60
CA GLU C 246 -16.72 30.62 9.24
C GLU C 246 -17.09 31.18 10.61
N LYS C 247 -18.30 31.72 10.74
CA LYS C 247 -18.71 32.25 12.04
C LYS C 247 -18.74 31.16 13.10
N ALA C 248 -18.99 29.91 12.69
CA ALA C 248 -18.98 28.81 13.63
C ALA C 248 -17.58 28.23 13.84
N LEU C 249 -16.78 28.13 12.80
CA LEU C 249 -15.41 27.68 12.95
C LEU C 249 -14.55 28.66 13.73
N ALA C 250 -14.92 29.94 13.76
CA ALA C 250 -14.17 30.92 14.53
C ALA C 250 -14.51 30.83 16.00
N GLN C 251 -15.58 30.13 16.35
CA GLN C 251 -15.85 29.87 17.75
C GLN C 251 -15.22 28.55 18.13
N ALA C 252 -15.43 27.54 17.29
CA ALA C 252 -14.93 26.21 17.61
C ALA C 252 -13.44 26.17 17.81
N LEU C 253 -12.72 27.22 17.40
CA LEU C 253 -11.30 27.33 17.69
C LEU C 253 -11.02 28.14 18.94
N LYS C 254 -11.71 29.25 19.15
CA LYS C 254 -11.51 30.08 20.33
C LYS C 254 -12.02 29.43 21.59
N GLU C 255 -12.42 28.16 21.52
CA GLU C 255 -12.81 27.41 22.70
C GLU C 255 -12.07 26.09 22.86
N GLY C 256 -11.41 25.62 21.81
CA GLY C 256 -10.76 24.32 21.85
C GLY C 256 -11.59 23.18 21.34
N ARG C 257 -12.80 23.44 20.89
CA ARG C 257 -13.61 22.35 20.37
C ARG C 257 -13.08 21.79 19.09
N ILE C 258 -12.10 22.46 18.48
CA ILE C 258 -11.44 21.98 17.29
C ILE C 258 -9.95 22.29 17.40
N ARG C 259 -9.12 21.27 17.54
CA ARG C 259 -7.72 21.50 17.89
C ARG C 259 -6.92 22.07 16.74
N GLY C 260 -7.55 22.37 15.61
CA GLY C 260 -6.84 22.95 14.50
C GLY C 260 -7.68 22.87 13.26
N ALA C 261 -7.39 23.74 12.31
CA ALA C 261 -8.14 23.72 11.07
C ALA C 261 -7.31 24.23 9.91
N ALA C 262 -7.02 23.37 8.96
CA ALA C 262 -6.17 23.72 7.82
C ALA C 262 -7.05 24.01 6.62
N LEU C 263 -7.68 25.17 6.62
CA LEU C 263 -8.52 25.53 5.48
C LEU C 263 -7.65 25.82 4.27
N ASP C 264 -8.18 25.54 3.09
CA ASP C 264 -7.41 25.81 1.88
C ASP C 264 -8.22 26.69 0.95
N VAL C 265 -9.53 26.74 1.15
CA VAL C 265 -10.39 27.67 0.46
C VAL C 265 -11.15 28.43 1.53
N HIS C 266 -11.91 29.43 1.13
CA HIS C 266 -12.62 30.27 2.09
C HIS C 266 -13.93 30.75 1.49
N GLU C 267 -14.82 31.20 2.38
CA GLU C 267 -16.11 31.74 1.95
C GLU C 267 -15.93 32.85 0.94
N SER C 268 -15.16 33.87 1.32
CA SER C 268 -14.90 35.01 0.46
C SER C 268 -13.44 35.04 0.06
N GLU C 269 -13.19 34.94 -1.25
CA GLU C 269 -11.85 34.98 -1.78
C GLU C 269 -11.63 36.27 -2.56
N PRO C 270 -10.44 36.87 -2.49
CA PRO C 270 -9.20 36.41 -1.86
C PRO C 270 -9.28 36.34 -0.35
N PHE C 271 -8.24 35.81 0.27
CA PHE C 271 -8.25 35.63 1.71
C PHE C 271 -7.05 36.36 2.31
N SER C 272 -7.25 36.90 3.49
CA SER C 272 -6.20 37.58 4.22
C SER C 272 -6.50 37.49 5.72
N PHE C 273 -5.45 37.48 6.51
CA PHE C 273 -5.57 37.28 7.96
C PHE C 273 -5.88 38.57 8.68
N ALA C 274 -6.44 39.56 8.00
CA ALA C 274 -6.72 40.83 8.65
C ALA C 274 -8.12 41.33 8.29
N GLN C 275 -8.88 40.50 7.60
CA GLN C 275 -10.26 40.85 7.27
C GLN C 275 -11.07 39.58 7.05
N GLY C 276 -12.00 39.28 7.95
CA GLY C 276 -12.82 38.12 7.80
C GLY C 276 -13.39 37.63 9.11
N PRO C 277 -14.21 36.59 9.04
CA PRO C 277 -14.85 36.08 10.27
C PRO C 277 -13.88 35.38 11.19
N LEU C 278 -12.79 34.85 10.67
CA LEU C 278 -11.77 34.18 11.46
C LEU C 278 -10.50 35.01 11.52
N LYS C 279 -10.67 36.32 11.69
CA LYS C 279 -9.57 37.27 11.79
C LYS C 279 -8.67 37.00 12.99
N ASP C 280 -9.16 36.30 14.00
CA ASP C 280 -8.33 36.12 15.20
C ASP C 280 -8.40 34.71 15.75
N ALA C 281 -8.52 33.69 14.94
CA ALA C 281 -8.61 32.34 15.46
C ALA C 281 -7.24 31.73 15.62
N PRO C 282 -7.02 30.95 16.67
CA PRO C 282 -5.73 30.28 16.85
C PRO C 282 -5.74 28.93 16.16
N ASN C 283 -4.56 28.38 15.89
CA ASN C 283 -4.43 27.08 15.24
C ASN C 283 -5.22 27.06 13.93
N LEU C 284 -4.75 27.87 12.98
CA LEU C 284 -5.46 28.05 11.72
C LEU C 284 -4.43 28.31 10.62
N ILE C 285 -4.12 27.27 9.85
CA ILE C 285 -3.28 27.36 8.66
C ILE C 285 -4.19 27.46 7.44
N CYS C 286 -3.86 28.37 6.53
CA CYS C 286 -4.70 28.60 5.36
C CYS C 286 -3.85 28.99 4.16
N THR C 287 -4.04 28.31 3.05
CA THR C 287 -3.36 28.62 1.81
C THR C 287 -4.32 29.27 0.83
N PRO C 288 -3.83 30.03 -0.13
CA PRO C 288 -4.70 30.85 -0.98
C PRO C 288 -5.26 30.16 -2.21
N HIS C 289 -5.93 29.04 -2.00
CA HIS C 289 -6.61 28.31 -3.06
C HIS C 289 -5.63 27.80 -4.11
N THR C 290 -4.54 27.21 -3.64
CA THR C 290 -3.57 26.62 -4.55
C THR C 290 -3.32 25.16 -4.23
N ALA C 291 -4.30 24.45 -3.69
CA ALA C 291 -4.13 23.01 -3.59
C ALA C 291 -4.23 22.34 -4.94
N TRP C 292 -4.62 23.07 -5.98
CA TRP C 292 -4.79 22.52 -7.31
C TRP C 292 -3.61 22.78 -8.22
N TYR C 293 -2.63 23.54 -7.77
CA TYR C 293 -1.63 24.06 -8.69
C TYR C 293 -0.39 23.18 -8.73
N SER C 294 0.26 23.20 -9.89
CA SER C 294 1.58 22.62 -10.06
C SER C 294 2.19 23.29 -11.28
N GLU C 295 3.30 22.75 -11.75
CA GLU C 295 3.81 23.20 -13.03
C GLU C 295 3.27 22.35 -14.17
N GLN C 296 2.78 21.15 -13.87
CA GLN C 296 2.22 20.26 -14.87
C GLN C 296 0.71 20.18 -14.86
N ALA C 297 0.08 20.17 -13.69
CA ALA C 297 -1.38 20.12 -13.67
C ALA C 297 -1.98 21.44 -14.12
N SER C 298 -1.27 22.55 -13.96
CA SER C 298 -1.75 23.81 -14.49
C SER C 298 -1.39 24.01 -15.95
N LEU C 299 -0.86 22.99 -16.60
CA LEU C 299 -0.64 23.02 -18.05
C LEU C 299 -1.51 21.95 -18.67
N GLU C 300 -1.86 20.94 -17.89
CA GLU C 300 -2.70 19.86 -18.39
C GLU C 300 -4.15 20.29 -18.43
N MET C 301 -4.62 20.95 -17.37
CA MET C 301 -6.02 21.34 -17.33
C MET C 301 -6.34 22.50 -18.26
N ARG C 302 -5.36 23.29 -18.65
CA ARG C 302 -5.57 24.37 -19.60
C ARG C 302 -5.10 24.01 -20.99
N GLU C 303 -4.81 22.73 -21.22
CA GLU C 303 -4.74 22.21 -22.57
C GLU C 303 -5.97 21.35 -22.81
N ALA C 304 -6.39 20.59 -21.81
CA ALA C 304 -7.61 19.82 -21.95
C ALA C 304 -8.81 20.74 -22.10
N ALA C 305 -8.78 21.92 -21.48
CA ALA C 305 -9.86 22.87 -21.66
C ALA C 305 -9.85 23.50 -23.03
N ALA C 306 -8.69 23.68 -23.65
CA ALA C 306 -8.61 24.20 -25.00
C ALA C 306 -8.88 23.12 -26.04
N THR C 307 -8.83 21.86 -25.64
CA THR C 307 -9.18 20.77 -26.54
C THR C 307 -10.68 20.51 -26.45
N GLU C 308 -11.25 20.67 -25.26
CA GLU C 308 -12.67 20.45 -25.10
C GLU C 308 -13.49 21.58 -25.68
N ILE C 309 -12.86 22.67 -26.10
CA ILE C 309 -13.59 23.71 -26.81
C ILE C 309 -13.40 23.57 -28.31
N ARG C 310 -12.25 23.05 -28.73
CA ARG C 310 -12.12 22.62 -30.12
C ARG C 310 -13.17 21.58 -30.46
N ARG C 311 -13.25 20.53 -29.64
CA ARG C 311 -14.28 19.52 -29.84
C ARG C 311 -15.69 20.07 -29.78
N ALA C 312 -15.89 21.20 -29.11
CA ALA C 312 -17.22 21.75 -28.96
C ALA C 312 -17.57 22.77 -30.02
N ILE C 313 -16.58 23.30 -30.72
CA ILE C 313 -16.85 24.27 -31.78
C ILE C 313 -16.63 23.57 -33.11
N THR C 314 -16.31 22.29 -33.06
CA THR C 314 -16.15 21.49 -34.27
C THR C 314 -17.13 20.33 -34.25
N GLY C 315 -17.55 19.92 -33.06
CA GLY C 315 -18.40 18.77 -32.92
C GLY C 315 -19.87 19.12 -32.95
N ARG C 316 -20.51 19.20 -31.79
CA ARG C 316 -21.92 19.56 -31.76
C ARG C 316 -22.35 20.12 -30.42
N ILE C 317 -23.66 20.19 -30.23
CA ILE C 317 -24.31 20.49 -28.96
C ILE C 317 -23.96 19.29 -28.06
N PRO C 318 -24.29 19.24 -26.74
CA PRO C 318 -23.53 18.32 -25.88
C PRO C 318 -23.76 16.86 -26.20
N GLU C 319 -23.43 16.48 -27.43
CA GLU C 319 -23.32 15.10 -27.86
C GLU C 319 -21.94 14.80 -28.41
N SER C 320 -21.06 15.80 -28.41
CA SER C 320 -19.69 15.64 -28.88
C SER C 320 -18.72 16.02 -27.78
N LEU C 321 -19.22 16.70 -26.75
CA LEU C 321 -18.35 17.06 -25.64
C LEU C 321 -18.02 15.84 -24.80
N ARG C 322 -16.82 15.84 -24.25
CA ARG C 322 -16.36 14.69 -23.49
C ARG C 322 -16.81 14.71 -22.04
N ASN C 323 -16.59 15.81 -21.33
CA ASN C 323 -16.89 15.86 -19.91
C ASN C 323 -18.02 16.82 -19.62
N CYS C 324 -19.08 16.77 -20.41
CA CYS C 324 -20.16 17.74 -20.28
C CYS C 324 -20.89 17.51 -18.96
N VAL C 325 -21.65 18.52 -18.54
CA VAL C 325 -22.38 18.50 -17.28
C VAL C 325 -23.80 18.88 -17.68
N ASN C 326 -24.67 19.13 -16.71
CA ASN C 326 -26.01 19.68 -16.93
C ASN C 326 -26.84 18.82 -17.90
N LYS C 327 -27.26 17.67 -17.38
CA LYS C 327 -28.37 16.91 -17.97
C LYS C 327 -29.66 17.73 -17.95
N GLU C 328 -29.61 18.93 -17.38
CA GLU C 328 -30.69 19.90 -17.47
C GLU C 328 -30.66 20.63 -18.80
N PHE C 329 -29.98 20.08 -19.79
CA PHE C 329 -29.86 20.66 -21.11
C PHE C 329 -31.09 20.24 -21.92
N PHE C 330 -32.05 21.14 -22.02
CA PHE C 330 -33.26 20.92 -22.82
C PHE C 330 -34.04 19.69 -22.35
N ARG D 1 21.35 4.67 48.45
CA ARG D 1 20.77 4.23 47.18
C ARG D 1 21.49 4.84 45.99
N PRO D 2 21.39 4.18 44.84
CA PRO D 2 22.07 4.70 43.65
C PRO D 2 21.39 5.94 43.10
N LEU D 3 22.21 6.88 42.63
CA LEU D 3 21.70 8.13 42.09
C LEU D 3 21.67 8.04 40.56
N VAL D 4 20.57 8.48 39.98
CA VAL D 4 20.35 8.38 38.53
C VAL D 4 20.12 9.80 38.01
N ALA D 5 21.12 10.35 37.34
CA ALA D 5 21.04 11.73 36.88
C ALA D 5 20.10 11.84 35.68
N LEU D 6 19.77 13.07 35.33
CA LEU D 6 18.96 13.42 34.15
C LEU D 6 19.64 14.53 33.38
N LEU D 7 20.89 14.30 32.99
CA LEU D 7 21.91 15.30 32.74
C LEU D 7 21.39 16.63 32.21
N ASP D 8 20.46 16.64 31.26
CA ASP D 8 19.93 17.91 30.77
C ASP D 8 18.45 18.12 31.02
N GLY D 9 17.72 17.11 31.46
CA GLY D 9 16.30 17.28 31.71
C GLY D 9 16.00 18.22 32.85
N ARG D 10 14.76 18.67 32.94
CA ARG D 10 14.33 19.43 34.10
C ARG D 10 12.95 18.95 34.54
N ASP D 11 12.53 17.79 34.04
CA ASP D 11 11.24 17.22 34.42
C ASP D 11 11.34 16.07 35.37
N CYS D 12 12.09 15.01 35.04
CA CYS D 12 12.18 13.80 35.84
C CYS D 12 10.83 13.44 36.44
N THR D 13 9.77 13.55 35.65
CA THR D 13 8.41 13.35 36.12
C THR D 13 7.90 11.98 35.71
N VAL D 14 8.14 11.59 34.47
CA VAL D 14 7.73 10.26 34.03
C VAL D 14 8.72 9.22 34.53
N GLU D 15 9.99 9.61 34.67
CA GLU D 15 11.00 8.67 35.14
C GLU D 15 11.04 8.53 36.65
N MET D 16 10.32 9.36 37.38
CA MET D 16 10.40 9.27 38.83
C MET D 16 9.64 8.04 39.33
N PRO D 17 8.34 7.91 39.08
CA PRO D 17 7.63 6.78 39.67
C PRO D 17 7.75 5.52 38.84
N ILE D 18 8.95 5.22 38.35
CA ILE D 18 9.22 3.94 37.73
C ILE D 18 10.44 3.34 38.40
N LEU D 19 11.30 4.21 38.93
CA LEU D 19 12.47 3.77 39.64
C LEU D 19 12.61 4.40 41.02
N LYS D 20 11.56 5.06 41.53
CA LYS D 20 11.62 5.63 42.87
C LYS D 20 11.95 4.61 43.94
N ASP D 21 11.44 3.39 43.84
CA ASP D 21 11.72 2.35 44.82
C ASP D 21 13.19 2.02 44.93
N LEU D 22 13.92 2.00 43.82
CA LEU D 22 15.24 1.41 43.81
C LEU D 22 16.26 2.33 43.19
N ALA D 23 15.93 3.61 43.11
CA ALA D 23 16.86 4.64 42.67
C ALA D 23 16.28 6.01 43.01
N THR D 24 17.14 7.00 43.20
CA THR D 24 16.71 8.34 43.54
C THR D 24 16.99 9.26 42.35
N VAL D 25 16.00 9.39 41.46
CA VAL D 25 16.19 10.23 40.29
C VAL D 25 16.39 11.67 40.73
N ALA D 26 17.32 12.34 40.06
CA ALA D 26 17.63 13.73 40.36
C ALA D 26 18.24 14.36 39.12
N PHE D 27 17.69 15.49 38.72
CA PHE D 27 18.04 16.15 37.48
C PHE D 27 19.16 17.12 37.74
N CYS D 28 19.83 17.53 36.67
CA CYS D 28 20.92 18.49 36.77
C CYS D 28 20.74 19.69 35.86
N ASP D 29 20.06 19.53 34.72
CA ASP D 29 19.76 20.62 33.80
C ASP D 29 21.02 21.27 33.26
N ALA D 30 22.08 20.49 33.09
CA ALA D 30 23.35 21.04 32.66
C ALA D 30 23.36 21.31 31.17
N GLN D 31 24.46 21.91 30.70
CA GLN D 31 24.77 22.01 29.28
C GLN D 31 26.23 21.71 29.01
N SER D 32 26.92 21.14 30.00
CA SER D 32 28.31 20.76 29.88
C SER D 32 28.75 19.99 31.11
N THR D 33 29.97 19.48 31.10
CA THR D 33 30.55 18.93 32.31
C THR D 33 30.92 20.03 33.31
N GLN D 34 30.75 21.30 32.95
CA GLN D 34 31.06 22.41 33.83
C GLN D 34 29.94 22.73 34.81
N GLU D 35 28.94 21.84 34.93
CA GLU D 35 27.79 22.09 35.79
C GLU D 35 27.46 20.95 36.74
N ILE D 36 28.22 19.86 36.73
CA ILE D 36 27.88 18.66 37.48
C ILE D 36 28.58 18.72 38.83
N HIS D 37 27.95 18.21 39.89
CA HIS D 37 28.60 18.32 41.20
C HIS D 37 29.50 17.13 41.49
N GLU D 38 30.48 17.33 42.36
CA GLU D 38 31.62 16.45 42.55
C GLU D 38 31.27 14.97 42.73
N LYS D 39 30.37 14.65 43.67
CA LYS D 39 30.12 13.25 43.97
C LYS D 39 29.37 12.54 42.84
N VAL D 40 28.61 13.28 42.04
CA VAL D 40 27.81 12.66 40.99
C VAL D 40 28.70 12.55 39.76
N LEU D 41 30.01 12.61 39.98
CA LEU D 41 30.91 12.38 38.86
C LEU D 41 31.37 10.92 38.85
N ASN D 42 32.12 10.51 39.88
CA ASN D 42 32.77 9.20 39.82
C ASN D 42 31.77 8.06 40.00
N GLU D 43 30.93 8.14 41.02
CA GLU D 43 30.14 7.01 41.50
C GLU D 43 28.73 6.94 40.93
N ALA D 44 28.27 7.97 40.23
CA ALA D 44 26.86 8.05 39.84
C ALA D 44 26.55 6.92 38.88
N VAL D 45 25.78 5.94 39.36
CA VAL D 45 25.62 4.69 38.63
C VAL D 45 25.11 4.95 37.23
N GLY D 46 24.15 5.86 37.08
CA GLY D 46 23.48 5.98 35.80
C GLY D 46 23.08 7.41 35.54
N ALA D 47 23.02 7.73 34.26
CA ALA D 47 22.58 9.05 33.83
C ALA D 47 21.79 8.85 32.55
N MET D 48 20.80 9.71 32.34
CA MET D 48 20.03 9.63 31.12
C MET D 48 19.85 11.02 30.55
N MET D 49 20.34 11.21 29.33
CA MET D 49 20.47 12.52 28.75
C MET D 49 19.59 12.64 27.51
N TYR D 50 19.65 13.80 26.88
CA TYR D 50 18.96 14.04 25.62
C TYR D 50 20.00 14.40 24.57
N HIS D 51 19.54 14.97 23.46
CA HIS D 51 20.39 15.27 22.32
C HIS D 51 21.08 16.60 22.47
N THR D 52 21.19 17.13 23.68
CA THR D 52 21.70 18.48 23.85
C THR D 52 23.09 18.52 24.46
N ILE D 53 23.44 17.55 25.29
CA ILE D 53 24.75 17.57 25.93
C ILE D 53 25.65 16.62 25.18
N THR D 54 26.85 17.09 24.83
CA THR D 54 27.83 16.26 24.16
C THR D 54 28.92 15.86 25.15
N LEU D 55 28.94 14.58 25.52
CA LEU D 55 29.99 14.06 26.36
C LEU D 55 31.12 13.52 25.50
N THR D 56 32.35 13.80 25.93
CA THR D 56 33.54 13.50 25.15
C THR D 56 34.44 12.57 25.94
N ARG D 57 35.44 12.02 25.26
CA ARG D 57 36.48 11.26 25.93
C ARG D 57 37.10 12.03 27.09
N GLU D 58 37.26 13.34 26.93
CA GLU D 58 37.76 14.21 27.97
C GLU D 58 36.69 14.61 28.98
N ASP D 59 35.50 14.00 28.92
CA ASP D 59 34.47 14.25 29.92
C ASP D 59 34.05 12.99 30.68
N LEU D 60 33.89 11.88 29.99
CA LEU D 60 33.49 10.65 30.65
C LEU D 60 34.48 10.19 31.71
N GLU D 61 35.75 10.54 31.59
CA GLU D 61 36.71 10.12 32.61
C GLU D 61 36.53 10.93 33.88
N LYS D 62 35.80 12.04 33.82
CA LYS D 62 35.39 12.71 35.05
C LYS D 62 34.32 11.92 35.79
N PHE D 63 33.69 10.95 35.14
CA PHE D 63 32.90 9.93 35.80
C PHE D 63 33.77 8.68 35.91
N LYS D 64 34.00 8.20 37.13
CA LYS D 64 34.79 6.98 37.31
C LYS D 64 34.08 5.79 36.68
N ALA D 65 32.88 5.48 37.16
CA ALA D 65 32.07 4.39 36.62
C ALA D 65 30.60 4.84 36.61
N LEU D 66 30.19 5.45 35.52
CA LEU D 66 28.78 5.49 35.17
C LEU D 66 28.39 4.10 34.70
N ARG D 67 27.95 3.23 35.61
CA ARG D 67 27.64 1.86 35.24
C ARG D 67 26.71 1.79 34.03
N VAL D 68 26.01 2.89 33.73
CA VAL D 68 25.18 2.97 32.54
C VAL D 68 24.91 4.42 32.20
N ILE D 69 24.86 4.73 30.90
CA ILE D 69 24.28 5.98 30.44
C ILE D 69 23.19 5.61 29.46
N VAL D 70 22.08 6.35 29.48
CA VAL D 70 20.95 6.00 28.62
C VAL D 70 20.61 7.23 27.82
N ARG D 71 20.52 7.06 26.51
CA ARG D 71 20.44 8.18 25.60
C ARG D 71 19.02 8.22 25.07
N ILE D 72 18.15 8.93 25.79
CA ILE D 72 16.76 9.05 25.38
C ILE D 72 16.70 9.59 23.97
N GLY D 73 16.11 8.82 23.07
CA GLY D 73 16.09 9.21 21.69
C GLY D 73 16.56 8.07 20.82
N SER D 74 17.00 8.35 19.61
CA SER D 74 17.35 7.26 18.71
C SER D 74 18.78 7.36 18.26
N GLY D 75 19.45 8.46 18.60
CA GLY D 75 20.81 8.69 18.14
C GLY D 75 21.80 8.80 19.27
N TYR D 76 22.91 8.09 19.15
CA TYR D 76 23.90 8.01 20.23
C TYR D 76 25.22 8.65 19.83
N ASP D 77 25.19 9.72 19.05
CA ASP D 77 26.42 10.37 18.62
C ASP D 77 26.88 11.45 19.58
N ASN D 78 26.12 11.73 20.62
CA ASN D 78 26.54 12.71 21.61
C ASN D 78 27.66 12.19 22.50
N VAL D 79 27.77 10.89 22.64
CA VAL D 79 28.70 10.27 23.57
C VAL D 79 29.66 9.40 22.79
N ASP D 80 30.95 9.48 23.12
CA ASP D 80 31.89 8.63 22.42
C ASP D 80 31.73 7.20 22.91
N ILE D 81 30.98 6.40 22.16
CA ILE D 81 30.75 5.02 22.61
C ILE D 81 32.07 4.29 22.73
N LYS D 82 33.04 4.59 21.88
CA LYS D 82 34.36 4.00 21.97
C LYS D 82 35.13 4.47 23.20
N ALA D 83 34.69 5.56 23.82
CA ALA D 83 35.32 6.04 25.06
C ALA D 83 34.66 5.38 26.26
N ALA D 84 33.32 5.44 26.31
CA ALA D 84 32.60 4.80 27.40
C ALA D 84 32.89 3.31 27.45
N GLY D 85 33.12 2.70 26.29
CA GLY D 85 33.41 1.28 26.27
C GLY D 85 34.71 0.93 26.98
N GLU D 86 35.56 1.92 27.20
CA GLU D 86 36.80 1.70 27.92
C GLU D 86 36.77 2.23 29.34
N LEU D 87 35.70 2.90 29.75
CA LEU D 87 35.55 3.35 31.12
C LEU D 87 34.44 2.59 31.85
N GLY D 88 34.14 1.38 31.38
CA GLY D 88 33.14 0.57 32.02
C GLY D 88 31.74 1.10 31.91
N ILE D 89 31.54 2.09 31.05
CA ILE D 89 30.24 2.71 30.87
C ILE D 89 29.57 2.11 29.64
N ALA D 90 28.32 1.71 29.81
CA ALA D 90 27.54 1.12 28.72
C ALA D 90 26.50 2.12 28.28
N VAL D 91 26.45 2.40 26.98
CA VAL D 91 25.54 3.39 26.42
C VAL D 91 24.32 2.66 25.91
N CYS D 92 23.14 3.25 26.10
CA CYS D 92 21.89 2.67 25.64
C CYS D 92 21.08 3.77 24.98
N ASN D 93 20.27 3.41 24.00
CA ASN D 93 19.33 4.35 23.43
C ASN D 93 17.95 3.73 23.39
N ILE D 94 16.99 4.49 22.88
CA ILE D 94 15.62 4.00 22.73
C ILE D 94 15.27 4.06 21.25
N PRO D 95 15.63 3.08 20.48
CA PRO D 95 15.53 3.20 19.02
C PRO D 95 14.12 3.27 18.50
N SER D 96 13.23 2.45 19.06
CA SER D 96 11.89 2.29 18.52
C SER D 96 10.93 3.37 18.97
N ALA D 97 11.42 4.38 19.67
CA ALA D 97 10.55 5.36 20.31
C ALA D 97 9.72 6.15 19.31
N ALA D 98 10.39 6.92 18.45
CA ALA D 98 9.71 7.82 17.54
C ALA D 98 10.10 7.50 16.11
N VAL D 99 10.09 6.20 15.78
CA VAL D 99 10.42 5.78 14.43
C VAL D 99 9.39 6.27 13.43
N GLU D 100 8.13 6.36 13.82
CA GLU D 100 7.14 6.75 12.83
C GLU D 100 6.75 8.22 12.91
N GLU D 101 6.94 8.90 14.04
CA GLU D 101 6.77 10.34 14.01
C GLU D 101 7.85 11.01 13.18
N THR D 102 9.07 10.50 13.25
CA THR D 102 10.10 11.05 12.37
C THR D 102 9.76 10.83 10.91
N ALA D 103 9.18 9.68 10.57
CA ALA D 103 8.82 9.43 9.18
C ALA D 103 7.65 10.28 8.74
N ASP D 104 6.66 10.47 9.62
CA ASP D 104 5.56 11.38 9.27
C ASP D 104 6.06 12.79 9.09
N SER D 105 6.98 13.25 9.94
CA SER D 105 7.48 14.60 9.79
C SER D 105 8.35 14.74 8.55
N THR D 106 9.11 13.70 8.21
CA THR D 106 9.92 13.77 7.00
C THR D 106 9.05 13.80 5.76
N ILE D 107 7.96 13.02 5.75
CA ILE D 107 7.03 13.11 4.63
C ILE D 107 6.38 14.48 4.60
N CYS D 108 6.10 15.04 5.77
CA CYS D 108 5.51 16.38 5.77
C CYS D 108 6.46 17.40 5.21
N HIS D 109 7.76 17.25 5.47
CA HIS D 109 8.74 18.15 4.89
C HIS D 109 8.83 17.97 3.39
N ILE D 110 8.87 16.72 2.92
CA ILE D 110 8.92 16.49 1.49
C ILE D 110 7.70 17.07 0.79
N LEU D 111 6.53 17.00 1.42
CA LEU D 111 5.35 17.60 0.81
C LEU D 111 5.30 19.11 0.96
N ASN D 112 5.88 19.65 2.03
CA ASN D 112 6.00 21.10 2.14
C ASN D 112 6.93 21.67 1.10
N LEU D 113 7.92 20.90 0.66
CA LEU D 113 8.80 21.38 -0.37
C LEU D 113 8.15 21.31 -1.74
N TYR D 114 7.30 20.30 -1.96
CA TYR D 114 6.70 20.13 -3.27
C TYR D 114 5.49 21.02 -3.44
N ARG D 115 4.54 20.93 -2.51
CA ARG D 115 3.32 21.73 -2.63
C ARG D 115 3.50 23.15 -2.12
N ARG D 116 4.57 23.42 -1.38
CA ARG D 116 4.80 24.73 -0.80
C ARG D 116 3.63 25.17 0.05
N ASN D 117 3.21 24.31 0.98
CA ASN D 117 2.13 24.72 1.86
C ASN D 117 2.60 25.67 2.93
N THR D 118 3.78 25.45 3.50
CA THR D 118 4.28 26.34 4.52
C THR D 118 4.99 27.56 3.95
N TRP D 119 5.19 27.61 2.64
CA TRP D 119 5.61 28.84 2.01
C TRP D 119 4.43 29.67 1.54
N LEU D 120 3.25 29.10 1.47
CA LEU D 120 2.03 29.83 1.17
C LEU D 120 1.34 30.32 2.42
N TYR D 121 1.29 29.50 3.46
CA TYR D 121 0.82 30.03 4.73
C TYR D 121 1.68 31.17 5.21
N GLN D 122 2.99 31.10 4.99
CA GLN D 122 3.87 32.19 5.36
C GLN D 122 3.71 33.40 4.47
N ALA D 123 3.28 33.22 3.23
CA ALA D 123 3.03 34.33 2.34
C ALA D 123 1.64 34.92 2.52
N LEU D 124 0.77 34.23 3.24
CA LEU D 124 -0.49 34.80 3.67
C LEU D 124 -0.42 35.48 5.02
N ARG D 125 0.27 34.89 6.00
CA ARG D 125 0.50 35.56 7.25
C ARG D 125 1.46 36.73 7.10
N GLU D 126 2.06 36.87 5.93
CA GLU D 126 2.87 38.04 5.59
C GLU D 126 2.06 39.08 4.85
N GLY D 127 0.88 38.73 4.39
CA GLY D 127 0.01 39.69 3.73
C GLY D 127 0.18 39.67 2.23
N THR D 128 -0.80 39.12 1.52
CA THR D 128 -0.76 39.08 0.07
C THR D 128 -2.16 38.82 -0.44
N ARG D 129 -2.65 39.69 -1.31
CA ARG D 129 -3.91 39.47 -1.99
C ARG D 129 -3.65 38.57 -3.19
N VAL D 130 -4.29 37.41 -3.20
CA VAL D 130 -4.02 36.36 -4.17
C VAL D 130 -5.28 36.19 -4.99
N GLN D 131 -5.99 37.29 -5.23
CA GLN D 131 -7.32 37.24 -5.81
C GLN D 131 -7.31 36.59 -7.19
N SER D 132 -6.66 37.23 -8.16
CA SER D 132 -6.73 36.73 -9.53
C SER D 132 -5.99 35.41 -9.66
N VAL D 133 -6.42 34.60 -10.63
CA VAL D 133 -5.79 33.31 -10.85
C VAL D 133 -4.39 33.44 -11.42
N GLU D 134 -4.00 34.64 -11.83
CA GLU D 134 -2.62 34.86 -12.23
C GLU D 134 -1.71 34.90 -11.00
N GLN D 135 -2.17 35.57 -9.94
CA GLN D 135 -1.37 35.66 -8.74
C GLN D 135 -1.31 34.35 -7.98
N ILE D 136 -2.37 33.54 -8.04
CA ILE D 136 -2.30 32.20 -7.49
C ILE D 136 -1.14 31.42 -8.08
N ARG D 137 -0.90 31.61 -9.37
CA ARG D 137 0.16 30.93 -10.09
C ARG D 137 1.52 31.57 -9.88
N GLU D 138 1.56 32.88 -9.66
CA GLU D 138 2.84 33.55 -9.40
C GLU D 138 3.29 33.44 -7.95
N VAL D 139 2.40 33.08 -7.03
CA VAL D 139 2.78 32.94 -5.62
C VAL D 139 3.17 31.50 -5.29
N ALA D 140 2.45 30.52 -5.84
CA ALA D 140 2.82 29.12 -5.69
C ALA D 140 3.65 28.63 -6.87
N SER D 141 4.43 29.51 -7.48
CA SER D 141 5.22 29.16 -8.66
C SER D 141 6.41 28.34 -8.23
N GLY D 142 6.35 27.05 -8.55
CA GLY D 142 7.42 26.13 -8.22
C GLY D 142 6.88 24.82 -7.73
N ALA D 143 5.65 24.84 -7.24
CA ALA D 143 5.01 23.61 -6.80
C ALA D 143 4.97 22.63 -7.93
N ALA D 144 5.34 21.38 -7.66
CA ALA D 144 5.51 20.40 -8.71
C ALA D 144 4.62 19.20 -8.50
N ARG D 145 4.36 18.46 -9.58
CA ARG D 145 3.70 17.18 -9.47
C ARG D 145 4.63 16.21 -8.77
N ILE D 146 4.06 15.30 -8.00
CA ILE D 146 4.88 14.35 -7.26
C ILE D 146 4.96 13.02 -7.97
N ARG D 147 3.89 12.60 -8.63
CA ARG D 147 3.88 11.27 -9.22
C ARG D 147 4.95 11.15 -10.28
N GLY D 148 6.04 10.48 -9.95
CA GLY D 148 7.10 10.27 -10.90
C GLY D 148 8.40 10.94 -10.54
N GLU D 149 8.57 11.27 -9.26
CA GLU D 149 9.86 11.74 -8.79
C GLU D 149 10.64 10.53 -8.34
N THR D 150 11.84 10.72 -7.79
CA THR D 150 12.72 9.61 -7.49
C THR D 150 13.35 9.78 -6.11
N LEU D 151 12.52 10.02 -5.10
CA LEU D 151 12.97 10.26 -3.73
C LEU D 151 14.10 9.31 -3.32
N GLY D 152 15.28 9.85 -3.04
CA GLY D 152 16.42 9.01 -2.74
C GLY D 152 16.85 9.07 -1.30
N LEU D 153 16.77 7.96 -0.59
CA LEU D 153 16.98 7.94 0.86
C LEU D 153 18.40 7.49 1.14
N ILE D 154 19.22 8.40 1.65
CA ILE D 154 20.58 8.02 2.04
C ILE D 154 20.54 7.37 3.40
N GLY D 155 20.32 6.07 3.43
CA GLY D 155 20.23 5.37 4.69
C GLY D 155 18.90 4.70 4.86
N PHE D 156 18.91 3.40 5.12
CA PHE D 156 17.68 2.64 5.04
C PHE D 156 17.49 1.81 6.30
N GLY D 157 17.63 2.45 7.46
CA GLY D 157 17.49 1.73 8.71
C GLY D 157 16.03 1.60 9.07
N ARG D 158 15.63 2.04 10.26
CA ARG D 158 14.22 2.09 10.62
C ARG D 158 13.53 3.31 10.05
N THR D 159 14.11 4.49 10.26
CA THR D 159 13.51 5.73 9.80
C THR D 159 13.57 5.86 8.29
N GLY D 160 14.39 5.06 7.62
CA GLY D 160 14.41 5.09 6.18
C GLY D 160 13.32 4.22 5.60
N GLN D 161 13.19 3.01 6.13
CA GLN D 161 12.11 2.13 5.70
C GLN D 161 10.76 2.74 6.00
N ALA D 162 10.64 3.40 7.15
CA ALA D 162 9.37 3.98 7.50
C ALA D 162 8.95 5.08 6.56
N VAL D 163 9.90 5.70 5.86
CA VAL D 163 9.57 6.69 4.83
C VAL D 163 9.40 6.07 3.47
N ALA D 164 10.14 5.01 3.16
CA ALA D 164 9.91 4.32 1.90
C ALA D 164 8.58 3.61 1.87
N VAL D 165 7.99 3.32 3.02
CA VAL D 165 6.69 2.66 3.05
C VAL D 165 5.61 3.70 2.85
N ARG D 166 5.84 4.91 3.37
CA ARG D 166 4.87 5.98 3.33
C ARG D 166 4.88 6.75 2.03
N ALA D 167 6.01 6.86 1.35
CA ALA D 167 6.14 7.64 0.15
C ALA D 167 6.00 6.82 -1.10
N LYS D 168 5.80 5.51 -0.99
CA LYS D 168 5.54 4.71 -2.17
C LYS D 168 4.12 4.87 -2.68
N ALA D 169 3.25 5.47 -1.88
CA ALA D 169 1.85 5.67 -2.24
C ALA D 169 1.61 7.01 -2.90
N PHE D 170 2.45 8.00 -2.64
CA PHE D 170 2.32 9.31 -3.27
C PHE D 170 2.75 9.31 -4.71
N GLY D 171 3.28 8.21 -5.21
CA GLY D 171 3.80 8.13 -6.55
C GLY D 171 5.30 8.20 -6.65
N PHE D 172 5.98 8.55 -5.56
CA PHE D 172 7.42 8.57 -5.56
C PHE D 172 7.96 7.21 -6.00
N SER D 173 9.20 7.21 -6.44
CA SER D 173 9.92 5.99 -6.79
C SER D 173 11.17 5.95 -5.93
N VAL D 174 11.11 5.19 -4.84
CA VAL D 174 12.17 5.25 -3.84
C VAL D 174 13.43 4.56 -4.33
N ILE D 175 14.57 5.13 -3.98
CA ILE D 175 15.89 4.65 -4.41
C ILE D 175 16.86 4.92 -3.28
N PHE D 176 17.23 3.91 -2.52
CA PHE D 176 18.05 4.18 -1.35
C PHE D 176 19.51 3.84 -1.60
N TYR D 177 20.36 4.20 -0.64
CA TYR D 177 21.78 3.87 -0.71
C TYR D 177 22.23 3.59 0.73
N ASP D 178 22.60 2.36 0.99
CA ASP D 178 23.04 1.99 2.32
C ASP D 178 24.20 1.02 2.20
N PRO D 179 25.39 1.34 2.71
CA PRO D 179 26.52 0.43 2.53
C PRO D 179 26.67 -0.58 3.62
N TYR D 180 25.95 -0.46 4.73
CA TYR D 180 26.10 -1.39 5.83
C TYR D 180 25.01 -2.44 5.90
N LEU D 181 23.88 -2.23 5.23
CA LEU D 181 22.83 -3.22 5.22
C LEU D 181 23.28 -4.48 4.49
N GLN D 182 22.82 -5.63 4.96
CA GLN D 182 23.04 -6.85 4.22
C GLN D 182 22.22 -6.84 2.94
N ASP D 183 22.54 -7.74 2.02
CA ASP D 183 21.80 -7.84 0.79
C ASP D 183 20.40 -8.36 1.07
N GLY D 184 19.43 -7.81 0.36
CA GLY D 184 18.07 -8.33 0.40
C GLY D 184 17.02 -7.38 0.91
N ILE D 185 17.34 -6.42 1.76
CA ILE D 185 16.31 -5.55 2.32
C ILE D 185 15.67 -4.65 1.27
N GLU D 186 16.22 -4.60 0.06
CA GLU D 186 15.60 -3.89 -1.03
C GLU D 186 14.65 -4.76 -1.83
N ARG D 187 14.68 -6.07 -1.62
CA ARG D 187 13.80 -6.97 -2.36
C ARG D 187 12.50 -7.19 -1.63
N SER D 188 12.51 -7.05 -0.31
CA SER D 188 11.29 -7.22 0.46
C SER D 188 10.32 -6.07 0.27
N LEU D 189 10.80 -4.84 0.39
CA LEU D 189 9.94 -3.68 0.27
C LEU D 189 9.74 -3.22 -1.17
N GLY D 190 10.58 -3.68 -2.09
CA GLY D 190 10.44 -3.26 -3.46
C GLY D 190 10.89 -1.84 -3.72
N VAL D 191 12.14 -1.54 -3.38
CA VAL D 191 12.73 -0.23 -3.67
C VAL D 191 14.08 -0.49 -4.30
N GLN D 192 14.31 0.06 -5.49
CA GLN D 192 15.57 -0.13 -6.18
C GLN D 192 16.71 0.43 -5.35
N ARG D 193 17.75 -0.35 -5.15
CA ARG D 193 18.86 0.03 -4.30
C ARG D 193 20.09 0.32 -5.12
N VAL D 194 20.66 1.51 -4.93
CA VAL D 194 21.90 1.86 -5.60
C VAL D 194 23.04 1.70 -4.63
N TYR D 195 24.27 1.59 -5.13
CA TYR D 195 25.37 1.15 -4.29
C TYR D 195 26.40 2.24 -4.00
N THR D 196 26.38 3.36 -4.70
CA THR D 196 27.37 4.40 -4.47
C THR D 196 26.68 5.75 -4.44
N LEU D 197 27.23 6.66 -3.63
CA LEU D 197 26.56 7.94 -3.37
C LEU D 197 26.35 8.73 -4.65
N GLN D 198 27.31 8.66 -5.59
CA GLN D 198 27.08 9.31 -6.87
C GLN D 198 25.86 8.73 -7.57
N ASP D 199 25.65 7.43 -7.48
CA ASP D 199 24.54 6.78 -8.15
C ASP D 199 23.20 7.05 -7.47
N LEU D 200 23.21 7.52 -6.23
CA LEU D 200 21.98 7.99 -5.62
C LEU D 200 21.73 9.47 -5.87
N LEU D 201 22.78 10.29 -5.89
CA LEU D 201 22.61 11.71 -6.12
C LEU D 201 22.33 12.05 -7.57
N TYR D 202 22.75 11.23 -8.53
CA TYR D 202 22.42 11.54 -9.91
C TYR D 202 20.93 11.43 -10.17
N GLN D 203 20.31 10.33 -9.74
CA GLN D 203 18.91 10.05 -10.01
C GLN D 203 18.09 10.24 -8.74
N SER D 204 17.77 11.49 -8.43
CA SER D 204 16.97 11.77 -7.26
C SER D 204 16.48 13.20 -7.32
N ASP D 205 15.18 13.39 -7.13
CA ASP D 205 14.60 14.72 -7.00
C ASP D 205 14.44 15.13 -5.55
N CYS D 206 14.60 14.20 -4.62
CA CYS D 206 14.78 14.54 -3.21
C CYS D 206 15.84 13.64 -2.62
N VAL D 207 16.79 14.20 -1.91
CA VAL D 207 17.81 13.37 -1.30
C VAL D 207 17.68 13.51 0.21
N SER D 208 16.86 12.67 0.82
CA SER D 208 16.57 12.86 2.24
C SER D 208 17.48 11.96 3.06
N LEU D 209 18.24 12.56 3.96
CA LEU D 209 19.20 11.83 4.78
C LEU D 209 18.51 11.11 5.91
N HIS D 210 18.94 9.88 6.17
CA HIS D 210 18.42 9.11 7.30
C HIS D 210 19.48 8.24 7.94
N CYS D 211 20.73 8.65 7.88
CA CYS D 211 21.82 7.86 8.42
C CYS D 211 22.26 8.39 9.76
N ASN D 212 22.71 7.50 10.64
CA ASN D 212 23.24 7.93 11.93
C ASN D 212 24.62 8.51 11.73
N LEU D 213 24.89 9.63 12.38
CA LEU D 213 26.16 10.31 12.16
C LEU D 213 27.27 9.59 12.90
N ASN D 214 28.01 8.72 12.21
CA ASN D 214 29.17 8.10 12.82
C ASN D 214 30.44 8.80 12.39
N GLU D 215 31.59 8.19 12.66
CA GLU D 215 32.88 8.80 12.37
C GLU D 215 33.19 8.93 10.89
N HIS D 216 32.53 8.16 10.02
CA HIS D 216 32.94 8.04 8.63
C HIS D 216 31.98 8.71 7.66
N ASN D 217 31.05 9.52 8.16
CA ASN D 217 30.19 10.28 7.26
C ASN D 217 29.92 11.68 7.75
N HIS D 218 30.74 12.21 8.65
CA HIS D 218 30.62 13.60 9.06
C HIS D 218 30.74 14.50 7.85
N HIS D 219 29.81 15.43 7.71
CA HIS D 219 29.69 16.27 6.52
C HIS D 219 29.65 15.41 5.26
N LEU D 220 28.63 14.57 5.20
CA LEU D 220 28.41 13.69 4.06
C LEU D 220 28.12 14.50 2.81
N ILE D 221 27.08 15.32 2.86
CA ILE D 221 26.76 16.19 1.72
C ILE D 221 27.52 17.50 1.87
N ASN D 222 28.75 17.54 1.38
CA ASN D 222 29.54 18.76 1.35
C ASN D 222 29.46 19.36 -0.05
N ASP D 223 30.33 20.32 -0.36
CA ASP D 223 30.27 20.98 -1.65
C ASP D 223 30.49 20.00 -2.79
N PHE D 224 31.43 19.08 -2.61
CA PHE D 224 31.74 18.10 -3.65
C PHE D 224 30.51 17.27 -3.99
N THR D 225 29.84 16.72 -2.99
CA THR D 225 28.67 15.89 -3.27
C THR D 225 27.52 16.70 -3.83
N ILE D 226 27.26 17.88 -3.28
CA ILE D 226 26.23 18.74 -3.84
C ILE D 226 26.46 19.03 -5.30
N LYS D 227 27.71 19.17 -5.72
CA LYS D 227 27.99 19.36 -7.13
C LYS D 227 27.59 18.16 -7.97
N GLN D 228 27.36 17.00 -7.35
CA GLN D 228 26.88 15.83 -8.07
C GLN D 228 25.37 15.73 -8.10
N MET D 229 24.67 16.41 -7.19
CA MET D 229 23.23 16.31 -7.12
C MET D 229 22.59 16.82 -8.40
N ARG D 230 21.42 16.30 -8.72
CA ARG D 230 20.74 16.70 -9.93
C ARG D 230 20.44 18.18 -9.89
N GLN D 231 20.32 18.80 -11.07
CA GLN D 231 20.05 20.22 -11.14
C GLN D 231 18.65 20.53 -10.64
N GLY D 232 18.55 21.08 -9.43
CA GLY D 232 17.26 21.43 -8.90
C GLY D 232 16.56 20.29 -8.22
N ALA D 233 17.21 19.68 -7.24
CA ALA D 233 16.62 18.61 -6.46
C ALA D 233 16.58 19.03 -5.00
N PHE D 234 15.45 18.81 -4.36
CA PHE D 234 15.26 19.22 -2.98
C PHE D 234 16.22 18.44 -2.09
N LEU D 235 16.19 18.72 -0.80
CA LEU D 235 17.07 18.05 0.14
C LEU D 235 16.48 18.08 1.54
N VAL D 236 15.98 16.96 2.02
CA VAL D 236 15.29 16.97 3.31
C VAL D 236 16.10 16.26 4.38
N ASN D 237 16.83 17.01 5.18
CA ASN D 237 17.64 16.43 6.25
C ASN D 237 16.79 16.36 7.51
N ALA D 238 16.47 15.14 7.94
CA ALA D 238 15.81 14.92 9.21
C ALA D 238 16.56 13.86 10.00
N ALA D 239 17.86 14.05 10.15
CA ALA D 239 18.78 13.10 10.76
C ALA D 239 19.68 13.90 11.68
N ARG D 240 20.84 13.41 12.07
CA ARG D 240 21.71 14.22 12.90
C ARG D 240 22.25 15.39 12.10
N GLY D 241 22.65 16.44 12.82
CA GLY D 241 22.85 17.72 12.19
C GLY D 241 24.15 17.84 11.42
N GLY D 242 25.24 17.34 11.98
CA GLY D 242 26.54 17.57 11.37
C GLY D 242 26.73 16.75 10.12
N LEU D 243 25.63 16.30 9.54
CA LEU D 243 25.64 15.37 8.42
C LEU D 243 25.77 16.10 7.10
N VAL D 244 25.15 17.25 7.00
CA VAL D 244 25.18 18.04 5.77
C VAL D 244 25.92 19.34 6.03
N ASP D 245 26.76 19.75 5.08
CA ASP D 245 27.46 21.02 5.18
C ASP D 245 26.48 22.17 5.31
N GLU D 246 26.89 23.21 6.02
CA GLU D 246 26.08 24.42 6.10
C GLU D 246 26.44 25.37 4.97
N LYS D 247 27.71 25.77 4.92
CA LYS D 247 28.13 26.78 3.96
C LYS D 247 27.89 26.32 2.53
N ALA D 248 28.22 25.06 2.24
CA ALA D 248 28.05 24.54 0.88
C ALA D 248 26.59 24.51 0.48
N LEU D 249 25.72 24.08 1.39
CA LEU D 249 24.30 24.06 1.07
C LEU D 249 23.76 25.46 0.88
N ALA D 250 24.20 26.41 1.70
CA ALA D 250 23.76 27.80 1.52
C ALA D 250 24.20 28.32 0.17
N GLN D 251 25.41 27.98 -0.24
CA GLN D 251 25.89 28.37 -1.56
C GLN D 251 24.99 27.79 -2.64
N ALA D 252 24.69 26.50 -2.53
CA ALA D 252 23.89 25.84 -3.55
C ALA D 252 22.48 26.40 -3.60
N LEU D 253 21.96 26.84 -2.45
CA LEU D 253 20.67 27.50 -2.45
C LEU D 253 20.73 28.84 -3.16
N LYS D 254 21.60 29.73 -2.68
CA LYS D 254 21.67 31.08 -3.24
C LYS D 254 22.02 31.04 -4.73
N GLU D 255 22.61 29.93 -5.18
CA GLU D 255 23.04 29.82 -6.57
C GLU D 255 21.91 29.31 -7.44
N GLY D 256 21.30 28.20 -7.06
CA GLY D 256 20.20 27.64 -7.82
C GLY D 256 20.28 26.14 -7.97
N ARG D 257 21.38 25.54 -7.53
CA ARG D 257 21.57 24.11 -7.69
C ARG D 257 20.61 23.28 -6.86
N ILE D 258 20.02 23.87 -5.81
CA ILE D 258 19.08 23.18 -4.94
C ILE D 258 17.79 23.98 -4.91
N ARG D 259 16.68 23.36 -5.30
CA ARG D 259 15.42 24.06 -5.45
C ARG D 259 14.66 24.13 -4.14
N GLY D 260 15.35 23.97 -3.03
CA GLY D 260 14.71 24.00 -1.73
C GLY D 260 15.33 22.96 -0.83
N ALA D 261 15.25 23.20 0.46
CA ALA D 261 15.84 22.27 1.41
C ALA D 261 15.16 22.49 2.75
N ALA D 262 14.52 21.45 3.26
CA ALA D 262 13.85 21.51 4.56
C ALA D 262 14.73 20.75 5.54
N LEU D 263 15.50 21.48 6.33
CA LEU D 263 16.38 20.90 7.33
C LEU D 263 15.66 20.87 8.65
N ASP D 264 15.63 19.69 9.28
CA ASP D 264 15.06 19.54 10.60
C ASP D 264 16.11 19.57 11.69
N VAL D 265 17.38 19.64 11.29
CA VAL D 265 18.47 19.76 12.24
C VAL D 265 19.49 20.69 11.63
N HIS D 266 20.44 21.14 12.43
CA HIS D 266 21.44 22.05 11.93
C HIS D 266 22.77 21.78 12.62
N GLU D 267 23.83 22.36 12.06
CA GLU D 267 25.16 22.13 12.62
C GLU D 267 25.27 22.65 14.03
N SER D 268 24.58 23.75 14.34
CA SER D 268 24.68 24.37 15.65
C SER D 268 23.27 24.65 16.16
N GLU D 269 22.85 23.93 17.16
CA GLU D 269 21.56 24.14 17.77
C GLU D 269 21.74 24.83 19.11
N PRO D 270 20.81 25.69 19.54
CA PRO D 270 19.52 26.04 18.95
C PRO D 270 19.66 26.86 17.70
N PHE D 271 18.97 26.45 16.64
CA PHE D 271 19.08 27.15 15.38
C PHE D 271 18.21 28.39 15.35
N SER D 272 18.84 29.55 15.29
CA SER D 272 18.15 30.81 15.09
C SER D 272 18.23 31.17 13.62
N PHE D 273 17.24 31.91 13.14
CA PHE D 273 17.09 32.05 11.70
C PHE D 273 17.86 33.26 11.21
N ALA D 274 18.52 33.97 12.13
CA ALA D 274 19.16 35.23 11.78
C ALA D 274 20.67 35.17 11.99
N GLN D 275 21.12 34.23 12.81
CA GLN D 275 22.54 34.01 13.05
C GLN D 275 22.91 32.62 12.56
N GLY D 276 23.75 32.55 11.53
CA GLY D 276 24.18 31.27 11.03
C GLY D 276 24.66 31.33 9.59
N PRO D 277 25.17 30.20 9.09
CA PRO D 277 25.61 30.18 7.69
C PRO D 277 24.46 30.27 6.71
N LEU D 278 23.26 29.92 7.15
CA LEU D 278 22.05 30.02 6.33
C LEU D 278 21.33 31.33 6.58
N LYS D 279 22.09 32.39 6.90
CA LYS D 279 21.51 33.66 7.28
C LYS D 279 20.54 34.18 6.22
N ASP D 280 20.99 34.19 4.97
CA ASP D 280 20.21 34.78 3.88
C ASP D 280 19.96 33.81 2.74
N ALA D 281 19.81 32.54 3.04
CA ALA D 281 19.54 31.56 1.99
C ALA D 281 18.05 31.53 1.69
N PRO D 282 17.66 31.48 0.43
CA PRO D 282 16.24 31.38 0.10
C PRO D 282 15.81 29.92 0.03
N ASN D 283 14.51 29.70 0.12
CA ASN D 283 13.91 28.38 -0.01
C ASN D 283 14.46 27.43 1.07
N LEU D 284 14.20 27.78 2.32
CA LEU D 284 14.43 26.86 3.42
C LEU D 284 13.18 26.71 4.26
N ILE D 285 12.90 25.49 4.65
CA ILE D 285 12.05 25.19 5.78
C ILE D 285 13.00 24.83 6.91
N CYS D 286 12.56 25.02 8.14
CA CYS D 286 13.36 24.58 9.26
C CYS D 286 12.43 24.31 10.43
N THR D 287 12.83 23.36 11.24
CA THR D 287 12.07 23.06 12.44
C THR D 287 13.06 22.88 13.57
N PRO D 288 12.73 23.29 14.75
CA PRO D 288 13.71 23.27 15.82
C PRO D 288 14.01 21.89 16.38
N HIS D 289 14.52 20.98 15.55
CA HIS D 289 14.83 19.62 16.00
C HIS D 289 13.60 18.92 16.55
N THR D 290 12.47 19.11 15.89
CA THR D 290 11.22 18.51 16.31
C THR D 290 10.66 17.67 15.18
N ALA D 291 11.06 16.41 15.14
CA ALA D 291 10.35 15.41 14.35
C ALA D 291 10.27 14.17 15.19
N TRP D 292 10.74 14.27 16.42
CA TRP D 292 10.65 13.15 17.33
C TRP D 292 9.59 13.35 18.38
N TYR D 293 8.91 14.49 18.40
CA TYR D 293 8.06 14.83 19.52
C TYR D 293 6.61 14.48 19.21
N SER D 294 5.88 14.13 20.26
CA SER D 294 4.45 13.92 20.23
C SER D 294 3.93 14.13 21.64
N GLU D 295 2.67 13.78 21.86
CA GLU D 295 2.18 13.59 23.21
C GLU D 295 2.35 12.15 23.65
N GLN D 296 2.79 11.29 22.75
N GLN D 296 2.80 11.29 22.76
CA GLN D 296 3.02 9.87 23.04
CA GLN D 296 3.02 9.87 23.03
C GLN D 296 4.45 9.44 22.76
C GLN D 296 4.44 9.44 22.76
N ALA D 297 5.12 10.06 21.79
CA ALA D 297 6.51 9.72 21.52
C ALA D 297 7.37 10.00 22.72
N SER D 298 7.04 11.03 23.49
CA SER D 298 7.73 11.31 24.73
C SER D 298 7.40 10.31 25.84
N LEU D 299 6.14 9.99 26.06
CA LEU D 299 5.81 9.04 27.11
C LEU D 299 6.23 7.62 26.76
N GLU D 300 6.62 7.40 25.51
CA GLU D 300 7.10 6.06 25.20
C GLU D 300 8.61 5.97 25.36
N MET D 301 9.33 7.06 25.13
CA MET D 301 10.78 6.97 25.23
C MET D 301 11.25 7.29 26.65
N ARG D 302 10.56 8.18 27.35
CA ARG D 302 10.93 8.47 28.72
C ARG D 302 10.70 7.26 29.62
N GLU D 303 9.52 6.64 29.49
CA GLU D 303 9.27 5.40 30.23
C GLU D 303 10.27 4.32 29.85
N ALA D 304 10.62 4.23 28.57
CA ALA D 304 11.57 3.22 28.15
C ALA D 304 12.95 3.45 28.72
N ALA D 305 13.37 4.70 28.85
CA ALA D 305 14.64 5.00 29.51
C ALA D 305 14.59 4.70 31.00
N ALA D 306 13.51 5.08 31.66
CA ALA D 306 13.35 4.72 33.06
C ALA D 306 13.36 3.21 33.27
N THR D 307 12.88 2.44 32.30
CA THR D 307 12.95 1.00 32.39
C THR D 307 14.34 0.46 32.06
N GLU D 308 15.05 1.11 31.16
CA GLU D 308 16.43 0.73 30.89
C GLU D 308 17.34 0.98 32.08
N ILE D 309 17.05 1.98 32.90
CA ILE D 309 17.91 2.23 34.04
C ILE D 309 17.46 1.34 35.21
N ARG D 310 16.39 0.57 35.02
CA ARG D 310 16.10 -0.44 36.01
C ARG D 310 16.72 -1.75 35.58
N ARG D 311 16.58 -2.10 34.31
CA ARG D 311 17.24 -3.29 33.79
C ARG D 311 18.75 -3.22 33.94
N ALA D 312 19.29 -2.02 34.13
CA ALA D 312 20.73 -1.88 34.33
C ALA D 312 21.09 -1.58 35.77
N ILE D 313 20.16 -1.72 36.72
CA ILE D 313 20.46 -1.45 38.11
C ILE D 313 20.14 -2.66 38.99
N THR D 314 19.47 -3.66 38.44
CA THR D 314 19.21 -4.90 39.16
C THR D 314 19.95 -6.04 38.46
N GLY D 315 20.19 -5.88 37.17
CA GLY D 315 20.83 -6.93 36.41
C GLY D 315 22.25 -6.55 36.07
N ARG D 316 23.06 -7.52 35.67
CA ARG D 316 24.45 -7.23 35.38
C ARG D 316 24.58 -6.37 34.13
N ILE D 317 25.78 -5.89 33.86
CA ILE D 317 26.07 -4.94 32.77
C ILE D 317 25.91 -5.68 31.43
N PRO D 318 26.30 -5.07 30.28
CA PRO D 318 25.42 -5.05 29.10
C PRO D 318 24.76 -6.35 28.72
N GLU D 319 25.19 -7.47 29.29
CA GLU D 319 24.52 -8.75 29.05
C GLU D 319 23.22 -8.88 29.82
N SER D 320 22.75 -7.81 30.45
CA SER D 320 21.38 -7.76 30.95
C SER D 320 20.74 -6.42 30.59
N LEU D 321 21.30 -5.74 29.61
CA LEU D 321 20.67 -4.55 29.04
C LEU D 321 19.91 -4.97 27.80
N ARG D 322 19.14 -4.06 27.21
CA ARG D 322 18.34 -4.47 26.08
C ARG D 322 18.84 -3.83 24.79
N ASN D 323 18.86 -2.51 24.75
CA ASN D 323 19.43 -1.78 23.62
C ASN D 323 20.79 -1.22 24.01
N CYS D 324 21.78 -2.08 24.14
CA CYS D 324 23.12 -1.58 24.36
C CYS D 324 23.76 -1.28 23.01
N VAL D 325 24.61 -0.26 22.99
CA VAL D 325 25.06 0.23 21.69
C VAL D 325 26.58 0.27 21.67
N ASN D 326 27.22 -0.23 22.71
CA ASN D 326 28.65 -0.53 22.65
C ASN D 326 28.86 -1.83 23.41
N LYS D 327 28.83 -2.94 22.69
CA LYS D 327 29.28 -4.19 23.27
C LYS D 327 30.79 -4.23 23.42
N GLU D 328 31.49 -3.24 22.87
CA GLU D 328 32.94 -3.22 22.93
C GLU D 328 33.44 -2.75 24.29
N PHE D 329 33.46 -3.68 25.25
CA PHE D 329 34.10 -3.44 26.54
C PHE D 329 35.41 -4.20 26.64
N PHE D 330 35.35 -5.50 26.41
CA PHE D 330 36.52 -6.37 26.48
C PHE D 330 36.45 -7.45 25.40
#